data_5HRV
# 
_entry.id   5HRV 
# 
_audit_conform.dict_name       mmcif_pdbx.dic 
_audit_conform.dict_version    5.383 
_audit_conform.dict_location   http://mmcif.pdb.org/dictionaries/ascii/mmcif_pdbx.dic 
# 
loop_
_database_2.database_id 
_database_2.database_code 
_database_2.pdbx_database_accession 
_database_2.pdbx_DOI 
PDB   5HRV         pdb_00005hrv 10.2210/pdb5hrv/pdb 
WWPDB D_1000217627 ?            ?                   
# 
loop_
_pdbx_audit_revision_history.ordinal 
_pdbx_audit_revision_history.data_content_type 
_pdbx_audit_revision_history.major_revision 
_pdbx_audit_revision_history.minor_revision 
_pdbx_audit_revision_history.revision_date 
1 'Structure model' 1 0 2016-10-12 
2 'Structure model' 1 1 2016-10-26 
3 'Structure model' 1 2 2024-01-10 
# 
_pdbx_audit_revision_details.ordinal             1 
_pdbx_audit_revision_details.revision_ordinal    1 
_pdbx_audit_revision_details.data_content_type   'Structure model' 
_pdbx_audit_revision_details.provider            repository 
_pdbx_audit_revision_details.type                'Initial release' 
_pdbx_audit_revision_details.description         ? 
_pdbx_audit_revision_details.details             ? 
# 
loop_
_pdbx_audit_revision_group.ordinal 
_pdbx_audit_revision_group.revision_ordinal 
_pdbx_audit_revision_group.data_content_type 
_pdbx_audit_revision_group.group 
1 2 'Structure model' 'Database references'    
2 3 'Structure model' 'Data collection'        
3 3 'Structure model' 'Database references'    
4 3 'Structure model' 'Refinement description' 
# 
loop_
_pdbx_audit_revision_category.ordinal 
_pdbx_audit_revision_category.revision_ordinal 
_pdbx_audit_revision_category.data_content_type 
_pdbx_audit_revision_category.category 
1 3 'Structure model' chem_comp_atom                
2 3 'Structure model' chem_comp_bond                
3 3 'Structure model' database_2                    
4 3 'Structure model' pdbx_initial_refinement_model 
# 
loop_
_pdbx_audit_revision_item.ordinal 
_pdbx_audit_revision_item.revision_ordinal 
_pdbx_audit_revision_item.data_content_type 
_pdbx_audit_revision_item.item 
1 3 'Structure model' '_database_2.pdbx_DOI'                
2 3 'Structure model' '_database_2.pdbx_database_accession' 
# 
_pdbx_database_status.status_code                     REL 
_pdbx_database_status.status_code_sf                  REL 
_pdbx_database_status.status_code_mr                  ? 
_pdbx_database_status.entry_id                        5HRV 
_pdbx_database_status.recvd_initial_deposition_date   2016-01-24 
_pdbx_database_status.SG_entry                        Y 
_pdbx_database_status.deposit_site                    RCSB 
_pdbx_database_status.process_site                    PDBE 
_pdbx_database_status.status_code_cs                  ? 
_pdbx_database_status.methods_development_category    ? 
_pdbx_database_status.pdb_format_compatible           Y 
_pdbx_database_status.status_code_nmr_data            ? 
# 
loop_
_audit_author.name 
_audit_author.pdbx_ordinal 
'Tallant, C.'         1  
'Myrianthopoulos, V.' 2  
'Gaboriaud-Kolar, N.' 3  
'Newman, J.A.'        4  
'Picaud, S.'          5  
'von Delft, F.'       6  
'Arrowsmith, C.H.'    7  
'Edwards, A.M.'       8  
'Bountra, C.'         9  
'Mikros, E.'          10 
'Knapp, S.'           11 
# 
_citation.abstract                  ? 
_citation.abstract_id_CAS           ? 
_citation.book_id_ISBN              ? 
_citation.book_publisher            ? 
_citation.book_publisher_city       ? 
_citation.book_title                ? 
_citation.coordinate_linkage        ? 
_citation.country                   US 
_citation.database_id_Medline       ? 
_citation.details                   ? 
_citation.id                        primary 
_citation.journal_abbrev            J.Med.Chem. 
_citation.journal_id_ASTM           JMCMAR 
_citation.journal_id_CSD            0151 
_citation.journal_id_ISSN           0022-2623 
_citation.journal_full              ? 
_citation.journal_issue             ? 
_citation.journal_volume            59 
_citation.language                  ? 
_citation.page_first                8787 
_citation.page_last                 8803 
_citation.title                     
;Discovery and Optimization of a Selective Ligand for the Switch/Sucrose Nonfermenting-Related Bromodomains of Polybromo Protein-1 by the Use of Virtual Screening and Hydration Analysis.
;
_citation.year                      2016 
_citation.database_id_CSD           ? 
_citation.pdbx_database_id_DOI      10.1021/acs.jmedchem.6b00355 
_citation.pdbx_database_id_PubMed   27617704 
_citation.unpublished_flag          ? 
# 
loop_
_citation_author.citation_id 
_citation_author.name 
_citation_author.ordinal 
_citation_author.identifier_ORCID 
primary 'Myrianthopoulos, V.' 1  ? 
primary 'Gaboriaud-Kolar, N.' 2  ? 
primary 'Tallant, C.'         3  ? 
primary 'Hall, M.L.'          4  ? 
primary 'Grigoriou, S.'       5  ? 
primary 'Brownlee, P.M.'      6  ? 
primary 'Fedorov, O.'         7  ? 
primary 'Rogers, C.'          8  ? 
primary 'Heidenreich, D.'     9  ? 
primary 'Wanior, M.'          10 ? 
primary 'Drosos, N.'          11 ? 
primary 'Mexia, N.'           12 ? 
primary 'Savitsky, P.'        13 ? 
primary 'Bagratuni, T.'       14 ? 
primary 'Kastritis, E.'       15 ? 
primary 'Terpos, E.'          16 ? 
primary 'Filippakopoulos, P.' 17 ? 
primary 'Muller, S.'          18 ? 
primary 'Skaltsounis, A.L.'   19 ? 
primary 'Downs, J.A.'         20 ? 
primary 'Knapp, S.'           21 ? 
primary 'Mikros, E.'          22 ? 
# 
loop_
_entity.id 
_entity.type 
_entity.src_method 
_entity.pdbx_description 
_entity.formula_weight 
_entity.pdbx_number_of_molecules 
_entity.pdbx_ec 
_entity.pdbx_mutation 
_entity.pdbx_fragment 
_entity.details 
1 polymer     man 'Protein polybromo-1'                        14648.000 1  ? ? 'UNP Residues 613-734' ? 
2 non-polymer syn '1-ethylisochromeno[3,4-c]pyrazol-5(3H)-one' 214.220   1  ? ? ?                      ? 
3 non-polymer syn 1,2-ETHANEDIOL                               62.068    1  ? ? ?                      ? 
4 water       nat water                                        18.015    99 ? ? ?                      ? 
# 
_entity_name_com.entity_id   1 
_entity_name_com.name        'hPB1,BRG1-associated factor 180,BAF180,Polybromo-1D,PB1 fifth bromodomain' 
# 
_entity_poly.entity_id                      1 
_entity_poly.type                           'polypeptide(L)' 
_entity_poly.nstd_linkage                   no 
_entity_poly.nstd_monomer                   no 
_entity_poly.pdbx_seq_one_letter_code       
;SMSGISPKKSKYMTPMQQKLNEVYEAVKNYTDKRGRRLSAIFLRLPSRSELPDYYLTIKKPMDMEKIRSHMMANKYQDID
SMVEDFVMMFNNACTYNEPESLIYKDALVLHKVLLETRRDLEGD
;
_entity_poly.pdbx_seq_one_letter_code_can   
;SMSGISPKKSKYMTPMQQKLNEVYEAVKNYTDKRGRRLSAIFLRLPSRSELPDYYLTIKKPMDMEKIRSHMMANKYQDID
SMVEDFVMMFNNACTYNEPESLIYKDALVLHKVLLETRRDLEGD
;
_entity_poly.pdbx_strand_id                 A 
_entity_poly.pdbx_target_identifier         ? 
# 
loop_
_pdbx_entity_nonpoly.entity_id 
_pdbx_entity_nonpoly.name 
_pdbx_entity_nonpoly.comp_id 
2 '1-ethylisochromeno[3,4-c]pyrazol-5(3H)-one' 64C 
3 1,2-ETHANEDIOL                               EDO 
4 water                                        HOH 
# 
loop_
_entity_poly_seq.entity_id 
_entity_poly_seq.num 
_entity_poly_seq.mon_id 
_entity_poly_seq.hetero 
1 1   SER n 
1 2   MET n 
1 3   SER n 
1 4   GLY n 
1 5   ILE n 
1 6   SER n 
1 7   PRO n 
1 8   LYS n 
1 9   LYS n 
1 10  SER n 
1 11  LYS n 
1 12  TYR n 
1 13  MET n 
1 14  THR n 
1 15  PRO n 
1 16  MET n 
1 17  GLN n 
1 18  GLN n 
1 19  LYS n 
1 20  LEU n 
1 21  ASN n 
1 22  GLU n 
1 23  VAL n 
1 24  TYR n 
1 25  GLU n 
1 26  ALA n 
1 27  VAL n 
1 28  LYS n 
1 29  ASN n 
1 30  TYR n 
1 31  THR n 
1 32  ASP n 
1 33  LYS n 
1 34  ARG n 
1 35  GLY n 
1 36  ARG n 
1 37  ARG n 
1 38  LEU n 
1 39  SER n 
1 40  ALA n 
1 41  ILE n 
1 42  PHE n 
1 43  LEU n 
1 44  ARG n 
1 45  LEU n 
1 46  PRO n 
1 47  SER n 
1 48  ARG n 
1 49  SER n 
1 50  GLU n 
1 51  LEU n 
1 52  PRO n 
1 53  ASP n 
1 54  TYR n 
1 55  TYR n 
1 56  LEU n 
1 57  THR n 
1 58  ILE n 
1 59  LYS n 
1 60  LYS n 
1 61  PRO n 
1 62  MET n 
1 63  ASP n 
1 64  MET n 
1 65  GLU n 
1 66  LYS n 
1 67  ILE n 
1 68  ARG n 
1 69  SER n 
1 70  HIS n 
1 71  MET n 
1 72  MET n 
1 73  ALA n 
1 74  ASN n 
1 75  LYS n 
1 76  TYR n 
1 77  GLN n 
1 78  ASP n 
1 79  ILE n 
1 80  ASP n 
1 81  SER n 
1 82  MET n 
1 83  VAL n 
1 84  GLU n 
1 85  ASP n 
1 86  PHE n 
1 87  VAL n 
1 88  MET n 
1 89  MET n 
1 90  PHE n 
1 91  ASN n 
1 92  ASN n 
1 93  ALA n 
1 94  CYS n 
1 95  THR n 
1 96  TYR n 
1 97  ASN n 
1 98  GLU n 
1 99  PRO n 
1 100 GLU n 
1 101 SER n 
1 102 LEU n 
1 103 ILE n 
1 104 TYR n 
1 105 LYS n 
1 106 ASP n 
1 107 ALA n 
1 108 LEU n 
1 109 VAL n 
1 110 LEU n 
1 111 HIS n 
1 112 LYS n 
1 113 VAL n 
1 114 LEU n 
1 115 LEU n 
1 116 GLU n 
1 117 THR n 
1 118 ARG n 
1 119 ARG n 
1 120 ASP n 
1 121 LEU n 
1 122 GLU n 
1 123 GLY n 
1 124 ASP n 
# 
_entity_src_gen.entity_id                          1 
_entity_src_gen.pdbx_src_id                        1 
_entity_src_gen.pdbx_alt_source_flag               sample 
_entity_src_gen.pdbx_seq_type                      'Biological sequence' 
_entity_src_gen.pdbx_beg_seq_num                   1 
_entity_src_gen.pdbx_end_seq_num                   124 
_entity_src_gen.gene_src_common_name               Human 
_entity_src_gen.gene_src_genus                     ? 
_entity_src_gen.pdbx_gene_src_gene                 'PBRM1, BAF180, PB1' 
_entity_src_gen.gene_src_species                   ? 
_entity_src_gen.gene_src_strain                    ? 
_entity_src_gen.gene_src_tissue                    ? 
_entity_src_gen.gene_src_tissue_fraction           ? 
_entity_src_gen.gene_src_details                   ? 
_entity_src_gen.pdbx_gene_src_fragment             ? 
_entity_src_gen.pdbx_gene_src_scientific_name      'Homo sapiens' 
_entity_src_gen.pdbx_gene_src_ncbi_taxonomy_id     9606 
_entity_src_gen.pdbx_gene_src_variant              ? 
_entity_src_gen.pdbx_gene_src_cell_line            ? 
_entity_src_gen.pdbx_gene_src_atcc                 ? 
_entity_src_gen.pdbx_gene_src_organ                ? 
_entity_src_gen.pdbx_gene_src_organelle            ? 
_entity_src_gen.pdbx_gene_src_cell                 ? 
_entity_src_gen.pdbx_gene_src_cellular_location    ? 
_entity_src_gen.host_org_common_name               ? 
_entity_src_gen.pdbx_host_org_scientific_name      'Escherichia coli' 
_entity_src_gen.pdbx_host_org_ncbi_taxonomy_id     562 
_entity_src_gen.host_org_genus                     ? 
_entity_src_gen.pdbx_host_org_gene                 ? 
_entity_src_gen.pdbx_host_org_organ                ? 
_entity_src_gen.host_org_species                   ? 
_entity_src_gen.pdbx_host_org_tissue               ? 
_entity_src_gen.pdbx_host_org_tissue_fraction      ? 
_entity_src_gen.pdbx_host_org_strain               ? 
_entity_src_gen.pdbx_host_org_variant              ? 
_entity_src_gen.pdbx_host_org_cell_line            ? 
_entity_src_gen.pdbx_host_org_atcc                 ? 
_entity_src_gen.pdbx_host_org_culture_collection   ? 
_entity_src_gen.pdbx_host_org_cell                 ? 
_entity_src_gen.pdbx_host_org_organelle            ? 
_entity_src_gen.pdbx_host_org_cellular_location    ? 
_entity_src_gen.pdbx_host_org_vector_type          Plasmid 
_entity_src_gen.pdbx_host_org_vector               ? 
_entity_src_gen.host_org_details                   ? 
_entity_src_gen.expression_system_id               ? 
_entity_src_gen.plasmid_name                       pNIC28-Bsa4 
_entity_src_gen.plasmid_details                    ? 
_entity_src_gen.pdbx_description                   ? 
# 
loop_
_chem_comp.id 
_chem_comp.type 
_chem_comp.mon_nstd_flag 
_chem_comp.name 
_chem_comp.pdbx_synonyms 
_chem_comp.formula 
_chem_comp.formula_weight 
64C non-polymer         . '1-ethylisochromeno[3,4-c]pyrazol-5(3H)-one' ?                 'C12 H10 N2 O2'  214.220 
ALA 'L-peptide linking' y ALANINE                                      ?                 'C3 H7 N O2'     89.093  
ARG 'L-peptide linking' y ARGININE                                     ?                 'C6 H15 N4 O2 1' 175.209 
ASN 'L-peptide linking' y ASPARAGINE                                   ?                 'C4 H8 N2 O3'    132.118 
ASP 'L-peptide linking' y 'ASPARTIC ACID'                              ?                 'C4 H7 N O4'     133.103 
CYS 'L-peptide linking' y CYSTEINE                                     ?                 'C3 H7 N O2 S'   121.158 
EDO non-polymer         . 1,2-ETHANEDIOL                               'ETHYLENE GLYCOL' 'C2 H6 O2'       62.068  
GLN 'L-peptide linking' y GLUTAMINE                                    ?                 'C5 H10 N2 O3'   146.144 
GLU 'L-peptide linking' y 'GLUTAMIC ACID'                              ?                 'C5 H9 N O4'     147.129 
GLY 'peptide linking'   y GLYCINE                                      ?                 'C2 H5 N O2'     75.067  
HIS 'L-peptide linking' y HISTIDINE                                    ?                 'C6 H10 N3 O2 1' 156.162 
HOH non-polymer         . WATER                                        ?                 'H2 O'           18.015  
ILE 'L-peptide linking' y ISOLEUCINE                                   ?                 'C6 H13 N O2'    131.173 
LEU 'L-peptide linking' y LEUCINE                                      ?                 'C6 H13 N O2'    131.173 
LYS 'L-peptide linking' y LYSINE                                       ?                 'C6 H15 N2 O2 1' 147.195 
MET 'L-peptide linking' y METHIONINE                                   ?                 'C5 H11 N O2 S'  149.211 
PHE 'L-peptide linking' y PHENYLALANINE                                ?                 'C9 H11 N O2'    165.189 
PRO 'L-peptide linking' y PROLINE                                      ?                 'C5 H9 N O2'     115.130 
SER 'L-peptide linking' y SERINE                                       ?                 'C3 H7 N O3'     105.093 
THR 'L-peptide linking' y THREONINE                                    ?                 'C4 H9 N O3'     119.119 
TYR 'L-peptide linking' y TYROSINE                                     ?                 'C9 H11 N O3'    181.189 
VAL 'L-peptide linking' y VALINE                                       ?                 'C5 H11 N O2'    117.146 
# 
loop_
_pdbx_poly_seq_scheme.asym_id 
_pdbx_poly_seq_scheme.entity_id 
_pdbx_poly_seq_scheme.seq_id 
_pdbx_poly_seq_scheme.mon_id 
_pdbx_poly_seq_scheme.ndb_seq_num 
_pdbx_poly_seq_scheme.pdb_seq_num 
_pdbx_poly_seq_scheme.auth_seq_num 
_pdbx_poly_seq_scheme.pdb_mon_id 
_pdbx_poly_seq_scheme.auth_mon_id 
_pdbx_poly_seq_scheme.pdb_strand_id 
_pdbx_poly_seq_scheme.pdb_ins_code 
_pdbx_poly_seq_scheme.hetero 
A 1 1   SER 1   643 ?   ?   ?   A . n 
A 1 2   MET 2   644 ?   ?   ?   A . n 
A 1 3   SER 3   645 ?   ?   ?   A . n 
A 1 4   GLY 4   646 ?   ?   ?   A . n 
A 1 5   ILE 5   647 ?   ?   ?   A . n 
A 1 6   SER 6   648 ?   ?   ?   A . n 
A 1 7   PRO 7   649 ?   ?   ?   A . n 
A 1 8   LYS 8   650 ?   ?   ?   A . n 
A 1 9   LYS 9   651 ?   ?   ?   A . n 
A 1 10  SER 10  652 652 SER SER A . n 
A 1 11  LYS 11  653 653 LYS LYS A . n 
A 1 12  TYR 12  654 654 TYR TYR A . n 
A 1 13  MET 13  655 655 MET MET A . n 
A 1 14  THR 14  656 656 THR THR A . n 
A 1 15  PRO 15  657 657 PRO PRO A . n 
A 1 16  MET 16  658 658 MET MET A . n 
A 1 17  GLN 17  659 659 GLN GLN A . n 
A 1 18  GLN 18  660 660 GLN GLN A . n 
A 1 19  LYS 19  661 661 LYS LYS A . n 
A 1 20  LEU 20  662 662 LEU LEU A . n 
A 1 21  ASN 21  663 663 ASN ASN A . n 
A 1 22  GLU 22  664 664 GLU GLU A . n 
A 1 23  VAL 23  665 665 VAL VAL A . n 
A 1 24  TYR 24  666 666 TYR TYR A . n 
A 1 25  GLU 25  667 667 GLU GLU A . n 
A 1 26  ALA 26  668 668 ALA ALA A . n 
A 1 27  VAL 27  669 669 VAL VAL A . n 
A 1 28  LYS 28  670 670 LYS LYS A . n 
A 1 29  ASN 29  671 671 ASN ASN A . n 
A 1 30  TYR 30  672 672 TYR TYR A . n 
A 1 31  THR 31  673 673 THR THR A . n 
A 1 32  ASP 32  674 674 ASP ASP A . n 
A 1 33  LYS 33  675 675 LYS LYS A . n 
A 1 34  ARG 34  676 676 ARG ARG A . n 
A 1 35  GLY 35  677 677 GLY GLY A . n 
A 1 36  ARG 36  678 678 ARG ARG A . n 
A 1 37  ARG 37  679 679 ARG ARG A . n 
A 1 38  LEU 38  680 680 LEU LEU A . n 
A 1 39  SER 39  681 681 SER SER A . n 
A 1 40  ALA 40  682 682 ALA ALA A . n 
A 1 41  ILE 41  683 683 ILE ILE A . n 
A 1 42  PHE 42  684 684 PHE PHE A . n 
A 1 43  LEU 43  685 685 LEU LEU A . n 
A 1 44  ARG 44  686 686 ARG ARG A . n 
A 1 45  LEU 45  687 687 LEU LEU A . n 
A 1 46  PRO 46  688 688 PRO PRO A . n 
A 1 47  SER 47  689 689 SER SER A . n 
A 1 48  ARG 48  690 690 ARG ARG A . n 
A 1 49  SER 49  691 691 SER SER A . n 
A 1 50  GLU 50  692 692 GLU GLU A . n 
A 1 51  LEU 51  693 693 LEU LEU A . n 
A 1 52  PRO 52  694 694 PRO PRO A . n 
A 1 53  ASP 53  695 695 ASP ASP A . n 
A 1 54  TYR 54  696 696 TYR TYR A . n 
A 1 55  TYR 55  697 697 TYR TYR A . n 
A 1 56  LEU 56  698 698 LEU LEU A . n 
A 1 57  THR 57  699 699 THR THR A . n 
A 1 58  ILE 58  700 700 ILE ILE A . n 
A 1 59  LYS 59  701 701 LYS LYS A . n 
A 1 60  LYS 60  702 702 LYS LYS A . n 
A 1 61  PRO 61  703 703 PRO PRO A . n 
A 1 62  MET 62  704 704 MET MET A . n 
A 1 63  ASP 63  705 705 ASP ASP A . n 
A 1 64  MET 64  706 706 MET MET A . n 
A 1 65  GLU 65  707 707 GLU GLU A . n 
A 1 66  LYS 66  708 708 LYS LYS A . n 
A 1 67  ILE 67  709 709 ILE ILE A . n 
A 1 68  ARG 68  710 710 ARG ARG A . n 
A 1 69  SER 69  711 711 SER SER A . n 
A 1 70  HIS 70  712 712 HIS HIS A . n 
A 1 71  MET 71  713 713 MET MET A . n 
A 1 72  MET 72  714 714 MET MET A . n 
A 1 73  ALA 73  715 715 ALA ALA A . n 
A 1 74  ASN 74  716 716 ASN ASN A . n 
A 1 75  LYS 75  717 717 LYS LYS A . n 
A 1 76  TYR 76  718 718 TYR TYR A . n 
A 1 77  GLN 77  719 719 GLN GLN A . n 
A 1 78  ASP 78  720 720 ASP ASP A . n 
A 1 79  ILE 79  721 721 ILE ILE A . n 
A 1 80  ASP 80  722 722 ASP ASP A . n 
A 1 81  SER 81  723 723 SER SER A . n 
A 1 82  MET 82  724 724 MET MET A . n 
A 1 83  VAL 83  725 725 VAL VAL A . n 
A 1 84  GLU 84  726 726 GLU GLU A . n 
A 1 85  ASP 85  727 727 ASP ASP A . n 
A 1 86  PHE 86  728 728 PHE PHE A . n 
A 1 87  VAL 87  729 729 VAL VAL A . n 
A 1 88  MET 88  730 730 MET MET A . n 
A 1 89  MET 89  731 731 MET MET A . n 
A 1 90  PHE 90  732 732 PHE PHE A . n 
A 1 91  ASN 91  733 733 ASN ASN A . n 
A 1 92  ASN 92  734 734 ASN ASN A . n 
A 1 93  ALA 93  735 735 ALA ALA A . n 
A 1 94  CYS 94  736 736 CYS CYS A . n 
A 1 95  THR 95  737 737 THR THR A . n 
A 1 96  TYR 96  738 738 TYR TYR A . n 
A 1 97  ASN 97  739 739 ASN ASN A . n 
A 1 98  GLU 98  740 740 GLU GLU A . n 
A 1 99  PRO 99  741 741 PRO PRO A . n 
A 1 100 GLU 100 742 742 GLU GLU A . n 
A 1 101 SER 101 743 743 SER SER A . n 
A 1 102 LEU 102 744 744 LEU LEU A . n 
A 1 103 ILE 103 745 745 ILE ILE A . n 
A 1 104 TYR 104 746 746 TYR TYR A . n 
A 1 105 LYS 105 747 747 LYS LYS A . n 
A 1 106 ASP 106 748 748 ASP ASP A . n 
A 1 107 ALA 107 749 749 ALA ALA A . n 
A 1 108 LEU 108 750 750 LEU LEU A . n 
A 1 109 VAL 109 751 751 VAL VAL A . n 
A 1 110 LEU 110 752 752 LEU LEU A . n 
A 1 111 HIS 111 753 753 HIS HIS A . n 
A 1 112 LYS 112 754 754 LYS LYS A . n 
A 1 113 VAL 113 755 755 VAL VAL A . n 
A 1 114 LEU 114 756 756 LEU LEU A . n 
A 1 115 LEU 115 757 757 LEU LEU A . n 
A 1 116 GLU 116 758 758 GLU GLU A . n 
A 1 117 THR 117 759 759 THR THR A . n 
A 1 118 ARG 118 760 760 ARG ARG A . n 
A 1 119 ARG 119 761 761 ARG ARG A . n 
A 1 120 ASP 120 762 762 ASP ASP A . n 
A 1 121 LEU 121 763 763 LEU LEU A . n 
A 1 122 GLU 122 764 764 GLU GLU A . n 
A 1 123 GLY 123 765 765 GLY GLY A . n 
A 1 124 ASP 124 766 766 ASP ASP A . n 
# 
loop_
_pdbx_nonpoly_scheme.asym_id 
_pdbx_nonpoly_scheme.entity_id 
_pdbx_nonpoly_scheme.mon_id 
_pdbx_nonpoly_scheme.ndb_seq_num 
_pdbx_nonpoly_scheme.pdb_seq_num 
_pdbx_nonpoly_scheme.auth_seq_num 
_pdbx_nonpoly_scheme.pdb_mon_id 
_pdbx_nonpoly_scheme.auth_mon_id 
_pdbx_nonpoly_scheme.pdb_strand_id 
_pdbx_nonpoly_scheme.pdb_ins_code 
B 2 64C 1  801 1  64C DRG A . 
C 3 EDO 1  802 1  EDO EDO A . 
D 4 HOH 1  901 16 HOH HOH A . 
D 4 HOH 2  902 18 HOH HOH A . 
D 4 HOH 3  903 50 HOH HOH A . 
D 4 HOH 4  904 66 HOH HOH A . 
D 4 HOH 5  905 60 HOH HOH A . 
D 4 HOH 6  906 4  HOH HOH A . 
D 4 HOH 7  907 64 HOH HOH A . 
D 4 HOH 8  908 80 HOH HOH A . 
D 4 HOH 9  909 62 HOH HOH A . 
D 4 HOH 10 910 2  HOH HOH A . 
D 4 HOH 11 911 88 HOH HOH A . 
D 4 HOH 12 912 24 HOH HOH A . 
D 4 HOH 13 913 11 HOH HOH A . 
D 4 HOH 14 914 59 HOH HOH A . 
D 4 HOH 15 915 52 HOH HOH A . 
D 4 HOH 16 916 19 HOH HOH A . 
D 4 HOH 17 917 31 HOH HOH A . 
D 4 HOH 18 918 38 HOH HOH A . 
D 4 HOH 19 919 15 HOH HOH A . 
D 4 HOH 20 920 8  HOH HOH A . 
D 4 HOH 21 921 91 HOH HOH A . 
D 4 HOH 22 922 3  HOH HOH A . 
D 4 HOH 23 923 41 HOH HOH A . 
D 4 HOH 24 924 21 HOH HOH A . 
D 4 HOH 25 925 43 HOH HOH A . 
D 4 HOH 26 926 61 HOH HOH A . 
D 4 HOH 27 927 96 HOH HOH A . 
D 4 HOH 28 928 56 HOH HOH A . 
D 4 HOH 29 929 42 HOH HOH A . 
D 4 HOH 30 930 70 HOH HOH A . 
D 4 HOH 31 931 84 HOH HOH A . 
D 4 HOH 32 932 34 HOH HOH A . 
D 4 HOH 33 933 93 HOH HOH A . 
D 4 HOH 34 934 1  HOH HOH A . 
D 4 HOH 35 935 46 HOH HOH A . 
D 4 HOH 36 936 22 HOH HOH A . 
D 4 HOH 37 937 53 HOH HOH A . 
D 4 HOH 38 938 30 HOH HOH A . 
D 4 HOH 39 939 98 HOH HOH A . 
D 4 HOH 40 940 32 HOH HOH A . 
D 4 HOH 41 941 90 HOH HOH A . 
D 4 HOH 42 942 87 HOH HOH A . 
D 4 HOH 43 943 57 HOH HOH A . 
D 4 HOH 44 944 14 HOH HOH A . 
D 4 HOH 45 945 5  HOH HOH A . 
D 4 HOH 46 946 33 HOH HOH A . 
D 4 HOH 47 947 63 HOH HOH A . 
D 4 HOH 48 948 6  HOH HOH A . 
D 4 HOH 49 949 73 HOH HOH A . 
D 4 HOH 50 950 39 HOH HOH A . 
D 4 HOH 51 951 29 HOH HOH A . 
D 4 HOH 52 952 68 HOH HOH A . 
D 4 HOH 53 953 12 HOH HOH A . 
D 4 HOH 54 954 9  HOH HOH A . 
D 4 HOH 55 955 28 HOH HOH A . 
D 4 HOH 56 956 20 HOH HOH A . 
D 4 HOH 57 957 44 HOH HOH A . 
D 4 HOH 58 958 95 HOH HOH A . 
D 4 HOH 59 959 75 HOH HOH A . 
D 4 HOH 60 960 25 HOH HOH A . 
D 4 HOH 61 961 45 HOH HOH A . 
D 4 HOH 62 962 92 HOH HOH A . 
D 4 HOH 63 963 47 HOH HOH A . 
D 4 HOH 64 964 23 HOH HOH A . 
D 4 HOH 65 965 36 HOH HOH A . 
D 4 HOH 66 966 7  HOH HOH A . 
D 4 HOH 67 967 78 HOH HOH A . 
D 4 HOH 68 968 26 HOH HOH A . 
D 4 HOH 69 969 89 HOH HOH A . 
D 4 HOH 70 970 10 HOH HOH A . 
D 4 HOH 71 971 49 HOH HOH A . 
D 4 HOH 72 972 13 HOH HOH A . 
D 4 HOH 73 973 17 HOH HOH A . 
D 4 HOH 74 974 79 HOH HOH A . 
D 4 HOH 75 975 40 HOH HOH A . 
D 4 HOH 76 976 55 HOH HOH A . 
D 4 HOH 77 977 77 HOH HOH A . 
D 4 HOH 78 978 97 HOH HOH A . 
D 4 HOH 79 979 69 HOH HOH A . 
D 4 HOH 80 980 48 HOH HOH A . 
D 4 HOH 81 981 86 HOH HOH A . 
D 4 HOH 82 982 82 HOH HOH A . 
D 4 HOH 83 983 83 HOH HOH A . 
D 4 HOH 84 984 85 HOH HOH A . 
D 4 HOH 85 985 37 HOH HOH A . 
D 4 HOH 86 986 99 HOH HOH A . 
D 4 HOH 87 987 76 HOH HOH A . 
D 4 HOH 88 988 27 HOH HOH A . 
D 4 HOH 89 989 81 HOH HOH A . 
D 4 HOH 90 990 74 HOH HOH A . 
D 4 HOH 91 991 54 HOH HOH A . 
D 4 HOH 92 992 65 HOH HOH A . 
D 4 HOH 93 993 35 HOH HOH A . 
D 4 HOH 94 994 67 HOH HOH A . 
D 4 HOH 95 995 58 HOH HOH A . 
D 4 HOH 96 996 71 HOH HOH A . 
D 4 HOH 97 997 51 HOH HOH A . 
D 4 HOH 98 998 72 HOH HOH A . 
D 4 HOH 99 999 94 HOH HOH A . 
# 
loop_
_software.citation_id 
_software.classification 
_software.compiler_name 
_software.compiler_version 
_software.contact_author 
_software.contact_author_email 
_software.date 
_software.description 
_software.dependencies 
_software.hardware 
_software.language 
_software.location 
_software.mods 
_software.name 
_software.os 
_software.os_version 
_software.type 
_software.version 
_software.pdbx_ordinal 
? refinement       ? ? ? ? ? ? ? ? ? ? ? REFMAC  ? ? ? 5.8.0131 1 
? 'data reduction' ? ? ? ? ? ? ? ? ? ? ? XDS     ? ? ? .        2 
? 'data scaling'   ? ? ? ? ? ? ? ? ? ? ? Aimless ? ? ? .        3 
? phasing          ? ? ? ? ? ? ? ? ? ? ? PHASER  ? ? ? .        4 
# 
_cell.angle_alpha                  90.00 
_cell.angle_alpha_esd              ? 
_cell.angle_beta                   90.00 
_cell.angle_beta_esd               ? 
_cell.angle_gamma                  90.00 
_cell.angle_gamma_esd              ? 
_cell.entry_id                     5HRV 
_cell.details                      ? 
_cell.formula_units_Z              ? 
_cell.length_a                     57.817 
_cell.length_a_esd                 ? 
_cell.length_b                     140.272 
_cell.length_b_esd                 ? 
_cell.length_c                     41.553 
_cell.length_c_esd                 ? 
_cell.volume                       ? 
_cell.volume_esd                   ? 
_cell.Z_PDB                        8 
_cell.reciprocal_angle_alpha       ? 
_cell.reciprocal_angle_beta        ? 
_cell.reciprocal_angle_gamma       ? 
_cell.reciprocal_angle_alpha_esd   ? 
_cell.reciprocal_angle_beta_esd    ? 
_cell.reciprocal_angle_gamma_esd   ? 
_cell.reciprocal_length_a          ? 
_cell.reciprocal_length_b          ? 
_cell.reciprocal_length_c          ? 
_cell.reciprocal_length_a_esd      ? 
_cell.reciprocal_length_b_esd      ? 
_cell.reciprocal_length_c_esd      ? 
_cell.pdbx_unique_axis             ? 
# 
_symmetry.entry_id                         5HRV 
_symmetry.cell_setting                     ? 
_symmetry.Int_Tables_number                20 
_symmetry.space_group_name_Hall            ? 
_symmetry.space_group_name_H-M             'C 2 2 21' 
_symmetry.pdbx_full_space_group_name_H-M   ? 
# 
_exptl.absorpt_coefficient_mu     ? 
_exptl.absorpt_correction_T_max   ? 
_exptl.absorpt_correction_T_min   ? 
_exptl.absorpt_correction_type    ? 
_exptl.absorpt_process_details    ? 
_exptl.entry_id                   5HRV 
_exptl.crystals_number            ? 
_exptl.details                    ? 
_exptl.method                     'X-RAY DIFFRACTION' 
_exptl.method_details             ? 
# 
_exptl_crystal.colour                      ? 
_exptl_crystal.density_diffrn              ? 
_exptl_crystal.density_Matthews            2.88 
_exptl_crystal.density_method              ? 
_exptl_crystal.density_percent_sol         57.32 
_exptl_crystal.description                 'Plate crystals' 
_exptl_crystal.F_000                       ? 
_exptl_crystal.id                          1 
_exptl_crystal.preparation                 ? 
_exptl_crystal.size_max                    ? 
_exptl_crystal.size_mid                    ? 
_exptl_crystal.size_min                    ? 
_exptl_crystal.size_rad                    ? 
_exptl_crystal.colour_lustre               ? 
_exptl_crystal.colour_modifier             ? 
_exptl_crystal.colour_primary              ? 
_exptl_crystal.density_meas                ? 
_exptl_crystal.density_meas_esd            ? 
_exptl_crystal.density_meas_gt             ? 
_exptl_crystal.density_meas_lt             ? 
_exptl_crystal.density_meas_temp           ? 
_exptl_crystal.density_meas_temp_esd       ? 
_exptl_crystal.density_meas_temp_gt        ? 
_exptl_crystal.density_meas_temp_lt        ? 
_exptl_crystal.pdbx_crystal_image_url      ? 
_exptl_crystal.pdbx_crystal_image_format   ? 
_exptl_crystal.pdbx_mosaicity              ? 
_exptl_crystal.pdbx_mosaicity_esd          ? 
# 
_exptl_crystal_grow.apparatus       ? 
_exptl_crystal_grow.atmosphere      ? 
_exptl_crystal_grow.crystal_id      1 
_exptl_crystal_grow.details         ? 
_exptl_crystal_grow.method          'VAPOR DIFFUSION, SITTING DROP' 
_exptl_crystal_grow.method_ref      ? 
_exptl_crystal_grow.pH              7.5 
_exptl_crystal_grow.pressure        ? 
_exptl_crystal_grow.pressure_esd    ? 
_exptl_crystal_grow.seeding         ? 
_exptl_crystal_grow.seeding_ref     ? 
_exptl_crystal_grow.temp            277 
_exptl_crystal_grow.temp_details    ? 
_exptl_crystal_grow.temp_esd        ? 
_exptl_crystal_grow.time            ? 
_exptl_crystal_grow.pdbx_details    '0.1 M tris-sodium citrate dihydrate pH 5.6, 20% isopropanol, 20% PEG4K' 
_exptl_crystal_grow.pdbx_pH_range   5.6-7.5 
# 
_diffrn.ambient_environment    ? 
_diffrn.ambient_temp           100 
_diffrn.ambient_temp_details   ? 
_diffrn.ambient_temp_esd       ? 
_diffrn.crystal_id             1 
_diffrn.crystal_support        ? 
_diffrn.crystal_treatment      ? 
_diffrn.details                ? 
_diffrn.id                     1 
_diffrn.ambient_pressure       ? 
_diffrn.ambient_pressure_esd   ? 
_diffrn.ambient_pressure_gt    ? 
_diffrn.ambient_pressure_lt    ? 
_diffrn.ambient_temp_gt        ? 
_diffrn.ambient_temp_lt        ? 
# 
_diffrn_detector.details                      ? 
_diffrn_detector.detector                     PIXEL 
_diffrn_detector.diffrn_id                    1 
_diffrn_detector.type                         'DECTRIS PILATUS3 6M' 
_diffrn_detector.area_resol_mean              ? 
_diffrn_detector.dtime                        ? 
_diffrn_detector.pdbx_frames_total            ? 
_diffrn_detector.pdbx_collection_time_total   ? 
_diffrn_detector.pdbx_collection_date         2014-01-18 
# 
_diffrn_radiation.collimation                      ? 
_diffrn_radiation.diffrn_id                        1 
_diffrn_radiation.filter_edge                      ? 
_diffrn_radiation.inhomogeneity                    ? 
_diffrn_radiation.monochromator                    ? 
_diffrn_radiation.polarisn_norm                    ? 
_diffrn_radiation.polarisn_ratio                   ? 
_diffrn_radiation.probe                            ? 
_diffrn_radiation.type                             ? 
_diffrn_radiation.xray_symbol                      ? 
_diffrn_radiation.wavelength_id                    1 
_diffrn_radiation.pdbx_monochromatic_or_laue_m_l   M 
_diffrn_radiation.pdbx_wavelength_list             ? 
_diffrn_radiation.pdbx_wavelength                  ? 
_diffrn_radiation.pdbx_diffrn_protocol             'SINGLE WAVELENGTH' 
_diffrn_radiation.pdbx_analyzer                    ? 
_diffrn_radiation.pdbx_scattering_type             x-ray 
# 
_diffrn_radiation_wavelength.id           1 
_diffrn_radiation_wavelength.wavelength   0.9796 
_diffrn_radiation_wavelength.wt           1.0 
# 
_diffrn_source.current                     ? 
_diffrn_source.details                     ? 
_diffrn_source.diffrn_id                   1 
_diffrn_source.power                       ? 
_diffrn_source.size                        ? 
_diffrn_source.source                      SYNCHROTRON 
_diffrn_source.target                      ? 
_diffrn_source.type                        'DIAMOND BEAMLINE I03' 
_diffrn_source.voltage                     ? 
_diffrn_source.take-off_angle              ? 
_diffrn_source.pdbx_wavelength_list        0.9796 
_diffrn_source.pdbx_wavelength             ? 
_diffrn_source.pdbx_synchrotron_beamline   I03 
_diffrn_source.pdbx_synchrotron_site       Diamond 
# 
_reflns.B_iso_Wilson_estimate            ? 
_reflns.entry_id                         5HRV 
_reflns.data_reduction_details           ? 
_reflns.data_reduction_method            ? 
_reflns.d_resolution_high                1.70 
_reflns.d_resolution_low                 28.91 
_reflns.details                          ? 
_reflns.limit_h_max                      ? 
_reflns.limit_h_min                      ? 
_reflns.limit_k_max                      ? 
_reflns.limit_k_min                      ? 
_reflns.limit_l_max                      ? 
_reflns.limit_l_min                      ? 
_reflns.number_all                       19011 
_reflns.number_obs                       19011 
_reflns.observed_criterion               ? 
_reflns.observed_criterion_F_max         ? 
_reflns.observed_criterion_F_min         ? 
_reflns.observed_criterion_I_max         ? 
_reflns.observed_criterion_I_min         ? 
_reflns.observed_criterion_sigma_F       ? 
_reflns.observed_criterion_sigma_I       ? 
_reflns.percent_possible_obs             99.3 
_reflns.R_free_details                   ? 
_reflns.Rmerge_F_all                     ? 
_reflns.Rmerge_F_obs                     ? 
_reflns.Friedel_coverage                 ? 
_reflns.number_gt                        ? 
_reflns.threshold_expression             ? 
_reflns.pdbx_redundancy                  7.8 
_reflns.pdbx_Rmerge_I_obs                0.043 
_reflns.pdbx_Rmerge_I_all                ? 
_reflns.pdbx_Rsym_value                  0.023 
_reflns.pdbx_netI_over_av_sigmaI         ? 
_reflns.pdbx_netI_over_sigmaI            28.2 
_reflns.pdbx_res_netI_over_av_sigmaI_2   ? 
_reflns.pdbx_res_netI_over_sigmaI_2      ? 
_reflns.pdbx_chi_squared                 ? 
_reflns.pdbx_scaling_rejects             ? 
_reflns.pdbx_d_res_high_opt              ? 
_reflns.pdbx_d_res_low_opt               ? 
_reflns.pdbx_d_res_opt_method            ? 
_reflns.phase_calculation_details        ? 
_reflns.pdbx_Rrim_I_all                  ? 
_reflns.pdbx_Rpim_I_all                  ? 
_reflns.pdbx_d_opt                       ? 
_reflns.pdbx_number_measured_all         ? 
_reflns.pdbx_diffrn_id                   1 
_reflns.pdbx_ordinal                     1 
_reflns.pdbx_CC_half                     ? 
_reflns.pdbx_R_split                     ? 
# 
_reflns_shell.d_res_high                  1.70 
_reflns_shell.d_res_low                   1.73 
_reflns_shell.meanI_over_sigI_all         ? 
_reflns_shell.meanI_over_sigI_obs         3.9 
_reflns_shell.number_measured_all         ? 
_reflns_shell.number_measured_obs         ? 
_reflns_shell.number_possible             ? 
_reflns_shell.number_unique_all           ? 
_reflns_shell.number_unique_obs           ? 
_reflns_shell.percent_possible_all        89.7 
_reflns_shell.percent_possible_obs        ? 
_reflns_shell.Rmerge_F_all                ? 
_reflns_shell.Rmerge_F_obs                ? 
_reflns_shell.Rmerge_I_all                ? 
_reflns_shell.Rmerge_I_obs                0.360 
_reflns_shell.meanI_over_sigI_gt          ? 
_reflns_shell.meanI_over_uI_all           ? 
_reflns_shell.meanI_over_uI_gt            ? 
_reflns_shell.number_measured_gt          ? 
_reflns_shell.number_unique_gt            ? 
_reflns_shell.percent_possible_gt         ? 
_reflns_shell.Rmerge_F_gt                 ? 
_reflns_shell.Rmerge_I_gt                 ? 
_reflns_shell.pdbx_redundancy             4.2 
_reflns_shell.pdbx_Rsym_value             ? 
_reflns_shell.pdbx_chi_squared            ? 
_reflns_shell.pdbx_netI_over_sigmaI_all   ? 
_reflns_shell.pdbx_netI_over_sigmaI_obs   ? 
_reflns_shell.pdbx_Rrim_I_all             ? 
_reflns_shell.pdbx_Rpim_I_all             ? 
_reflns_shell.pdbx_rejects                ? 
_reflns_shell.pdbx_ordinal                1 
_reflns_shell.pdbx_diffrn_id              1 
_reflns_shell.pdbx_CC_half                ? 
_reflns_shell.pdbx_R_split                ? 
# 
_refine.aniso_B[1][1]                            1.38 
_refine.aniso_B[1][2]                            0.00 
_refine.aniso_B[1][3]                            0.00 
_refine.aniso_B[2][2]                            -1.45 
_refine.aniso_B[2][3]                            0.00 
_refine.aniso_B[3][3]                            0.07 
_refine.B_iso_max                                ? 
_refine.B_iso_mean                               26.867 
_refine.B_iso_min                                ? 
_refine.correlation_coeff_Fo_to_Fc               0.962 
_refine.correlation_coeff_Fo_to_Fc_free          0.950 
_refine.details                                  'HYDROGENS HAVE BEEN ADDED IN THE RIDING POSITIONS' 
_refine.diff_density_max                         ? 
_refine.diff_density_max_esd                     ? 
_refine.diff_density_min                         ? 
_refine.diff_density_min_esd                     ? 
_refine.diff_density_rms                         ? 
_refine.diff_density_rms_esd                     ? 
_refine.entry_id                                 5HRV 
_refine.pdbx_refine_id                           'X-RAY DIFFRACTION' 
_refine.ls_abs_structure_details                 ? 
_refine.ls_abs_structure_Flack                   ? 
_refine.ls_abs_structure_Flack_esd               ? 
_refine.ls_abs_structure_Rogers                  ? 
_refine.ls_abs_structure_Rogers_esd              ? 
_refine.ls_d_res_high                            1.70 
_refine.ls_d_res_low                             28.91 
_refine.ls_extinction_coef                       ? 
_refine.ls_extinction_coef_esd                   ? 
_refine.ls_extinction_expression                 ? 
_refine.ls_extinction_method                     ? 
_refine.ls_goodness_of_fit_all                   ? 
_refine.ls_goodness_of_fit_all_esd               ? 
_refine.ls_goodness_of_fit_obs                   ? 
_refine.ls_goodness_of_fit_obs_esd               ? 
_refine.ls_hydrogen_treatment                    ? 
_refine.ls_matrix_type                           ? 
_refine.ls_number_constraints                    ? 
_refine.ls_number_parameters                     ? 
_refine.ls_number_reflns_all                     ? 
_refine.ls_number_reflns_obs                     18059 
_refine.ls_number_reflns_R_free                  941 
_refine.ls_number_reflns_R_work                  ? 
_refine.ls_number_restraints                     ? 
_refine.ls_percent_reflns_obs                    99.21 
_refine.ls_percent_reflns_R_free                 5.0 
_refine.ls_R_factor_all                          ? 
_refine.ls_R_factor_obs                          0.17930 
_refine.ls_R_factor_R_free                       0.20760 
_refine.ls_R_factor_R_free_error                 ? 
_refine.ls_R_factor_R_free_error_details         ? 
_refine.ls_R_factor_R_work                       0.17780 
_refine.ls_R_Fsqd_factor_obs                     ? 
_refine.ls_R_I_factor_obs                        ? 
_refine.ls_redundancy_reflns_all                 ? 
_refine.ls_redundancy_reflns_obs                 ? 
_refine.ls_restrained_S_all                      ? 
_refine.ls_restrained_S_obs                      ? 
_refine.ls_shift_over_esd_max                    ? 
_refine.ls_shift_over_esd_mean                   ? 
_refine.ls_structure_factor_coef                 ? 
_refine.ls_weighting_details                     ? 
_refine.ls_weighting_scheme                      ? 
_refine.ls_wR_factor_all                         ? 
_refine.ls_wR_factor_obs                         ? 
_refine.ls_wR_factor_R_free                      ? 
_refine.ls_wR_factor_R_work                      ? 
_refine.occupancy_max                            ? 
_refine.occupancy_min                            ? 
_refine.solvent_model_details                    MASK 
_refine.solvent_model_param_bsol                 ? 
_refine.solvent_model_param_ksol                 ? 
_refine.ls_R_factor_gt                           ? 
_refine.ls_goodness_of_fit_gt                    ? 
_refine.ls_goodness_of_fit_ref                   ? 
_refine.ls_shift_over_su_max                     ? 
_refine.ls_shift_over_su_max_lt                  ? 
_refine.ls_shift_over_su_mean                    ? 
_refine.ls_shift_over_su_mean_lt                 ? 
_refine.pdbx_ls_sigma_I                          ? 
_refine.pdbx_ls_sigma_F                          ? 
_refine.pdbx_ls_sigma_Fsqd                       ? 
_refine.pdbx_data_cutoff_high_absF               ? 
_refine.pdbx_data_cutoff_high_rms_absF           ? 
_refine.pdbx_data_cutoff_low_absF                ? 
_refine.pdbx_isotropic_thermal_model             ? 
_refine.pdbx_ls_cross_valid_method               THROUGHOUT 
_refine.pdbx_method_to_determine_struct          'MOLECULAR REPLACEMENT' 
_refine.pdbx_starting_model                      3G0J 
_refine.pdbx_stereochemistry_target_values       'MAXIMUM LIKELIHOOD' 
_refine.pdbx_R_Free_selection_details            RANDOM 
_refine.pdbx_stereochem_target_val_spec_case     ? 
_refine.pdbx_overall_ESU_R                       0.087 
_refine.pdbx_overall_ESU_R_Free                  0.088 
_refine.pdbx_solvent_vdw_probe_radii             1.20 
_refine.pdbx_solvent_ion_probe_radii             0.80 
_refine.pdbx_solvent_shrinkage_radii             0.80 
_refine.pdbx_real_space_R                        ? 
_refine.pdbx_density_correlation                 ? 
_refine.pdbx_pd_number_of_powder_patterns        ? 
_refine.pdbx_pd_number_of_points                 ? 
_refine.pdbx_pd_meas_number_of_points            ? 
_refine.pdbx_pd_proc_ls_prof_R_factor            ? 
_refine.pdbx_pd_proc_ls_prof_wR_factor           ? 
_refine.pdbx_pd_Marquardt_correlation_coeff      ? 
_refine.pdbx_pd_Fsqrd_R_factor                   ? 
_refine.pdbx_pd_ls_matrix_band_width             ? 
_refine.pdbx_overall_phase_error                 ? 
_refine.pdbx_overall_SU_R_free_Cruickshank_DPI   ? 
_refine.pdbx_overall_SU_R_free_Blow_DPI          ? 
_refine.pdbx_overall_SU_R_Blow_DPI               ? 
_refine.pdbx_TLS_residual_ADP_flag               ? 
_refine.pdbx_diffrn_id                           1 
_refine.overall_SU_B                             1.770 
_refine.overall_SU_ML                            0.058 
_refine.overall_SU_R_Cruickshank_DPI             ? 
_refine.overall_SU_R_free                        ? 
_refine.overall_FOM_free_R_set                   ? 
_refine.overall_FOM_work_R_set                   ? 
_refine.pdbx_average_fsc_overall                 ? 
_refine.pdbx_average_fsc_work                    ? 
_refine.pdbx_average_fsc_free                    ? 
# 
_refine_hist.pdbx_refine_id                   'X-RAY DIFFRACTION' 
_refine_hist.cycle_id                         1 
_refine_hist.pdbx_number_atoms_protein        957 
_refine_hist.pdbx_number_atoms_nucleic_acid   0 
_refine_hist.pdbx_number_atoms_ligand         20 
_refine_hist.number_atoms_solvent             99 
_refine_hist.number_atoms_total               1076 
_refine_hist.d_res_high                       1.70 
_refine_hist.d_res_low                        28.91 
# 
loop_
_refine_ls_restr.pdbx_refine_id 
_refine_ls_restr.criterion 
_refine_ls_restr.dev_ideal 
_refine_ls_restr.dev_ideal_target 
_refine_ls_restr.number 
_refine_ls_restr.rejects 
_refine_ls_restr.type 
_refine_ls_restr.weight 
_refine_ls_restr.pdbx_restraint_function 
'X-RAY DIFFRACTION' ? 0.017  0.020  1010 ? r_bond_refined_d             ? ? 
'X-RAY DIFFRACTION' ? 0.003  0.020  977  ? r_bond_other_d               ? ? 
'X-RAY DIFFRACTION' ? 1.554  2.013  1358 ? r_angle_refined_deg          ? ? 
'X-RAY DIFFRACTION' ? 1.008  3.003  2255 ? r_angle_other_deg            ? ? 
'X-RAY DIFFRACTION' ? 5.087  5.000  118  ? r_dihedral_angle_1_deg       ? ? 
'X-RAY DIFFRACTION' ? 31.809 23.673 49   ? r_dihedral_angle_2_deg       ? ? 
'X-RAY DIFFRACTION' ? 12.175 15.000 202  ? r_dihedral_angle_3_deg       ? ? 
'X-RAY DIFFRACTION' ? 12.942 15.000 9    ? r_dihedral_angle_4_deg       ? ? 
'X-RAY DIFFRACTION' ? 0.097  0.200  143  ? r_chiral_restr               ? ? 
'X-RAY DIFFRACTION' ? 0.007  0.021  1104 ? r_gen_planes_refined         ? ? 
'X-RAY DIFFRACTION' ? 0.001  0.020  224  ? r_gen_planes_other           ? ? 
'X-RAY DIFFRACTION' ? ?      ?      ?    ? r_nbd_refined                ? ? 
'X-RAY DIFFRACTION' ? ?      ?      ?    ? r_nbd_other                  ? ? 
'X-RAY DIFFRACTION' ? ?      ?      ?    ? r_nbtor_refined              ? ? 
'X-RAY DIFFRACTION' ? ?      ?      ?    ? r_nbtor_other                ? ? 
'X-RAY DIFFRACTION' ? ?      ?      ?    ? r_xyhbond_nbd_refined        ? ? 
'X-RAY DIFFRACTION' ? ?      ?      ?    ? r_xyhbond_nbd_other          ? ? 
'X-RAY DIFFRACTION' ? ?      ?      ?    ? r_metal_ion_refined          ? ? 
'X-RAY DIFFRACTION' ? ?      ?      ?    ? r_metal_ion_other            ? ? 
'X-RAY DIFFRACTION' ? ?      ?      ?    ? r_symmetry_vdw_refined       ? ? 
'X-RAY DIFFRACTION' ? ?      ?      ?    ? r_symmetry_vdw_other         ? ? 
'X-RAY DIFFRACTION' ? ?      ?      ?    ? r_symmetry_hbond_refined     ? ? 
'X-RAY DIFFRACTION' ? ?      ?      ?    ? r_symmetry_hbond_other       ? ? 
'X-RAY DIFFRACTION' ? ?      ?      ?    ? r_symmetry_metal_ion_refined ? ? 
'X-RAY DIFFRACTION' ? ?      ?      ?    ? r_symmetry_metal_ion_other   ? ? 
'X-RAY DIFFRACTION' ? 1.858  2.323  463  ? r_mcbond_it                  ? ? 
'X-RAY DIFFRACTION' ? 1.859  2.316  462  ? r_mcbond_other               ? ? 
'X-RAY DIFFRACTION' ? 2.747  3.462  578  ? r_mcangle_it                 ? ? 
'X-RAY DIFFRACTION' ? 2.745  3.471  579  ? r_mcangle_other              ? ? 
'X-RAY DIFFRACTION' ? 3.280  2.764  547  ? r_scbond_it                  ? ? 
'X-RAY DIFFRACTION' ? 3.278  2.762  548  ? r_scbond_other               ? ? 
'X-RAY DIFFRACTION' ? ?      ?      ?    ? r_scangle_it                 ? ? 
'X-RAY DIFFRACTION' ? 5.261  3.940  779  ? r_scangle_other              ? ? 
'X-RAY DIFFRACTION' ? 7.036  19.311 1284 ? r_long_range_B_refined       ? ? 
'X-RAY DIFFRACTION' ? 7.033  19.311 1285 ? r_long_range_B_other         ? ? 
'X-RAY DIFFRACTION' ? ?      ?      ?    ? r_rigid_bond_restr           ? ? 
'X-RAY DIFFRACTION' ? ?      ?      ?    ? r_sphericity_free            ? ? 
'X-RAY DIFFRACTION' ? ?      ?      ?    ? r_sphericity_bonded          ? ? 
# 
_refine_ls_shell.pdbx_refine_id                   'X-RAY DIFFRACTION' 
_refine_ls_shell.d_res_high                       1.698 
_refine_ls_shell.d_res_low                        1.742 
_refine_ls_shell.number_reflns_all                ? 
_refine_ls_shell.number_reflns_obs                ? 
_refine_ls_shell.number_reflns_R_free             54 
_refine_ls_shell.number_reflns_R_work             1213 
_refine_ls_shell.percent_reflns_obs               91.02 
_refine_ls_shell.percent_reflns_R_free            ? 
_refine_ls_shell.R_factor_all                     ? 
_refine_ls_shell.R_factor_obs                     ? 
_refine_ls_shell.R_factor_R_free                  0.344 
_refine_ls_shell.R_factor_R_free_error            ? 
_refine_ls_shell.R_factor_R_work                  0.258 
_refine_ls_shell.redundancy_reflns_all            ? 
_refine_ls_shell.redundancy_reflns_obs            ? 
_refine_ls_shell.wR_factor_all                    ? 
_refine_ls_shell.wR_factor_obs                    ? 
_refine_ls_shell.wR_factor_R_free                 ? 
_refine_ls_shell.wR_factor_R_work                 ? 
_refine_ls_shell.pdbx_total_number_of_bins_used   20 
_refine_ls_shell.pdbx_phase_error                 ? 
_refine_ls_shell.pdbx_fsc_work                    ? 
_refine_ls_shell.pdbx_fsc_free                    ? 
# 
_struct.entry_id                     5HRV 
_struct.title                        
'Crystal structure of the fifth bromodomain of human PB1 in complex with 1-ethylisochromeno[3,4-c]pyrazol-5(2H)-one) compound' 
_struct.pdbx_model_details           ? 
_struct.pdbx_formula_weight          ? 
_struct.pdbx_formula_weight_method   ? 
_struct.pdbx_model_type_details      ? 
_struct.pdbx_CASP_flag               ? 
# 
_struct_keywords.entry_id        5HRV 
_struct_keywords.text            'BRM1, BRG1-associated factor 180, transcription, chromatin remodeling' 
_struct_keywords.pdbx_keywords   TRANSCRIPTION 
# 
loop_
_struct_asym.id 
_struct_asym.pdbx_blank_PDB_chainid_flag 
_struct_asym.pdbx_modified 
_struct_asym.entity_id 
_struct_asym.details 
A N N 1 ? 
B N N 2 ? 
C N N 3 ? 
D N N 4 ? 
# 
_struct_ref.id                         1 
_struct_ref.db_name                    UNP 
_struct_ref.db_code                    PB1_HUMAN 
_struct_ref.pdbx_db_accession          Q86U86 
_struct_ref.pdbx_db_isoform            Q86U86-3 
_struct_ref.entity_id                  1 
_struct_ref.pdbx_seq_one_letter_code   
;SGISPKKSKYMTPMQQKLNEVYEAVKNYTDKRGRRLSAIFLRLPSRSELPDYYLTIKKPMDMEKIRSHMMANKYQDIDSM
VEDFVMMFNNACTYNEPESLIYKDALVLHKVLLETRRDLEGD
;
_struct_ref.pdbx_align_begin           613 
# 
_struct_ref_seq.align_id                      1 
_struct_ref_seq.ref_id                        1 
_struct_ref_seq.pdbx_PDB_id_code              5HRV 
_struct_ref_seq.pdbx_strand_id                A 
_struct_ref_seq.seq_align_beg                 3 
_struct_ref_seq.pdbx_seq_align_beg_ins_code   ? 
_struct_ref_seq.seq_align_end                 124 
_struct_ref_seq.pdbx_seq_align_end_ins_code   ? 
_struct_ref_seq.pdbx_db_accession             Q86U86 
_struct_ref_seq.db_align_beg                  613 
_struct_ref_seq.pdbx_db_align_beg_ins_code    ? 
_struct_ref_seq.db_align_end                  734 
_struct_ref_seq.pdbx_db_align_end_ins_code    ? 
_struct_ref_seq.pdbx_auth_seq_align_beg       645 
_struct_ref_seq.pdbx_auth_seq_align_end       766 
# 
loop_
_struct_ref_seq_dif.align_id 
_struct_ref_seq_dif.pdbx_pdb_id_code 
_struct_ref_seq_dif.mon_id 
_struct_ref_seq_dif.pdbx_pdb_strand_id 
_struct_ref_seq_dif.seq_num 
_struct_ref_seq_dif.pdbx_pdb_ins_code 
_struct_ref_seq_dif.pdbx_seq_db_name 
_struct_ref_seq_dif.pdbx_seq_db_accession_code 
_struct_ref_seq_dif.db_mon_id 
_struct_ref_seq_dif.pdbx_seq_db_seq_num 
_struct_ref_seq_dif.details 
_struct_ref_seq_dif.pdbx_auth_seq_num 
_struct_ref_seq_dif.pdbx_ordinal 
1 5HRV SER A 1 ? UNP Q86U86 ? ? 'expression tag' 643 1 
1 5HRV MET A 2 ? UNP Q86U86 ? ? 'expression tag' 644 2 
# 
_pdbx_struct_assembly.id                   1 
_pdbx_struct_assembly.details              author_and_software_defined_assembly 
_pdbx_struct_assembly.method_details       PISA 
_pdbx_struct_assembly.oligomeric_details   monomeric 
_pdbx_struct_assembly.oligomeric_count     1 
# 
loop_
_pdbx_struct_assembly_prop.biol_id 
_pdbx_struct_assembly_prop.type 
_pdbx_struct_assembly_prop.value 
_pdbx_struct_assembly_prop.details 
1 'ABSA (A^2)' 200  ? 
1 MORE         3    ? 
1 'SSA (A^2)'  7430 ? 
# 
_pdbx_struct_assembly_gen.assembly_id       1 
_pdbx_struct_assembly_gen.oper_expression   1 
_pdbx_struct_assembly_gen.asym_id_list      A,B,C,D 
# 
_pdbx_struct_oper_list.id                   1 
_pdbx_struct_oper_list.type                 'identity operation' 
_pdbx_struct_oper_list.name                 1_555 
_pdbx_struct_oper_list.symmetry_operation   x,y,z 
_pdbx_struct_oper_list.matrix[1][1]         1.0000000000 
_pdbx_struct_oper_list.matrix[1][2]         0.0000000000 
_pdbx_struct_oper_list.matrix[1][3]         0.0000000000 
_pdbx_struct_oper_list.vector[1]            0.0000000000 
_pdbx_struct_oper_list.matrix[2][1]         0.0000000000 
_pdbx_struct_oper_list.matrix[2][2]         1.0000000000 
_pdbx_struct_oper_list.matrix[2][3]         0.0000000000 
_pdbx_struct_oper_list.vector[2]            0.0000000000 
_pdbx_struct_oper_list.matrix[3][1]         0.0000000000 
_pdbx_struct_oper_list.matrix[3][2]         0.0000000000 
_pdbx_struct_oper_list.matrix[3][3]         1.0000000000 
_pdbx_struct_oper_list.vector[3]            0.0000000000 
# 
loop_
_struct_conf.conf_type_id 
_struct_conf.id 
_struct_conf.pdbx_PDB_helix_id 
_struct_conf.beg_label_comp_id 
_struct_conf.beg_label_asym_id 
_struct_conf.beg_label_seq_id 
_struct_conf.pdbx_beg_PDB_ins_code 
_struct_conf.end_label_comp_id 
_struct_conf.end_label_asym_id 
_struct_conf.end_label_seq_id 
_struct_conf.pdbx_end_PDB_ins_code 
_struct_conf.beg_auth_comp_id 
_struct_conf.beg_auth_asym_id 
_struct_conf.beg_auth_seq_id 
_struct_conf.end_auth_comp_id 
_struct_conf.end_auth_asym_id 
_struct_conf.end_auth_seq_id 
_struct_conf.pdbx_PDB_helix_class 
_struct_conf.details 
_struct_conf.pdbx_PDB_helix_length 
HELX_P HELX_P1 AA1 THR A 14  ? TYR A 30  ? THR A 656 TYR A 672 1 ? 17 
HELX_P HELX_P2 AA2 SER A 39  ? LEU A 43  ? SER A 681 LEU A 685 5 ? 5  
HELX_P HELX_P3 AA3 LEU A 51  ? ILE A 58  ? LEU A 693 ILE A 700 1 ? 8  
HELX_P HELX_P4 AA4 ASP A 63  ? ALA A 73  ? ASP A 705 ALA A 715 1 ? 11 
HELX_P HELX_P5 AA5 ASP A 78  ? ASN A 97  ? ASP A 720 ASN A 739 1 ? 20 
HELX_P HELX_P6 AA6 SER A 101 ? LEU A 121 ? SER A 743 LEU A 763 1 ? 21 
# 
_struct_conf_type.id          HELX_P 
_struct_conf_type.criteria    ? 
_struct_conf_type.reference   ? 
# 
loop_
_struct_site.id 
_struct_site.pdbx_evidence_code 
_struct_site.pdbx_auth_asym_id 
_struct_site.pdbx_auth_comp_id 
_struct_site.pdbx_auth_seq_id 
_struct_site.pdbx_auth_ins_code 
_struct_site.pdbx_num_residues 
_struct_site.details 
AC1 Software A 64C 801 ? 11 'binding site for residue 64C A 801' 
AC2 Software A EDO 802 ? 7  'binding site for residue EDO A 802' 
# 
loop_
_struct_site_gen.id 
_struct_site_gen.site_id 
_struct_site_gen.pdbx_num_res 
_struct_site_gen.label_comp_id 
_struct_site_gen.label_asym_id 
_struct_site_gen.label_seq_id 
_struct_site_gen.pdbx_auth_ins_code 
_struct_site_gen.auth_comp_id 
_struct_site_gen.auth_asym_id 
_struct_site_gen.auth_seq_id 
_struct_site_gen.label_atom_id 
_struct_site_gen.label_alt_id 
_struct_site_gen.symmetry 
_struct_site_gen.details 
1  AC1 11 ILE A 41  ? ILE A 683 . ? 1_555 ? 
2  AC1 11 PHE A 42  ? PHE A 684 . ? 1_555 ? 
3  AC1 11 TYR A 54  ? TYR A 696 . ? 1_555 ? 
4  AC1 11 MET A 62  ? MET A 704 . ? 1_555 ? 
5  AC1 11 ASP A 63  ? ASP A 705 . ? 1_555 ? 
6  AC1 11 MET A 89  ? MET A 731 . ? 1_555 ? 
7  AC1 11 ALA A 93  ? ALA A 735 . ? 1_555 ? 
8  AC1 11 TYR A 96  ? TYR A 738 . ? 1_555 ? 
9  AC1 11 ASN A 97  ? ASN A 739 . ? 1_555 ? 
10 AC1 11 HOH D .   ? HOH A 906 . ? 1_555 ? 
11 AC1 11 HOH D .   ? HOH A 944 . ? 1_555 ? 
12 AC2 7  ILE A 41  ? ILE A 683 . ? 1_555 ? 
13 AC2 7  ILE A 41  ? ILE A 683 . ? 3_655 ? 
14 AC2 7  LEU A 102 ? LEU A 744 . ? 1_555 ? 
15 AC2 7  ILE A 103 ? ILE A 745 . ? 1_555 ? 
16 AC2 7  ASP A 106 ? ASP A 748 . ? 1_555 ? 
17 AC2 7  HOH D .   ? HOH A 912 . ? 1_555 ? 
18 AC2 7  HOH D .   ? HOH A 927 . ? 1_555 ? 
# 
_pdbx_validate_close_contact.id               1 
_pdbx_validate_close_contact.PDB_model_num    1 
_pdbx_validate_close_contact.auth_atom_id_1   NH2 
_pdbx_validate_close_contact.auth_asym_id_1   A 
_pdbx_validate_close_contact.auth_comp_id_1   ARG 
_pdbx_validate_close_contact.auth_seq_id_1    690 
_pdbx_validate_close_contact.PDB_ins_code_1   ? 
_pdbx_validate_close_contact.label_alt_id_1   B 
_pdbx_validate_close_contact.auth_atom_id_2   O 
_pdbx_validate_close_contact.auth_asym_id_2   A 
_pdbx_validate_close_contact.auth_comp_id_2   HOH 
_pdbx_validate_close_contact.auth_seq_id_2    901 
_pdbx_validate_close_contact.PDB_ins_code_2   ? 
_pdbx_validate_close_contact.label_alt_id_2   ? 
_pdbx_validate_close_contact.dist             1.82 
# 
loop_
_pdbx_unobs_or_zero_occ_residues.id 
_pdbx_unobs_or_zero_occ_residues.PDB_model_num 
_pdbx_unobs_or_zero_occ_residues.polymer_flag 
_pdbx_unobs_or_zero_occ_residues.occupancy_flag 
_pdbx_unobs_or_zero_occ_residues.auth_asym_id 
_pdbx_unobs_or_zero_occ_residues.auth_comp_id 
_pdbx_unobs_or_zero_occ_residues.auth_seq_id 
_pdbx_unobs_or_zero_occ_residues.PDB_ins_code 
_pdbx_unobs_or_zero_occ_residues.label_asym_id 
_pdbx_unobs_or_zero_occ_residues.label_comp_id 
_pdbx_unobs_or_zero_occ_residues.label_seq_id 
1 1 Y 1 A SER 643 ? A SER 1 
2 1 Y 1 A MET 644 ? A MET 2 
3 1 Y 1 A SER 645 ? A SER 3 
4 1 Y 1 A GLY 646 ? A GLY 4 
5 1 Y 1 A ILE 647 ? A ILE 5 
6 1 Y 1 A SER 648 ? A SER 6 
7 1 Y 1 A PRO 649 ? A PRO 7 
8 1 Y 1 A LYS 650 ? A LYS 8 
9 1 Y 1 A LYS 651 ? A LYS 9 
# 
loop_
_chem_comp_atom.comp_id 
_chem_comp_atom.atom_id 
_chem_comp_atom.type_symbol 
_chem_comp_atom.pdbx_aromatic_flag 
_chem_comp_atom.pdbx_stereo_config 
_chem_comp_atom.pdbx_ordinal 
64C CAG  C Y N 1   
64C CAD  C Y N 2   
64C CAC  C Y N 3   
64C CAB  C Y N 4   
64C CAA  C Y N 5   
64C CAF  C Y N 6   
64C CAE  C Y N 7   
64C CAJ  C N N 8   
64C OAK  O N N 9   
64C OAI  O N N 10  
64C CAH  C Y N 11  
64C NAN  N Y N 12  
64C NAM  N Y N 13  
64C CAL  C Y N 14  
64C CAO  C N N 15  
64C CAP  C N N 16  
64C H1   H N N 17  
64C H2   H N N 18  
64C H3   H N N 19  
64C H4   H N N 20  
64C H5   H N N 21  
64C H6   H N N 22  
64C H7   H N N 23  
64C H8   H N N 24  
64C H9   H N N 25  
64C H10  H N N 26  
ALA N    N N N 27  
ALA CA   C N S 28  
ALA C    C N N 29  
ALA O    O N N 30  
ALA CB   C N N 31  
ALA OXT  O N N 32  
ALA H    H N N 33  
ALA H2   H N N 34  
ALA HA   H N N 35  
ALA HB1  H N N 36  
ALA HB2  H N N 37  
ALA HB3  H N N 38  
ALA HXT  H N N 39  
ARG N    N N N 40  
ARG CA   C N S 41  
ARG C    C N N 42  
ARG O    O N N 43  
ARG CB   C N N 44  
ARG CG   C N N 45  
ARG CD   C N N 46  
ARG NE   N N N 47  
ARG CZ   C N N 48  
ARG NH1  N N N 49  
ARG NH2  N N N 50  
ARG OXT  O N N 51  
ARG H    H N N 52  
ARG H2   H N N 53  
ARG HA   H N N 54  
ARG HB2  H N N 55  
ARG HB3  H N N 56  
ARG HG2  H N N 57  
ARG HG3  H N N 58  
ARG HD2  H N N 59  
ARG HD3  H N N 60  
ARG HE   H N N 61  
ARG HH11 H N N 62  
ARG HH12 H N N 63  
ARG HH21 H N N 64  
ARG HH22 H N N 65  
ARG HXT  H N N 66  
ASN N    N N N 67  
ASN CA   C N S 68  
ASN C    C N N 69  
ASN O    O N N 70  
ASN CB   C N N 71  
ASN CG   C N N 72  
ASN OD1  O N N 73  
ASN ND2  N N N 74  
ASN OXT  O N N 75  
ASN H    H N N 76  
ASN H2   H N N 77  
ASN HA   H N N 78  
ASN HB2  H N N 79  
ASN HB3  H N N 80  
ASN HD21 H N N 81  
ASN HD22 H N N 82  
ASN HXT  H N N 83  
ASP N    N N N 84  
ASP CA   C N S 85  
ASP C    C N N 86  
ASP O    O N N 87  
ASP CB   C N N 88  
ASP CG   C N N 89  
ASP OD1  O N N 90  
ASP OD2  O N N 91  
ASP OXT  O N N 92  
ASP H    H N N 93  
ASP H2   H N N 94  
ASP HA   H N N 95  
ASP HB2  H N N 96  
ASP HB3  H N N 97  
ASP HD2  H N N 98  
ASP HXT  H N N 99  
CYS N    N N N 100 
CYS CA   C N R 101 
CYS C    C N N 102 
CYS O    O N N 103 
CYS CB   C N N 104 
CYS SG   S N N 105 
CYS OXT  O N N 106 
CYS H    H N N 107 
CYS H2   H N N 108 
CYS HA   H N N 109 
CYS HB2  H N N 110 
CYS HB3  H N N 111 
CYS HG   H N N 112 
CYS HXT  H N N 113 
EDO C1   C N N 114 
EDO O1   O N N 115 
EDO C2   C N N 116 
EDO O2   O N N 117 
EDO H11  H N N 118 
EDO H12  H N N 119 
EDO HO1  H N N 120 
EDO H21  H N N 121 
EDO H22  H N N 122 
EDO HO2  H N N 123 
GLN N    N N N 124 
GLN CA   C N S 125 
GLN C    C N N 126 
GLN O    O N N 127 
GLN CB   C N N 128 
GLN CG   C N N 129 
GLN CD   C N N 130 
GLN OE1  O N N 131 
GLN NE2  N N N 132 
GLN OXT  O N N 133 
GLN H    H N N 134 
GLN H2   H N N 135 
GLN HA   H N N 136 
GLN HB2  H N N 137 
GLN HB3  H N N 138 
GLN HG2  H N N 139 
GLN HG3  H N N 140 
GLN HE21 H N N 141 
GLN HE22 H N N 142 
GLN HXT  H N N 143 
GLU N    N N N 144 
GLU CA   C N S 145 
GLU C    C N N 146 
GLU O    O N N 147 
GLU CB   C N N 148 
GLU CG   C N N 149 
GLU CD   C N N 150 
GLU OE1  O N N 151 
GLU OE2  O N N 152 
GLU OXT  O N N 153 
GLU H    H N N 154 
GLU H2   H N N 155 
GLU HA   H N N 156 
GLU HB2  H N N 157 
GLU HB3  H N N 158 
GLU HG2  H N N 159 
GLU HG3  H N N 160 
GLU HE2  H N N 161 
GLU HXT  H N N 162 
GLY N    N N N 163 
GLY CA   C N N 164 
GLY C    C N N 165 
GLY O    O N N 166 
GLY OXT  O N N 167 
GLY H    H N N 168 
GLY H2   H N N 169 
GLY HA2  H N N 170 
GLY HA3  H N N 171 
GLY HXT  H N N 172 
HIS N    N N N 173 
HIS CA   C N S 174 
HIS C    C N N 175 
HIS O    O N N 176 
HIS CB   C N N 177 
HIS CG   C Y N 178 
HIS ND1  N Y N 179 
HIS CD2  C Y N 180 
HIS CE1  C Y N 181 
HIS NE2  N Y N 182 
HIS OXT  O N N 183 
HIS H    H N N 184 
HIS H2   H N N 185 
HIS HA   H N N 186 
HIS HB2  H N N 187 
HIS HB3  H N N 188 
HIS HD1  H N N 189 
HIS HD2  H N N 190 
HIS HE1  H N N 191 
HIS HE2  H N N 192 
HIS HXT  H N N 193 
HOH O    O N N 194 
HOH H1   H N N 195 
HOH H2   H N N 196 
ILE N    N N N 197 
ILE CA   C N S 198 
ILE C    C N N 199 
ILE O    O N N 200 
ILE CB   C N S 201 
ILE CG1  C N N 202 
ILE CG2  C N N 203 
ILE CD1  C N N 204 
ILE OXT  O N N 205 
ILE H    H N N 206 
ILE H2   H N N 207 
ILE HA   H N N 208 
ILE HB   H N N 209 
ILE HG12 H N N 210 
ILE HG13 H N N 211 
ILE HG21 H N N 212 
ILE HG22 H N N 213 
ILE HG23 H N N 214 
ILE HD11 H N N 215 
ILE HD12 H N N 216 
ILE HD13 H N N 217 
ILE HXT  H N N 218 
LEU N    N N N 219 
LEU CA   C N S 220 
LEU C    C N N 221 
LEU O    O N N 222 
LEU CB   C N N 223 
LEU CG   C N N 224 
LEU CD1  C N N 225 
LEU CD2  C N N 226 
LEU OXT  O N N 227 
LEU H    H N N 228 
LEU H2   H N N 229 
LEU HA   H N N 230 
LEU HB2  H N N 231 
LEU HB3  H N N 232 
LEU HG   H N N 233 
LEU HD11 H N N 234 
LEU HD12 H N N 235 
LEU HD13 H N N 236 
LEU HD21 H N N 237 
LEU HD22 H N N 238 
LEU HD23 H N N 239 
LEU HXT  H N N 240 
LYS N    N N N 241 
LYS CA   C N S 242 
LYS C    C N N 243 
LYS O    O N N 244 
LYS CB   C N N 245 
LYS CG   C N N 246 
LYS CD   C N N 247 
LYS CE   C N N 248 
LYS NZ   N N N 249 
LYS OXT  O N N 250 
LYS H    H N N 251 
LYS H2   H N N 252 
LYS HA   H N N 253 
LYS HB2  H N N 254 
LYS HB3  H N N 255 
LYS HG2  H N N 256 
LYS HG3  H N N 257 
LYS HD2  H N N 258 
LYS HD3  H N N 259 
LYS HE2  H N N 260 
LYS HE3  H N N 261 
LYS HZ1  H N N 262 
LYS HZ2  H N N 263 
LYS HZ3  H N N 264 
LYS HXT  H N N 265 
MET N    N N N 266 
MET CA   C N S 267 
MET C    C N N 268 
MET O    O N N 269 
MET CB   C N N 270 
MET CG   C N N 271 
MET SD   S N N 272 
MET CE   C N N 273 
MET OXT  O N N 274 
MET H    H N N 275 
MET H2   H N N 276 
MET HA   H N N 277 
MET HB2  H N N 278 
MET HB3  H N N 279 
MET HG2  H N N 280 
MET HG3  H N N 281 
MET HE1  H N N 282 
MET HE2  H N N 283 
MET HE3  H N N 284 
MET HXT  H N N 285 
PHE N    N N N 286 
PHE CA   C N S 287 
PHE C    C N N 288 
PHE O    O N N 289 
PHE CB   C N N 290 
PHE CG   C Y N 291 
PHE CD1  C Y N 292 
PHE CD2  C Y N 293 
PHE CE1  C Y N 294 
PHE CE2  C Y N 295 
PHE CZ   C Y N 296 
PHE OXT  O N N 297 
PHE H    H N N 298 
PHE H2   H N N 299 
PHE HA   H N N 300 
PHE HB2  H N N 301 
PHE HB3  H N N 302 
PHE HD1  H N N 303 
PHE HD2  H N N 304 
PHE HE1  H N N 305 
PHE HE2  H N N 306 
PHE HZ   H N N 307 
PHE HXT  H N N 308 
PRO N    N N N 309 
PRO CA   C N S 310 
PRO C    C N N 311 
PRO O    O N N 312 
PRO CB   C N N 313 
PRO CG   C N N 314 
PRO CD   C N N 315 
PRO OXT  O N N 316 
PRO H    H N N 317 
PRO HA   H N N 318 
PRO HB2  H N N 319 
PRO HB3  H N N 320 
PRO HG2  H N N 321 
PRO HG3  H N N 322 
PRO HD2  H N N 323 
PRO HD3  H N N 324 
PRO HXT  H N N 325 
SER N    N N N 326 
SER CA   C N S 327 
SER C    C N N 328 
SER O    O N N 329 
SER CB   C N N 330 
SER OG   O N N 331 
SER OXT  O N N 332 
SER H    H N N 333 
SER H2   H N N 334 
SER HA   H N N 335 
SER HB2  H N N 336 
SER HB3  H N N 337 
SER HG   H N N 338 
SER HXT  H N N 339 
THR N    N N N 340 
THR CA   C N S 341 
THR C    C N N 342 
THR O    O N N 343 
THR CB   C N R 344 
THR OG1  O N N 345 
THR CG2  C N N 346 
THR OXT  O N N 347 
THR H    H N N 348 
THR H2   H N N 349 
THR HA   H N N 350 
THR HB   H N N 351 
THR HG1  H N N 352 
THR HG21 H N N 353 
THR HG22 H N N 354 
THR HG23 H N N 355 
THR HXT  H N N 356 
TYR N    N N N 357 
TYR CA   C N S 358 
TYR C    C N N 359 
TYR O    O N N 360 
TYR CB   C N N 361 
TYR CG   C Y N 362 
TYR CD1  C Y N 363 
TYR CD2  C Y N 364 
TYR CE1  C Y N 365 
TYR CE2  C Y N 366 
TYR CZ   C Y N 367 
TYR OH   O N N 368 
TYR OXT  O N N 369 
TYR H    H N N 370 
TYR H2   H N N 371 
TYR HA   H N N 372 
TYR HB2  H N N 373 
TYR HB3  H N N 374 
TYR HD1  H N N 375 
TYR HD2  H N N 376 
TYR HE1  H N N 377 
TYR HE2  H N N 378 
TYR HH   H N N 379 
TYR HXT  H N N 380 
VAL N    N N N 381 
VAL CA   C N S 382 
VAL C    C N N 383 
VAL O    O N N 384 
VAL CB   C N N 385 
VAL CG1  C N N 386 
VAL CG2  C N N 387 
VAL OXT  O N N 388 
VAL H    H N N 389 
VAL H2   H N N 390 
VAL HA   H N N 391 
VAL HB   H N N 392 
VAL HG11 H N N 393 
VAL HG12 H N N 394 
VAL HG13 H N N 395 
VAL HG21 H N N 396 
VAL HG22 H N N 397 
VAL HG23 H N N 398 
VAL HXT  H N N 399 
# 
loop_
_chem_comp_bond.comp_id 
_chem_comp_bond.atom_id_1 
_chem_comp_bond.atom_id_2 
_chem_comp_bond.value_order 
_chem_comp_bond.pdbx_aromatic_flag 
_chem_comp_bond.pdbx_stereo_config 
_chem_comp_bond.pdbx_ordinal 
64C OAK CAJ  doub N N 1   
64C CAJ OAI  sing N N 2   
64C CAJ CAE  sing N N 3   
64C OAI CAH  sing N N 4   
64C CAF CAE  doub Y N 5   
64C CAF CAA  sing Y N 6   
64C CAE CAD  sing Y N 7   
64C CAH NAN  sing Y N 8   
64C CAH CAG  doub Y N 9   
64C NAN NAM  sing Y N 10  
64C CAA CAB  doub Y N 11  
64C CAD CAG  sing N N 12  
64C CAD CAC  doub Y N 13  
64C CAG CAL  sing Y N 14  
64C NAM CAL  doub Y N 15  
64C CAB CAC  sing Y N 16  
64C CAL CAO  sing N N 17  
64C CAO CAP  sing N N 18  
64C CAC H1   sing N N 19  
64C CAB H2   sing N N 20  
64C CAA H3   sing N N 21  
64C CAF H4   sing N N 22  
64C NAN H5   sing N N 23  
64C CAO H6   sing N N 24  
64C CAO H7   sing N N 25  
64C CAP H8   sing N N 26  
64C CAP H9   sing N N 27  
64C CAP H10  sing N N 28  
ALA N   CA   sing N N 29  
ALA N   H    sing N N 30  
ALA N   H2   sing N N 31  
ALA CA  C    sing N N 32  
ALA CA  CB   sing N N 33  
ALA CA  HA   sing N N 34  
ALA C   O    doub N N 35  
ALA C   OXT  sing N N 36  
ALA CB  HB1  sing N N 37  
ALA CB  HB2  sing N N 38  
ALA CB  HB3  sing N N 39  
ALA OXT HXT  sing N N 40  
ARG N   CA   sing N N 41  
ARG N   H    sing N N 42  
ARG N   H2   sing N N 43  
ARG CA  C    sing N N 44  
ARG CA  CB   sing N N 45  
ARG CA  HA   sing N N 46  
ARG C   O    doub N N 47  
ARG C   OXT  sing N N 48  
ARG CB  CG   sing N N 49  
ARG CB  HB2  sing N N 50  
ARG CB  HB3  sing N N 51  
ARG CG  CD   sing N N 52  
ARG CG  HG2  sing N N 53  
ARG CG  HG3  sing N N 54  
ARG CD  NE   sing N N 55  
ARG CD  HD2  sing N N 56  
ARG CD  HD3  sing N N 57  
ARG NE  CZ   sing N N 58  
ARG NE  HE   sing N N 59  
ARG CZ  NH1  sing N N 60  
ARG CZ  NH2  doub N N 61  
ARG NH1 HH11 sing N N 62  
ARG NH1 HH12 sing N N 63  
ARG NH2 HH21 sing N N 64  
ARG NH2 HH22 sing N N 65  
ARG OXT HXT  sing N N 66  
ASN N   CA   sing N N 67  
ASN N   H    sing N N 68  
ASN N   H2   sing N N 69  
ASN CA  C    sing N N 70  
ASN CA  CB   sing N N 71  
ASN CA  HA   sing N N 72  
ASN C   O    doub N N 73  
ASN C   OXT  sing N N 74  
ASN CB  CG   sing N N 75  
ASN CB  HB2  sing N N 76  
ASN CB  HB3  sing N N 77  
ASN CG  OD1  doub N N 78  
ASN CG  ND2  sing N N 79  
ASN ND2 HD21 sing N N 80  
ASN ND2 HD22 sing N N 81  
ASN OXT HXT  sing N N 82  
ASP N   CA   sing N N 83  
ASP N   H    sing N N 84  
ASP N   H2   sing N N 85  
ASP CA  C    sing N N 86  
ASP CA  CB   sing N N 87  
ASP CA  HA   sing N N 88  
ASP C   O    doub N N 89  
ASP C   OXT  sing N N 90  
ASP CB  CG   sing N N 91  
ASP CB  HB2  sing N N 92  
ASP CB  HB3  sing N N 93  
ASP CG  OD1  doub N N 94  
ASP CG  OD2  sing N N 95  
ASP OD2 HD2  sing N N 96  
ASP OXT HXT  sing N N 97  
CYS N   CA   sing N N 98  
CYS N   H    sing N N 99  
CYS N   H2   sing N N 100 
CYS CA  C    sing N N 101 
CYS CA  CB   sing N N 102 
CYS CA  HA   sing N N 103 
CYS C   O    doub N N 104 
CYS C   OXT  sing N N 105 
CYS CB  SG   sing N N 106 
CYS CB  HB2  sing N N 107 
CYS CB  HB3  sing N N 108 
CYS SG  HG   sing N N 109 
CYS OXT HXT  sing N N 110 
EDO C1  O1   sing N N 111 
EDO C1  C2   sing N N 112 
EDO C1  H11  sing N N 113 
EDO C1  H12  sing N N 114 
EDO O1  HO1  sing N N 115 
EDO C2  O2   sing N N 116 
EDO C2  H21  sing N N 117 
EDO C2  H22  sing N N 118 
EDO O2  HO2  sing N N 119 
GLN N   CA   sing N N 120 
GLN N   H    sing N N 121 
GLN N   H2   sing N N 122 
GLN CA  C    sing N N 123 
GLN CA  CB   sing N N 124 
GLN CA  HA   sing N N 125 
GLN C   O    doub N N 126 
GLN C   OXT  sing N N 127 
GLN CB  CG   sing N N 128 
GLN CB  HB2  sing N N 129 
GLN CB  HB3  sing N N 130 
GLN CG  CD   sing N N 131 
GLN CG  HG2  sing N N 132 
GLN CG  HG3  sing N N 133 
GLN CD  OE1  doub N N 134 
GLN CD  NE2  sing N N 135 
GLN NE2 HE21 sing N N 136 
GLN NE2 HE22 sing N N 137 
GLN OXT HXT  sing N N 138 
GLU N   CA   sing N N 139 
GLU N   H    sing N N 140 
GLU N   H2   sing N N 141 
GLU CA  C    sing N N 142 
GLU CA  CB   sing N N 143 
GLU CA  HA   sing N N 144 
GLU C   O    doub N N 145 
GLU C   OXT  sing N N 146 
GLU CB  CG   sing N N 147 
GLU CB  HB2  sing N N 148 
GLU CB  HB3  sing N N 149 
GLU CG  CD   sing N N 150 
GLU CG  HG2  sing N N 151 
GLU CG  HG3  sing N N 152 
GLU CD  OE1  doub N N 153 
GLU CD  OE2  sing N N 154 
GLU OE2 HE2  sing N N 155 
GLU OXT HXT  sing N N 156 
GLY N   CA   sing N N 157 
GLY N   H    sing N N 158 
GLY N   H2   sing N N 159 
GLY CA  C    sing N N 160 
GLY CA  HA2  sing N N 161 
GLY CA  HA3  sing N N 162 
GLY C   O    doub N N 163 
GLY C   OXT  sing N N 164 
GLY OXT HXT  sing N N 165 
HIS N   CA   sing N N 166 
HIS N   H    sing N N 167 
HIS N   H2   sing N N 168 
HIS CA  C    sing N N 169 
HIS CA  CB   sing N N 170 
HIS CA  HA   sing N N 171 
HIS C   O    doub N N 172 
HIS C   OXT  sing N N 173 
HIS CB  CG   sing N N 174 
HIS CB  HB2  sing N N 175 
HIS CB  HB3  sing N N 176 
HIS CG  ND1  sing Y N 177 
HIS CG  CD2  doub Y N 178 
HIS ND1 CE1  doub Y N 179 
HIS ND1 HD1  sing N N 180 
HIS CD2 NE2  sing Y N 181 
HIS CD2 HD2  sing N N 182 
HIS CE1 NE2  sing Y N 183 
HIS CE1 HE1  sing N N 184 
HIS NE2 HE2  sing N N 185 
HIS OXT HXT  sing N N 186 
HOH O   H1   sing N N 187 
HOH O   H2   sing N N 188 
ILE N   CA   sing N N 189 
ILE N   H    sing N N 190 
ILE N   H2   sing N N 191 
ILE CA  C    sing N N 192 
ILE CA  CB   sing N N 193 
ILE CA  HA   sing N N 194 
ILE C   O    doub N N 195 
ILE C   OXT  sing N N 196 
ILE CB  CG1  sing N N 197 
ILE CB  CG2  sing N N 198 
ILE CB  HB   sing N N 199 
ILE CG1 CD1  sing N N 200 
ILE CG1 HG12 sing N N 201 
ILE CG1 HG13 sing N N 202 
ILE CG2 HG21 sing N N 203 
ILE CG2 HG22 sing N N 204 
ILE CG2 HG23 sing N N 205 
ILE CD1 HD11 sing N N 206 
ILE CD1 HD12 sing N N 207 
ILE CD1 HD13 sing N N 208 
ILE OXT HXT  sing N N 209 
LEU N   CA   sing N N 210 
LEU N   H    sing N N 211 
LEU N   H2   sing N N 212 
LEU CA  C    sing N N 213 
LEU CA  CB   sing N N 214 
LEU CA  HA   sing N N 215 
LEU C   O    doub N N 216 
LEU C   OXT  sing N N 217 
LEU CB  CG   sing N N 218 
LEU CB  HB2  sing N N 219 
LEU CB  HB3  sing N N 220 
LEU CG  CD1  sing N N 221 
LEU CG  CD2  sing N N 222 
LEU CG  HG   sing N N 223 
LEU CD1 HD11 sing N N 224 
LEU CD1 HD12 sing N N 225 
LEU CD1 HD13 sing N N 226 
LEU CD2 HD21 sing N N 227 
LEU CD2 HD22 sing N N 228 
LEU CD2 HD23 sing N N 229 
LEU OXT HXT  sing N N 230 
LYS N   CA   sing N N 231 
LYS N   H    sing N N 232 
LYS N   H2   sing N N 233 
LYS CA  C    sing N N 234 
LYS CA  CB   sing N N 235 
LYS CA  HA   sing N N 236 
LYS C   O    doub N N 237 
LYS C   OXT  sing N N 238 
LYS CB  CG   sing N N 239 
LYS CB  HB2  sing N N 240 
LYS CB  HB3  sing N N 241 
LYS CG  CD   sing N N 242 
LYS CG  HG2  sing N N 243 
LYS CG  HG3  sing N N 244 
LYS CD  CE   sing N N 245 
LYS CD  HD2  sing N N 246 
LYS CD  HD3  sing N N 247 
LYS CE  NZ   sing N N 248 
LYS CE  HE2  sing N N 249 
LYS CE  HE3  sing N N 250 
LYS NZ  HZ1  sing N N 251 
LYS NZ  HZ2  sing N N 252 
LYS NZ  HZ3  sing N N 253 
LYS OXT HXT  sing N N 254 
MET N   CA   sing N N 255 
MET N   H    sing N N 256 
MET N   H2   sing N N 257 
MET CA  C    sing N N 258 
MET CA  CB   sing N N 259 
MET CA  HA   sing N N 260 
MET C   O    doub N N 261 
MET C   OXT  sing N N 262 
MET CB  CG   sing N N 263 
MET CB  HB2  sing N N 264 
MET CB  HB3  sing N N 265 
MET CG  SD   sing N N 266 
MET CG  HG2  sing N N 267 
MET CG  HG3  sing N N 268 
MET SD  CE   sing N N 269 
MET CE  HE1  sing N N 270 
MET CE  HE2  sing N N 271 
MET CE  HE3  sing N N 272 
MET OXT HXT  sing N N 273 
PHE N   CA   sing N N 274 
PHE N   H    sing N N 275 
PHE N   H2   sing N N 276 
PHE CA  C    sing N N 277 
PHE CA  CB   sing N N 278 
PHE CA  HA   sing N N 279 
PHE C   O    doub N N 280 
PHE C   OXT  sing N N 281 
PHE CB  CG   sing N N 282 
PHE CB  HB2  sing N N 283 
PHE CB  HB3  sing N N 284 
PHE CG  CD1  doub Y N 285 
PHE CG  CD2  sing Y N 286 
PHE CD1 CE1  sing Y N 287 
PHE CD1 HD1  sing N N 288 
PHE CD2 CE2  doub Y N 289 
PHE CD2 HD2  sing N N 290 
PHE CE1 CZ   doub Y N 291 
PHE CE1 HE1  sing N N 292 
PHE CE2 CZ   sing Y N 293 
PHE CE2 HE2  sing N N 294 
PHE CZ  HZ   sing N N 295 
PHE OXT HXT  sing N N 296 
PRO N   CA   sing N N 297 
PRO N   CD   sing N N 298 
PRO N   H    sing N N 299 
PRO CA  C    sing N N 300 
PRO CA  CB   sing N N 301 
PRO CA  HA   sing N N 302 
PRO C   O    doub N N 303 
PRO C   OXT  sing N N 304 
PRO CB  CG   sing N N 305 
PRO CB  HB2  sing N N 306 
PRO CB  HB3  sing N N 307 
PRO CG  CD   sing N N 308 
PRO CG  HG2  sing N N 309 
PRO CG  HG3  sing N N 310 
PRO CD  HD2  sing N N 311 
PRO CD  HD3  sing N N 312 
PRO OXT HXT  sing N N 313 
SER N   CA   sing N N 314 
SER N   H    sing N N 315 
SER N   H2   sing N N 316 
SER CA  C    sing N N 317 
SER CA  CB   sing N N 318 
SER CA  HA   sing N N 319 
SER C   O    doub N N 320 
SER C   OXT  sing N N 321 
SER CB  OG   sing N N 322 
SER CB  HB2  sing N N 323 
SER CB  HB3  sing N N 324 
SER OG  HG   sing N N 325 
SER OXT HXT  sing N N 326 
THR N   CA   sing N N 327 
THR N   H    sing N N 328 
THR N   H2   sing N N 329 
THR CA  C    sing N N 330 
THR CA  CB   sing N N 331 
THR CA  HA   sing N N 332 
THR C   O    doub N N 333 
THR C   OXT  sing N N 334 
THR CB  OG1  sing N N 335 
THR CB  CG2  sing N N 336 
THR CB  HB   sing N N 337 
THR OG1 HG1  sing N N 338 
THR CG2 HG21 sing N N 339 
THR CG2 HG22 sing N N 340 
THR CG2 HG23 sing N N 341 
THR OXT HXT  sing N N 342 
TYR N   CA   sing N N 343 
TYR N   H    sing N N 344 
TYR N   H2   sing N N 345 
TYR CA  C    sing N N 346 
TYR CA  CB   sing N N 347 
TYR CA  HA   sing N N 348 
TYR C   O    doub N N 349 
TYR C   OXT  sing N N 350 
TYR CB  CG   sing N N 351 
TYR CB  HB2  sing N N 352 
TYR CB  HB3  sing N N 353 
TYR CG  CD1  doub Y N 354 
TYR CG  CD2  sing Y N 355 
TYR CD1 CE1  sing Y N 356 
TYR CD1 HD1  sing N N 357 
TYR CD2 CE2  doub Y N 358 
TYR CD2 HD2  sing N N 359 
TYR CE1 CZ   doub Y N 360 
TYR CE1 HE1  sing N N 361 
TYR CE2 CZ   sing Y N 362 
TYR CE2 HE2  sing N N 363 
TYR CZ  OH   sing N N 364 
TYR OH  HH   sing N N 365 
TYR OXT HXT  sing N N 366 
VAL N   CA   sing N N 367 
VAL N   H    sing N N 368 
VAL N   H2   sing N N 369 
VAL CA  C    sing N N 370 
VAL CA  CB   sing N N 371 
VAL CA  HA   sing N N 372 
VAL C   O    doub N N 373 
VAL C   OXT  sing N N 374 
VAL CB  CG1  sing N N 375 
VAL CB  CG2  sing N N 376 
VAL CB  HB   sing N N 377 
VAL CG1 HG11 sing N N 378 
VAL CG1 HG12 sing N N 379 
VAL CG1 HG13 sing N N 380 
VAL CG2 HG21 sing N N 381 
VAL CG2 HG22 sing N N 382 
VAL CG2 HG23 sing N N 383 
VAL OXT HXT  sing N N 384 
# 
_pdbx_initial_refinement_model.id               1 
_pdbx_initial_refinement_model.entity_id_list   ? 
_pdbx_initial_refinement_model.type             'experimental model' 
_pdbx_initial_refinement_model.source_name      PDB 
_pdbx_initial_refinement_model.accession_code   3G0J 
_pdbx_initial_refinement_model.details          ? 
# 
_atom_sites.entry_id                    5HRV 
_atom_sites.fract_transf_matrix[1][1]   -0.00104514 
_atom_sites.fract_transf_matrix[1][2]   0.01662081 
_atom_sites.fract_transf_matrix[1][3]   -0.00466990 
_atom_sites.fract_transf_matrix[2][1]   -0.00699066 
_atom_sites.fract_transf_matrix[2][2]   -0.00004712 
_atom_sites.fract_transf_matrix[2][3]   0.00139682 
_atom_sites.fract_transf_matrix[3][1]   0.00448834 
_atom_sites.fract_transf_matrix[3][2]   0.00665663 
_atom_sites.fract_transf_matrix[3][3]   0.02268736 
_atom_sites.fract_transf_vector[1]      0.297883 
_atom_sites.fract_transf_vector[2]      0.154564 
_atom_sites.fract_transf_vector[3]      0.107442 
# 
loop_
_atom_type.symbol 
C 
N 
O 
S 
# 
loop_
_atom_site.group_PDB 
_atom_site.id 
_atom_site.type_symbol 
_atom_site.label_atom_id 
_atom_site.label_alt_id 
_atom_site.label_comp_id 
_atom_site.label_asym_id 
_atom_site.label_entity_id 
_atom_site.label_seq_id 
_atom_site.pdbx_PDB_ins_code 
_atom_site.Cartn_x 
_atom_site.Cartn_y 
_atom_site.Cartn_z 
_atom_site.occupancy 
_atom_site.B_iso_or_equiv 
_atom_site.pdbx_formal_charge 
_atom_site.auth_seq_id 
_atom_site.auth_comp_id 
_atom_site.auth_asym_id 
_atom_site.auth_atom_id 
_atom_site.pdbx_PDB_model_num 
ATOM   1    N N   . SER A 1 10  ? 26.022  -5.685  0.881   1.00 56.92  ? 652 SER A N   1 
ATOM   2    C CA  . SER A 1 10  ? 25.377  -4.985  2.033   1.00 54.47  ? 652 SER A CA  1 
ATOM   3    C C   . SER A 1 10  ? 24.660  -3.723  1.560   1.00 53.76  ? 652 SER A C   1 
ATOM   4    O O   . SER A 1 10  ? 23.489  -3.537  1.852   1.00 54.03  ? 652 SER A O   1 
ATOM   5    C CB  . SER A 1 10  ? 26.389  -4.665  3.121   1.00 56.86  ? 652 SER A CB  1 
ATOM   6    O OG  . SER A 1 10  ? 25.743  -4.392  4.342   1.00 54.49  ? 652 SER A OG  1 
ATOM   7    N N   . LYS A 1 11  ? 25.361  -2.856  0.830   1.00 46.29  ? 653 LYS A N   1 
ATOM   8    C CA  . LYS A 1 11  ? 24.706  -1.874  -0.062  1.00 44.93  ? 653 LYS A CA  1 
ATOM   9    C C   . LYS A 1 11  ? 23.776  -2.545  -1.062  1.00 37.34  ? 653 LYS A C   1 
ATOM   10   O O   . LYS A 1 11  ? 22.775  -1.971  -1.453  1.00 38.67  ? 653 LYS A O   1 
ATOM   11   C CB  . LYS A 1 11  ? 25.740  -1.152  -0.943  1.00 48.88  ? 653 LYS A CB  1 
ATOM   12   C CG  . LYS A 1 11  ? 26.273  0.161   -0.416  1.00 50.87  ? 653 LYS A CG  1 
ATOM   13   C CD  . LYS A 1 11  ? 26.732  1.049   -1.567  1.00 47.52  ? 653 LYS A CD  1 
ATOM   14   C CE  . LYS A 1 11  ? 27.690  0.376   -2.550  1.00 44.69  ? 653 LYS A CE  1 
ATOM   15   N NZ  . LYS A 1 11  ? 28.296  1.401   -3.451  1.00 41.73  ? 653 LYS A NZ  1 
ATOM   16   N N   . TYR A 1 12  ? 24.172  -3.720  -1.539  1.00 31.75  ? 654 TYR A N   1 
ATOM   17   C CA  . TYR A 1 12  ? 23.581  -4.329  -2.710  1.00 30.89  ? 654 TYR A CA  1 
ATOM   18   C C   . TYR A 1 12  ? 22.398  -5.204  -2.322  1.00 32.53  ? 654 TYR A C   1 
ATOM   19   O O   . TYR A 1 12  ? 22.559  -6.147  -1.563  1.00 32.61  ? 654 TYR A O   1 
ATOM   20   C CB  . TYR A 1 12  ? 24.612  -5.192  -3.440  1.00 30.71  ? 654 TYR A CB  1 
ATOM   21   C CG  . TYR A 1 12  ? 25.860  -4.420  -3.859  1.00 31.40  ? 654 TYR A CG  1 
ATOM   22   C CD1 . TYR A 1 12  ? 25.771  -3.381  -4.775  1.00 31.68  ? 654 TYR A CD1 1 
ATOM   23   C CD2 . TYR A 1 12  ? 27.112  -4.743  -3.357  1.00 33.36  ? 654 TYR A CD2 1 
ATOM   24   C CE1 . TYR A 1 12  ? 26.888  -2.669  -5.168  1.00 32.96  ? 654 TYR A CE1 1 
ATOM   25   C CE2 . TYR A 1 12  ? 28.252  -4.039  -3.754  1.00 33.47  ? 654 TYR A CE2 1 
ATOM   26   C CZ  . TYR A 1 12  ? 28.124  -3.002  -4.664  1.00 33.45  ? 654 TYR A CZ  1 
ATOM   27   O OH  . TYR A 1 12  ? 29.218  -2.273  -5.105  1.00 34.52  ? 654 TYR A OH  1 
ATOM   28   N N   . MET A 1 13  ? 21.241  -4.921  -2.900  1.00 30.70  ? 655 MET A N   1 
ATOM   29   C CA  . MET A 1 13  ? 20.024  -5.702  -2.648  1.00 31.69  ? 655 MET A CA  1 
ATOM   30   C C   . MET A 1 13  ? 20.003  -6.917  -3.551  1.00 28.67  ? 655 MET A C   1 
ATOM   31   O O   . MET A 1 13  ? 20.434  -6.867  -4.705  1.00 24.87  ? 655 MET A O   1 
ATOM   32   C CB  . MET A 1 13  ? 18.764  -4.870  -2.944  1.00 32.31  ? 655 MET A CB  1 
ATOM   33   C CG  . MET A 1 13  ? 18.446  -3.767  -1.947  1.00 37.34  ? 655 MET A CG  1 
ATOM   34   S SD  . MET A 1 13  ? 16.851  -3.002  -2.368  1.00 38.84  ? 655 MET A SD  1 
ATOM   35   C CE  . MET A 1 13  ? 17.217  -1.969  -3.781  1.00 40.20  ? 655 MET A CE  1 
ATOM   36   N N   . THR A 1 14  ? 19.431  -8.018  -3.065  1.00 26.21  ? 656 THR A N   1 
ATOM   37   C CA  . THR A 1 14  ? 19.132  -9.146  -3.938  1.00 23.92  ? 656 THR A CA  1 
ATOM   38   C C   . THR A 1 14  ? 18.079  -8.788  -4.964  1.00 24.25  ? 656 THR A C   1 
ATOM   39   O O   . THR A 1 14  ? 17.338  -7.783  -4.766  1.00 26.77  ? 656 THR A O   1 
ATOM   40   C CB  . THR A 1 14  ? 18.617  -10.375 -3.140  1.00 28.63  ? 656 THR A CB  1 
ATOM   41   O OG1 . THR A 1 14  ? 17.325  -10.036 -2.579  1.00 27.76  ? 656 THR A OG1 1 
ATOM   42   C CG2 . THR A 1 14  ? 19.571  -10.760 -2.035  1.00 28.92  ? 656 THR A CG2 1 
ATOM   43   N N   . PRO A 1 15  ? 17.954  -9.578  -6.038  1.00 24.49  ? 657 PRO A N   1 
ATOM   44   C CA  . PRO A 1 15  ? 16.920  -9.348  -7.026  1.00 25.28  ? 657 PRO A CA  1 
ATOM   45   C C   . PRO A 1 15  ? 15.492  -9.277  -6.416  1.00 26.91  ? 657 PRO A C   1 
ATOM   46   O O   . PRO A 1 15  ? 14.738  -8.390  -6.783  1.00 24.78  ? 657 PRO A O   1 
ATOM   47   C CB  . PRO A 1 15  ? 17.065  -10.516 -7.973  1.00 29.18  ? 657 PRO A CB  1 
ATOM   48   C CG  . PRO A 1 15  ? 18.525  -10.844 -7.909  1.00 28.13  ? 657 PRO A CG  1 
ATOM   49   C CD  . PRO A 1 15  ? 18.908  -10.633 -6.497  1.00 28.67  ? 657 PRO A CD  1 
ATOM   50   N N   . MET A 1 16  ? 15.160  -10.193 -5.499  1.00 26.69  ? 658 MET A N   1 
ATOM   51   C CA  . MET A 1 16  ? 13.850  -10.151 -4.812  1.00 27.98  ? 658 MET A CA  1 
ATOM   52   C C   . MET A 1 16  ? 13.670  -8.851  -4.037  1.00 25.05  ? 658 MET A C   1 
ATOM   53   O O   . MET A 1 16  ? 12.574  -8.227  -4.129  1.00 24.36  ? 658 MET A O   1 
ATOM   54   C CB  . MET A 1 16  ? 13.650  -11.342 -3.840  1.00 28.74  ? 658 MET A CB  1 
ATOM   55   C CG  . MET A 1 16  ? 12.224  -11.370 -3.213  1.00 32.05  ? 658 MET A CG  1 
ATOM   56   S SD  . MET A 1 16  ? 10.947  -11.563 -4.449  1.00 38.42  ? 658 MET A SD  1 
ATOM   57   C CE  . MET A 1 16  ? 11.076  -13.339 -4.725  1.00 42.28  ? 658 MET A CE  1 
ATOM   58   N N   . GLN A 1 17  ? 14.720  -8.420  -3.339  1.00 24.88  ? 659 GLN A N   1 
ATOM   59   C CA  . GLN A 1 17  ? 14.679  -7.171  -2.570  1.00 24.44  ? 659 GLN A CA  1 
ATOM   60   C C   . GLN A 1 17  ? 14.490  -5.969  -3.506  1.00 25.14  ? 659 GLN A C   1 
ATOM   61   O O   . GLN A 1 17  ? 13.708  -5.072  -3.230  1.00 21.67  ? 659 GLN A O   1 
ATOM   62   C CB  . GLN A 1 17  ? 15.890  -6.981  -1.711  1.00 27.14  ? 659 GLN A CB  1 
ATOM   63   C CG  . GLN A 1 17  ? 16.002  -7.999  -0.605  1.00 28.73  ? 659 GLN A CG  1 
ATOM   64   C CD  . GLN A 1 17  ? 17.342  -8.008  0.083   1.00 32.22  ? 659 GLN A CD  1 
ATOM   65   O OE1 . GLN A 1 17  ? 18.365  -7.490  -0.419  1.00 30.39  ? 659 GLN A OE1 1 
ATOM   66   N NE2 . GLN A 1 17  ? 17.352  -8.629  1.254   1.00 35.70  ? 659 GLN A NE2 1 
ATOM   67   N N   . GLN A 1 18  ? 15.208  -5.971  -4.634  1.00 23.05  ? 660 GLN A N   1 
ATOM   68   C CA  . GLN A 1 18  ? 15.021  -4.905  -5.629  1.00 22.92  ? 660 GLN A CA  1 
ATOM   69   C C   . GLN A 1 18  ? 13.608  -4.850  -6.185  1.00 23.34  ? 660 GLN A C   1 
ATOM   70   O O   . GLN A 1 18  ? 13.055  -3.753  -6.342  1.00 22.88  ? 660 GLN A O   1 
ATOM   71   C CB  . GLN A 1 18  ? 16.028  -5.057  -6.778  1.00 23.77  ? 660 GLN A CB  1 
ATOM   72   C CG  . GLN A 1 18  ? 17.468  -4.862  -6.366  1.00 24.25  ? 660 GLN A CG  1 
ATOM   73   C CD  . GLN A 1 18  ? 18.385  -5.259  -7.494  1.00 24.63  ? 660 GLN A CD  1 
ATOM   74   O OE1 . GLN A 1 18  ? 18.305  -4.687  -8.577  1.00 25.85  ? 660 GLN A OE1 1 
ATOM   75   N NE2 . GLN A 1 18  ? 19.152  -6.318  -7.288  1.00 25.35  ? 660 GLN A NE2 1 
ATOM   76   N N   . LYS A 1 19  ? 13.012  -6.019  -6.449  1.00 22.11  ? 661 LYS A N   1 
ATOM   77   C CA  . LYS A 1 19  ? 11.669  -6.105  -6.982  1.00 23.50  ? 661 LYS A CA  1 
ATOM   78   C C   . LYS A 1 19  ? 10.637  -5.621  -5.940  1.00 21.93  ? 661 LYS A C   1 
ATOM   79   O O   . LYS A 1 19  ? 9.742   -4.833  -6.282  1.00 22.17  ? 661 LYS A O   1 
ATOM   80   C CB  . LYS A 1 19  ? 11.355  -7.520  -7.486  1.00 26.37  ? 661 LYS A CB  1 
ATOM   81   C CG  . LYS A 1 19  ? 10.119  -7.587  -8.364  1.00 32.32  ? 661 LYS A CG  1 
ATOM   82   C CD  . LYS A 1 19  ? 10.039  -8.926  -9.098  1.00 35.29  ? 661 LYS A CD  1 
ATOM   83   C CE  . LYS A 1 19  ? 8.722   -9.061  -9.820  1.00 38.98  ? 661 LYS A CE  1 
ATOM   84   N NZ  . LYS A 1 19  ? 8.537   -10.406 -10.449 1.00 37.75  ? 661 LYS A NZ  1 
ATOM   85   N N   . LEU A 1 20  ? 10.814  -6.031  -4.698  1.00 21.74  ? 662 LEU A N   1 
ATOM   86   C CA  . LEU A 1 20  ? 9.926   -5.560  -3.617  1.00 21.74  ? 662 LEU A CA  1 
ATOM   87   C C   . LEU A 1 20  ? 9.987   -4.034  -3.524  1.00 22.66  ? 662 LEU A C   1 
ATOM   88   O O   . LEU A 1 20  ? 8.975   -3.364  -3.386  1.00 20.78  ? 662 LEU A O   1 
ATOM   89   C CB  . LEU A 1 20  ? 10.350  -6.131  -2.270  1.00 22.98  ? 662 LEU A CB  1 
ATOM   90   C CG  . LEU A 1 20  ? 10.015  -7.631  -2.056  1.00 24.22  ? 662 LEU A CG  1 
ATOM   91   C CD1 . LEU A 1 20  ? 10.862  -8.236  -0.963  1.00 25.26  ? 662 LEU A CD1 1 
ATOM   92   C CD2 . LEU A 1 20  ? 8.504   -7.808  -1.784  1.00 24.69  ? 662 LEU A CD2 1 
ATOM   93   N N   . ASN A 1 21  ? 11.202  -3.489  -3.529  1.00 21.34  ? 663 ASN A N   1 
ATOM   94   C CA  . ASN A 1 21  ? 11.362  -2.066  -3.442  1.00 22.58  ? 663 ASN A CA  1 
ATOM   95   C C   . ASN A 1 21  ? 10.728  -1.324  -4.618  1.00 20.00  ? 663 ASN A C   1 
ATOM   96   O O   . ASN A 1 21  ? 10.108  -0.282  -4.402  1.00 19.62  ? 663 ASN A O   1 
ATOM   97   C CB  . ASN A 1 21  ? 12.853  -1.726  -3.320  1.00 23.06  ? 663 ASN A CB  1 
ATOM   98   C CG  . ASN A 1 21  ? 13.079  -0.285  -2.979  1.00 27.35  ? 663 ASN A CG  1 
ATOM   99   O OD1 . ASN A 1 21  ? 12.819  0.150   -1.860  1.00 32.65  ? 663 ASN A OD1 1 
ATOM   100  N ND2 . ASN A 1 21  ? 13.599  0.455   -3.933  1.00 30.25  ? 663 ASN A ND2 1 
ATOM   101  N N   . GLU A 1 22  ? 10.831  -1.864  -5.834  1.00 19.96  ? 664 GLU A N   1 
ATOM   102  C CA  . GLU A 1 22  ? 10.295  -1.248  -7.012  1.00 20.20  ? 664 GLU A CA  1 
ATOM   103  C C   . GLU A 1 22  ? 8.755   -1.183  -6.963  1.00 21.44  ? 664 GLU A C   1 
ATOM   104  O O   . GLU A 1 22  ? 8.148   -0.181  -7.340  1.00 20.63  ? 664 GLU A O   1 
ATOM   105  C CB  . GLU A 1 22  ? 10.768  -1.969  -8.291  1.00 24.06  ? 664 GLU A CB  1 
ATOM   106  C CG  . GLU A 1 22  ? 10.317  -1.237  -9.547  1.00 26.52  ? 664 GLU A CG  1 
ATOM   107  C CD  . GLU A 1 22  ? 11.107  -1.596  -10.828 1.00 31.66  ? 664 GLU A CD  1 
ATOM   108  O OE1 . GLU A 1 22  ? 12.123  -2.316  -10.755 1.00 33.43  ? 664 GLU A OE1 1 
ATOM   109  O OE2 . GLU A 1 22  ? 10.679  -1.149  -11.916 1.00 32.17  ? 664 GLU A OE2 1 
ATOM   110  N N   . VAL A 1 23  ? 8.142   -2.258  -6.498  1.00 20.53  ? 665 VAL A N   1 
ATOM   111  C CA  . VAL A 1 23  ? 6.681   -2.282  -6.318  1.00 21.28  ? 665 VAL A CA  1 
ATOM   112  C C   . VAL A 1 23  ? 6.250   -1.266  -5.264  1.00 18.72  ? 665 VAL A C   1 
ATOM   113  O O   . VAL A 1 23  ? 5.309   -0.484  -5.499  1.00 19.80  ? 665 VAL A O   1 
ATOM   114  C CB  . VAL A 1 23  ? 6.183   -3.703  -5.967  1.00 21.99  ? 665 VAL A CB  1 
ATOM   115  C CG1 . VAL A 1 23  ? 4.692   -3.704  -5.592  1.00 23.32  ? 665 VAL A CG1 1 
ATOM   116  C CG2 . VAL A 1 23  ? 6.420   -4.636  -7.132  1.00 23.14  ? 665 VAL A CG2 1 
ATOM   117  N N   . TYR A 1 24  ? 6.907   -1.288  -4.109  1.00 19.87  ? 666 TYR A N   1 
ATOM   118  C CA  . TYR A 1 24  ? 6.606   -0.367  -3.028  1.00 18.18  ? 666 TYR A CA  1 
ATOM   119  C C   . TYR A 1 24  ? 6.717   1.079   -3.534  1.00 19.55  ? 666 TYR A C   1 
ATOM   120  O O   . TYR A 1 24  ? 5.834   1.921   -3.329  1.00 18.19  ? 666 TYR A O   1 
ATOM   121  C CB  . TYR A 1 24  ? 7.528   -0.577  -1.826  1.00 18.67  ? 666 TYR A CB  1 
ATOM   122  C CG  . TYR A 1 24  ? 7.182   0.341   -0.708  1.00 18.98  ? 666 TYR A CG  1 
ATOM   123  C CD1 . TYR A 1 24  ? 6.224   -0.013  0.238   1.00 19.71  ? 666 TYR A CD1 1 
ATOM   124  C CD2 . TYR A 1 24  ? 7.761   1.607   -0.611  1.00 20.05  ? 666 TYR A CD2 1 
ATOM   125  C CE1 . TYR A 1 24  ? 5.861   0.857   1.243   1.00 20.06  ? 666 TYR A CE1 1 
ATOM   126  C CE2 . TYR A 1 24  ? 7.411   2.480   0.410   1.00 21.69  ? 666 TYR A CE2 1 
ATOM   127  C CZ  . TYR A 1 24  ? 6.442   2.103   1.326   1.00 21.40  ? 666 TYR A CZ  1 
ATOM   128  O OH  . TYR A 1 24  ? 6.072   2.981   2.333   1.00 23.98  ? 666 TYR A OH  1 
ATOM   129  N N   . GLU A 1 25  ? 7.846   1.373   -4.174  1.00 19.36  ? 667 GLU A N   1 
ATOM   130  C CA  . GLU A 1 25  ? 8.062   2.753   -4.652  1.00 19.68  ? 667 GLU A CA  1 
ATOM   131  C C   . GLU A 1 25  ? 7.075   3.182   -5.726  1.00 18.88  ? 667 GLU A C   1 
ATOM   132  O O   . GLU A 1 25  ? 6.739   4.371   -5.798  1.00 19.73  ? 667 GLU A O   1 
ATOM   133  C CB  . GLU A 1 25  ? 9.523   2.893   -5.128  1.00 21.19  ? 667 GLU A CB  1 
ATOM   134  C CG  . GLU A 1 25  ? 10.514  2.852   -3.958  1.00 24.15  ? 667 GLU A CG  1 
ATOM   135  C CD  . GLU A 1 25  ? 10.522  4.113   -3.106  1.00 31.59  ? 667 GLU A CD  1 
ATOM   136  O OE1 . GLU A 1 25  ? 10.658  5.214   -3.688  1.00 37.35  ? 667 GLU A OE1 1 
ATOM   137  O OE2 . GLU A 1 25  ? 10.410  4.013   -1.852  1.00 37.37  ? 667 GLU A OE2 1 
ATOM   138  N N   . ALA A 1 26  ? 6.633   2.251   -6.590  1.00 17.83  ? 668 ALA A N   1 
ATOM   139  C CA  . ALA A 1 26  ? 5.678   2.577   -7.630  1.00 18.70  ? 668 ALA A CA  1 
ATOM   140  C C   . ALA A 1 26  ? 4.369   3.090   -7.014  1.00 17.24  ? 668 ALA A C   1 
ATOM   141  O O   . ALA A 1 26  ? 3.813   4.089   -7.481  1.00 18.21  ? 668 ALA A O   1 
ATOM   142  C CB  . ALA A 1 26  ? 5.413   1.398   -8.516  1.00 20.39  ? 668 ALA A CB  1 
ATOM   143  N N   . VAL A 1 27  ? 3.938   2.420   -5.946  1.00 16.23  ? 669 VAL A N   1 
ATOM   144  C CA  . VAL A 1 27  ? 2.725   2.840   -5.236  1.00 16.71  ? 669 VAL A CA  1 
ATOM   145  C C   . VAL A 1 27  ? 2.985   4.161   -4.524  1.00 16.45  ? 669 VAL A C   1 
ATOM   146  O O   . VAL A 1 27  ? 2.182   5.079   -4.602  1.00 17.07  ? 669 VAL A O   1 
ATOM   147  C CB  . VAL A 1 27  ? 2.215   1.758   -4.246  1.00 17.68  ? 669 VAL A CB  1 
ATOM   148  C CG1 . VAL A 1 27  ? 0.994   2.241   -3.463  1.00 17.68  ? 669 VAL A CG1 1 
ATOM   149  C CG2 . VAL A 1 27  ? 1.883   0.469   -4.994  1.00 18.92  ? 669 VAL A CG2 1 
ATOM   150  N N   . LYS A 1 28  ? 4.071   4.234   -3.773  1.00 15.94  ? 670 LYS A N   1 
ATOM   151  C CA  . LYS A 1 28  ? 4.376   5.440   -3.013  1.00 17.63  ? 670 LYS A CA  1 
ATOM   152  C C   . LYS A 1 28  ? 4.495   6.696   -3.868  1.00 18.07  ? 670 LYS A C   1 
ATOM   153  O O   . LYS A 1 28  ? 3.985   7.764   -3.510  1.00 17.52  ? 670 LYS A O   1 
ATOM   154  C CB  . LYS A 1 28  ? 5.662   5.237   -2.238  1.00 20.44  ? 670 LYS A CB  1 
ATOM   155  C CG  . LYS A 1 28  ? 5.942   6.412   -1.285  1.00 25.66  ? 670 LYS A CG  1 
ATOM   156  C CD  . LYS A 1 28  ? 7.211   6.202   -0.488  1.00 32.80  ? 670 LYS A CD  1 
ATOM   157  C CE  . LYS A 1 28  ? 7.457   7.312   0.530   1.00 39.11  ? 670 LYS A CE  1 
ATOM   158  N NZ  . LYS A 1 28  ? 6.687   8.585   0.359   1.00 44.55  ? 670 LYS A NZ  1 
ATOM   159  N N   . ASN A 1 29  ? 5.209   6.562   -4.978  1.00 17.79  ? 671 ASN A N   1 
ATOM   160  C CA  . ASN A 1 29  ? 5.565   7.732   -5.798  1.00 19.28  ? 671 ASN A CA  1 
ATOM   161  C C   . ASN A 1 29  ? 4.526   8.146   -6.825  1.00 18.44  ? 671 ASN A C   1 
ATOM   162  O O   . ASN A 1 29  ? 4.693   9.211   -7.438  1.00 19.92  ? 671 ASN A O   1 
ATOM   163  C CB  . ASN A 1 29  ? 6.898   7.464   -6.490  1.00 20.18  ? 671 ASN A CB  1 
ATOM   164  C CG  . ASN A 1 29  ? 8.049   7.331   -5.505  1.00 22.88  ? 671 ASN A CG  1 
ATOM   165  O OD1 . ASN A 1 29  ? 8.020   7.887   -4.414  1.00 24.39  ? 671 ASN A OD1 1 
ATOM   166  N ND2 . ASN A 1 29  ? 9.069   6.586   -5.894  1.00 26.18  ? 671 ASN A ND2 1 
ATOM   167  N N   . TYR A 1 30  ? 3.488   7.333   -7.042  1.00 16.78  ? 672 TYR A N   1 
ATOM   168  C CA  . TYR A 1 30  ? 2.505   7.592   -8.082  1.00 17.08  ? 672 TYR A CA  1 
ATOM   169  C C   . TYR A 1 30  ? 1.882   8.984   -7.919  1.00 18.84  ? 672 TYR A C   1 
ATOM   170  O O   . TYR A 1 30  ? 1.436   9.336   -6.823  1.00 18.48  ? 672 TYR A O   1 
ATOM   171  C CB  . TYR A 1 30  ? 1.411   6.534   -8.134  1.00 17.27  ? 672 TYR A CB  1 
ATOM   172  C CG  . TYR A 1 30  ? 0.349   6.878   -9.149  1.00 17.63  ? 672 TYR A CG  1 
ATOM   173  C CD1 . TYR A 1 30  ? 0.557   6.629   -10.484 1.00 19.31  ? 672 TYR A CD1 1 
ATOM   174  C CD2 . TYR A 1 30  ? -0.817  7.558   -8.784  1.00 17.73  ? 672 TYR A CD2 1 
ATOM   175  C CE1 . TYR A 1 30  ? -0.366  6.981   -11.434 1.00 21.46  ? 672 TYR A CE1 1 
ATOM   176  C CE2 . TYR A 1 30  ? -1.749  7.930   -9.735  1.00 19.05  ? 672 TYR A CE2 1 
ATOM   177  C CZ  . TYR A 1 30  ? -1.510  7.627   -11.067 1.00 21.35  ? 672 TYR A CZ  1 
ATOM   178  O OH  . TYR A 1 30  ? -2.431  7.997   -12.026 1.00 23.47  ? 672 TYR A OH  1 
ATOM   179  N N   . THR A 1 31  ? 1.873   9.772   -8.994  1.00 18.28  ? 673 THR A N   1 
ATOM   180  C CA  . THR A 1 31  ? 1.185   11.059  -8.981  1.00 20.25  ? 673 THR A CA  1 
ATOM   181  C C   . THR A 1 31  ? 0.207   11.125  -10.125 1.00 21.10  ? 673 THR A C   1 
ATOM   182  O O   . THR A 1 31  ? 0.458   10.585  -11.218 1.00 21.62  ? 673 THR A O   1 
ATOM   183  C CB  . THR A 1 31  ? 2.164   12.229  -9.027  1.00 23.07  ? 673 THR A CB  1 
ATOM   184  O OG1 . THR A 1 31  ? 2.954   12.108  -10.207 1.00 25.48  ? 673 THR A OG1 1 
ATOM   185  C CG2 . THR A 1 31  ? 3.096   12.225  -7.834  1.00 24.14  ? 673 THR A CG2 1 
ATOM   186  N N   . ASP A 1 32  ? -0.954  11.727  -9.875  1.00 19.72  ? 674 ASP A N   1 
ATOM   187  C CA  . ASP A 1 32  ? -1.954  11.836  -10.910 1.00 20.81  ? 674 ASP A CA  1 
ATOM   188  C C   . ASP A 1 32  ? -1.513  12.965  -11.887 1.00 23.76  ? 674 ASP A C   1 
ATOM   189  O O   . ASP A 1 32  ? -0.460  13.555  -11.715 1.00 22.63  ? 674 ASP A O   1 
ATOM   190  C CB  . ASP A 1 32  ? -3.356  12.050  -10.338 1.00 22.43  ? 674 ASP A CB  1 
ATOM   191  C CG  . ASP A 1 32  ? -3.546  13.398  -9.667  1.00 24.27  ? 674 ASP A CG  1 
ATOM   192  O OD1 . ASP A 1 32  ? -2.718  14.305  -9.762  1.00 23.00  ? 674 ASP A OD1 1 
ATOM   193  O OD2 . ASP A 1 32  ? -4.626  13.533  -9.019  1.00 23.55  ? 674 ASP A OD2 1 
ATOM   194  N N   . LYS A 1 33  ? -2.358  13.266  -12.863 1.00 27.98  ? 675 LYS A N   1 
ATOM   195  C CA  . LYS A 1 33  ? -1.999  14.245  -13.890 1.00 33.39  ? 675 LYS A CA  1 
ATOM   196  C C   . LYS A 1 33  ? -1.844  15.663  -13.360 1.00 32.39  ? 675 LYS A C   1 
ATOM   197  O O   . LYS A 1 33  ? -1.161  16.474  -13.968 1.00 37.62  ? 675 LYS A O   1 
ATOM   198  C CB  . LYS A 1 33  ? -2.968  14.142  -15.075 1.00 37.02  ? 675 LYS A CB  1 
ATOM   199  C CG  . LYS A 1 33  ? -2.626  12.953  -15.949 1.00 42.10  ? 675 LYS A CG  1 
ATOM   200  C CD  . LYS A 1 33  ? -3.705  12.619  -16.967 1.00 50.31  ? 675 LYS A CD  1 
ATOM   201  C CE  . LYS A 1 33  ? -4.775  11.688  -16.401 1.00 55.37  ? 675 LYS A CE  1 
ATOM   202  N NZ  . LYS A 1 33  ? -5.673  11.170  -17.470 1.00 58.88  ? 675 LYS A NZ  1 
ATOM   203  N N   . ARG A 1 34  ? -2.420  15.954  -12.203 1.00 28.51  ? 676 ARG A N   1 
ATOM   204  C CA  . ARG A 1 34  ? -2.234  17.237  -11.506 1.00 27.87  ? 676 ARG A CA  1 
ATOM   205  C C   . ARG A 1 34  ? -1.062  17.305  -10.539 1.00 28.15  ? 676 ARG A C   1 
ATOM   206  O O   . ARG A 1 34  ? -0.837  18.315  -9.876  1.00 30.57  ? 676 ARG A O   1 
ATOM   207  C CB  . ARG A 1 34  ? -3.515  17.582  -10.751 1.00 29.23  ? 676 ARG A CB  1 
ATOM   208  C CG  . ARG A 1 34  ? -4.734  17.625  -11.662 1.00 29.40  ? 676 ARG A CG  1 
ATOM   209  C CD  . ARG A 1 34  ? -6.003  17.833  -10.846 1.00 28.77  ? 676 ARG A CD  1 
ATOM   210  N NE  . ARG A 1 34  ? -5.970  19.128  -10.163 1.00 28.45  ? 676 ARG A NE  1 
ATOM   211  C CZ  . ARG A 1 34  ? -5.698  19.338  -8.865  1.00 26.83  ? 676 ARG A CZ  1 
ATOM   212  N NH1 . ARG A 1 34  ? -5.382  18.337  -8.058  1.00 24.92  ? 676 ARG A NH1 1 
ATOM   213  N NH2 . ARG A 1 34  ? -5.712  20.583  -8.380  1.00 25.88  ? 676 ARG A NH2 1 
ATOM   214  N N   . GLY A 1 35  ? -0.322  16.208  -10.393 1.00 26.48  ? 677 GLY A N   1 
ATOM   215  C CA  . GLY A 1 35  ? 0.778   16.189  -9.453  1.00 24.74  ? 677 GLY A CA  1 
ATOM   216  C C   . GLY A 1 35  ? 0.466   15.760  -8.039  1.00 23.32  ? 677 GLY A C   1 
ATOM   217  O O   . GLY A 1 35  ? 1.338   15.820  -7.182  1.00 24.24  ? 677 GLY A O   1 
ATOM   218  N N   . ARG A 1 36  ? -0.772  15.344  -7.760  1.00 19.79  ? 678 ARG A N   1 
ATOM   219  C CA  . ARG A 1 36  ? -1.131  14.944  -6.420  1.00 18.82  ? 678 ARG A CA  1 
ATOM   220  C C   . ARG A 1 36  ? -0.617  13.526  -6.192  1.00 18.39  ? 678 ARG A C   1 
ATOM   221  O O   . ARG A 1 36  ? -0.862  12.645  -7.013  1.00 18.04  ? 678 ARG A O   1 
ATOM   222  C CB  . ARG A 1 36  ? -2.643  15.026  -6.236  1.00 17.30  ? 678 ARG A CB  1 
ATOM   223  C CG  . ARG A 1 36  ? -3.075  14.803  -4.802  1.00 17.10  ? 678 ARG A CG  1 
ATOM   224  C CD  . ARG A 1 36  ? -4.515  15.202  -4.548  1.00 17.40  ? 678 ARG A CD  1 
ATOM   225  N NE  . ARG A 1 36  ? -5.466  14.414  -5.306  1.00 17.20  ? 678 ARG A NE  1 
ATOM   226  C CZ  . ARG A 1 36  ? -5.972  13.223  -4.942  1.00 19.29  ? 678 ARG A CZ  1 
ATOM   227  N NH1 . ARG A 1 36  ? -5.635  12.656  -3.801  1.00 20.46  ? 678 ARG A NH1 1 
ATOM   228  N NH2 . ARG A 1 36  ? -6.783  12.549  -5.767  1.00 20.40  ? 678 ARG A NH2 1 
ATOM   229  N N   . ARG A 1 37  ? 0.079   13.341  -5.079  1.00 18.50  ? 679 ARG A N   1 
ATOM   230  C CA  . ARG A 1 37  ? 0.623   12.035  -4.687  1.00 19.53  ? 679 ARG A CA  1 
ATOM   231  C C   . ARG A 1 37  ? -0.445  11.262  -3.898  1.00 18.11  ? 679 ARG A C   1 
ATOM   232  O O   . ARG A 1 37  ? -0.761  11.555  -2.721  1.00 19.09  ? 679 ARG A O   1 
ATOM   233  C CB  . ARG A 1 37  ? 1.905   12.248  -3.854  1.00 22.09  ? 679 ARG A CB  1 
ATOM   234  C CG  . ARG A 1 37  ? 2.799   11.016  -3.698  1.00 28.03  ? 679 ARG A CG  1 
ATOM   235  C CD  . ARG A 1 37  ? 4.140   11.462  -3.086  1.00 34.70  ? 679 ARG A CD  1 
ATOM   236  N NE  . ARG A 1 37  ? 5.217   10.484  -3.181  1.00 46.06  ? 679 ARG A NE  1 
ATOM   237  C CZ  . ARG A 1 37  ? 6.441   10.632  -2.669  1.00 46.69  ? 679 ARG A CZ  1 
ATOM   238  N NH1 . ARG A 1 37  ? 6.784   11.710  -1.961  1.00 54.87  ? 679 ARG A NH1 1 
ATOM   239  N NH2 . ARG A 1 37  ? 7.332   9.677   -2.848  1.00 50.13  ? 679 ARG A NH2 1 
ATOM   240  N N   . LEU A 1 38  ? -1.069  10.298  -4.562  1.00 16.96  ? 680 LEU A N   1 
ATOM   241  C CA  . LEU A 1 38  ? -2.218  9.624   -3.972  1.00 17.43  ? 680 LEU A CA  1 
ATOM   242  C C   . LEU A 1 38  ? -1.888  8.845   -2.684  1.00 17.72  ? 680 LEU A C   1 
ATOM   243  O O   . LEU A 1 38  ? -2.808  8.610   -1.904  1.00 18.63  ? 680 LEU A O   1 
ATOM   244  C CB  . LEU A 1 38  ? -2.889  8.682   -4.970  1.00 19.57  ? 680 LEU A CB  1 
ATOM   245  C CG  . LEU A 1 38  ? -3.902  9.275   -5.906  1.00 23.39  ? 680 LEU A CG  1 
ATOM   246  C CD1 . LEU A 1 38  ? -3.535  10.581  -6.552  1.00 23.88  ? 680 LEU A CD1 1 
ATOM   247  C CD2 . LEU A 1 38  ? -4.373  8.237   -6.925  1.00 23.29  ? 680 LEU A CD2 1 
ATOM   248  N N   . SER A 1 39  ? -0.623  8.434   -2.498  1.00 15.89  ? 681 SER A N   1 
ATOM   249  C CA  . SER A 1 39  ? -0.231  7.649   -1.348  1.00 16.67  ? 681 SER A CA  1 
ATOM   250  C C   . SER A 1 39  ? -0.208  8.464   -0.031  1.00 17.81  ? 681 SER A C   1 
ATOM   251  O O   . SER A 1 39  ? -0.119  7.864   1.028   1.00 18.60  ? 681 SER A O   1 
ATOM   252  C CB  . SER A 1 39  ? 1.135   7.018   -1.535  1.00 16.31  ? 681 SER A CB  1 
ATOM   253  O OG  . SER A 1 39  ? 2.143   8.030   -1.663  1.00 18.80  ? 681 SER A OG  1 
ATOM   254  N N   . ALA A 1 40  ? -0.283  9.801   -0.129  1.00 18.40  ? 682 ALA A N   1 
ATOM   255  C CA  . ALA A 1 40  ? -0.095  10.679  1.029   1.00 21.97  ? 682 ALA A CA  1 
ATOM   256  C C   . ALA A 1 40  ? -0.854  10.187  2.274   1.00 19.33  ? 682 ALA A C   1 
ATOM   257  O O   . ALA A 1 40  ? -0.224  9.969   3.325   1.00 22.30  ? 682 ALA A O   1 
ATOM   258  C CB  . ALA A 1 40  ? -0.479  12.123  0.653   1.00 22.40  ? 682 ALA A CB  1 
ATOM   259  N N   . ILE A 1 41  ? -2.137  9.969   2.118   1.00 20.46  ? 683 ILE A N   1 
ATOM   260  C CA  . ILE A 1 41  ? -3.058  9.585   3.226   1.00 21.54  ? 683 ILE A CA  1 
ATOM   261  C C   . ILE A 1 41  ? -2.762  8.171   3.753   1.00 19.47  ? 683 ILE A C   1 
ATOM   262  O O   . ILE A 1 41  ? -3.085  7.871   4.906   1.00 19.12  ? 683 ILE A O   1 
ATOM   263  C CB  . ILE A 1 41  ? -4.543  9.737   2.796   1.00 26.37  ? 683 ILE A CB  1 
ATOM   264  C CG1 . ILE A 1 41  ? -5.495  9.797   3.984   1.00 31.60  ? 683 ILE A CG1 1 
ATOM   265  C CG2 . ILE A 1 41  ? -5.038  8.630   1.869   1.00 26.15  ? 683 ILE A CG2 1 
ATOM   266  C CD1 . ILE A 1 41  ? -5.439  11.093  4.750   1.00 35.12  ? 683 ILE A CD1 1 
ATOM   267  N N   . PHE A 1 42  ? -2.132  7.326   2.936   1.00 18.16  ? 684 PHE A N   1 
ATOM   268  C CA  . PHE A 1 42  ? -1.971  5.899   3.269   1.00 16.54  ? 684 PHE A CA  1 
ATOM   269  C C   . PHE A 1 42  ? -0.681  5.599   3.985   1.00 14.87  ? 684 PHE A C   1 
ATOM   270  O O   . PHE A 1 42  ? -0.444  4.455   4.405   1.00 14.58  ? 684 PHE A O   1 
ATOM   271  C CB  . PHE A 1 42  ? -2.027  5.059   1.981   1.00 15.38  ? 684 PHE A CB  1 
ATOM   272  C CG  . PHE A 1 42  ? -3.363  5.116   1.290   1.00 16.19  ? 684 PHE A CG  1 
ATOM   273  C CD1 . PHE A 1 42  ? -4.424  4.418   1.800   1.00 19.71  ? 684 PHE A CD1 1 
ATOM   274  C CD2 . PHE A 1 42  ? -3.566  5.909   0.180   1.00 16.94  ? 684 PHE A CD2 1 
ATOM   275  C CE1 . PHE A 1 42  ? -5.663  4.446   1.146   1.00 20.93  ? 684 PHE A CE1 1 
ATOM   276  C CE2 . PHE A 1 42  ? -4.794  5.963   -0.458  1.00 18.02  ? 684 PHE A CE2 1 
ATOM   277  C CZ  . PHE A 1 42  ? -5.859  5.209   0.025   1.00 19.04  ? 684 PHE A CZ  1 
ATOM   278  N N   . LEU A 1 43  ? 0.193   6.607   4.158   1.00 16.40  ? 685 LEU A N   1 
ATOM   279  C CA  . LEU A 1 43  ? 1.462   6.339   4.712   1.00 17.75  ? 685 LEU A CA  1 
ATOM   280  C C   . LEU A 1 43  ? 1.400   5.868   6.153   1.00 16.06  ? 685 LEU A C   1 
ATOM   281  O O   . LEU A 1 43  ? 2.037   4.887   6.516   1.00 17.41  ? 685 LEU A O   1 
ATOM   282  C CB  . LEU A 1 43  ? 2.372   7.570   4.599   1.00 21.39  ? 685 LEU A CB  1 
ATOM   283  C CG  . LEU A 1 43  ? 2.801   8.046   3.203   1.00 25.20  ? 685 LEU A CG  1 
ATOM   284  C CD1 . LEU A 1 43  ? 4.008   8.975   3.398   1.00 29.36  ? 685 LEU A CD1 1 
ATOM   285  C CD2 . LEU A 1 43  ? 3.220   6.883   2.333   1.00 25.09  ? 685 LEU A CD2 1 
ATOM   286  N N   . ARG A 1 44  ? 0.581   6.549   6.953   1.00 16.38  ? 686 ARG A N   1 
ATOM   287  C CA  . ARG A 1 44  ? 0.490   6.245   8.388   1.00 16.76  ? 686 ARG A CA  1 
ATOM   288  C C   . ARG A 1 44  ? -0.923  6.453   8.861   1.00 15.09  ? 686 ARG A C   1 
ATOM   289  O O   . ARG A 1 44  ? -1.477  7.533   8.762   1.00 15.17  ? 686 ARG A O   1 
ATOM   290  C CB  . ARG A 1 44  ? 1.461   7.147   9.165   1.00 18.86  ? 686 ARG A CB  1 
ATOM   291  C CG  . ARG A 1 44  ? 1.574   6.822   10.625  1.00 21.84  ? 686 ARG A CG  1 
ATOM   292  C CD  . ARG A 1 44  ? 2.390   5.557   10.842  1.00 27.46  ? 686 ARG A CD  1 
ATOM   293  N NE  . ARG A 1 44  ? 2.521   5.250   12.263  1.00 32.31  ? 686 ARG A NE  1 
ATOM   294  C CZ  . ARG A 1 44  ? 1.898   4.267   12.915  1.00 38.08  ? 686 ARG A CZ  1 
ATOM   295  N NH1 . ARG A 1 44  ? 1.026   3.437   12.309  1.00 40.56  ? 686 ARG A NH1 1 
ATOM   296  N NH2 . ARG A 1 44  ? 2.153   4.120   14.218  1.00 40.55  ? 686 ARG A NH2 1 
ATOM   297  N N   . LEU A 1 45  ? -1.522  5.384   9.361   1.00 14.73  ? 687 LEU A N   1 
ATOM   298  C CA  . LEU A 1 45  ? -2.791  5.465   9.997   1.00 14.92  ? 687 LEU A CA  1 
ATOM   299  C C   . LEU A 1 45  ? -2.748  6.432   11.208  1.00 15.38  ? 687 LEU A C   1 
ATOM   300  O O   . LEU A 1 45  ? -1.775  6.392   11.951  1.00 16.25  ? 687 LEU A O   1 
ATOM   301  C CB  . LEU A 1 45  ? -3.191  4.110   10.545  1.00 17.38  ? 687 LEU A CB  1 
ATOM   302  C CG  . LEU A 1 45  ? -3.959  3.188   9.606   1.00 18.41  ? 687 LEU A CG  1 
ATOM   303  C CD1 . LEU A 1 45  ? -3.909  1.764   10.159  1.00 19.09  ? 687 LEU A CD1 1 
ATOM   304  C CD2 . LEU A 1 45  ? -5.388  3.644   9.430   1.00 19.26  ? 687 LEU A CD2 1 
ATOM   305  N N   . PRO A 1 46  ? -3.800  7.197   11.412  1.00 16.38  ? 688 PRO A N   1 
ATOM   306  C CA  . PRO A 1 46  ? -3.998  7.909   12.696  1.00 16.77  ? 688 PRO A CA  1 
ATOM   307  C C   . PRO A 1 46  ? -4.198  6.905   13.852  1.00 17.69  ? 688 PRO A C   1 
ATOM   308  O O   . PRO A 1 46  ? -4.335  5.698   13.634  1.00 16.90  ? 688 PRO A O   1 
ATOM   309  C CB  . PRO A 1 46  ? -5.278  8.689   12.474  1.00 16.73  ? 688 PRO A CB  1 
ATOM   310  C CG  . PRO A 1 46  ? -5.443  8.738   10.973  1.00 18.61  ? 688 PRO A CG  1 
ATOM   311  C CD  . PRO A 1 46  ? -4.950  7.408   10.531  1.00 16.87  ? 688 PRO A CD  1 
ATOM   312  N N   . SER A 1 47  ? -4.224  7.443   15.074  1.00 18.22  ? 689 SER A N   1 
ATOM   313  C CA  . SER A 1 47  ? -4.302  6.591   16.258  1.00 18.33  ? 689 SER A CA  1 
ATOM   314  C C   . SER A 1 47  ? -5.732  6.150   16.456  1.00 18.03  ? 689 SER A C   1 
ATOM   315  O O   . SER A 1 47  ? -6.659  6.657   15.852  1.00 17.37  ? 689 SER A O   1 
ATOM   316  C CB  . SER A 1 47  ? -3.876  7.402   17.513  1.00 18.68  ? 689 SER A CB  1 
ATOM   317  O OG  . SER A 1 47  ? -4.861  8.338   17.779  1.00 20.01  ? 689 SER A OG  1 
ATOM   318  N N   . ARG A 1 48  ? -5.921  5.242   17.422  1.00 19.74  ? 690 ARG A N   1 
ATOM   319  C CA  A ARG A 1 48  ? -7.264  4.794   17.784  0.50 20.24  ? 690 ARG A CA  1 
ATOM   320  C CA  B ARG A 1 48  ? -7.257  4.773   17.774  0.50 22.34  ? 690 ARG A CA  1 
ATOM   321  C C   . ARG A 1 48  ? -8.131  5.911   18.297  1.00 23.29  ? 690 ARG A C   1 
ATOM   322  O O   . ARG A 1 48  ? -9.305  5.933   18.035  1.00 21.94  ? 690 ARG A O   1 
ATOM   323  C CB  A ARG A 1 48  ? -7.207  3.690   18.839  0.50 19.75  ? 690 ARG A CB  1 
ATOM   324  C CB  B ARG A 1 48  ? -7.189  3.600   18.785  0.50 24.90  ? 690 ARG A CB  1 
ATOM   325  C CG  A ARG A 1 48  ? -6.730  2.377   18.312  0.50 19.29  ? 690 ARG A CG  1 
ATOM   326  C CG  B ARG A 1 48  ? -6.366  2.396   18.334  0.50 28.50  ? 690 ARG A CG  1 
ATOM   327  C CD  A ARG A 1 48  ? -6.543  1.364   19.433  0.50 19.40  ? 690 ARG A CD  1 
ATOM   328  C CD  B ARG A 1 48  ? -6.501  1.179   19.255  0.50 31.93  ? 690 ARG A CD  1 
ATOM   329  N NE  A ARG A 1 48  ? -5.931  0.138   18.943  0.50 17.50  ? 690 ARG A NE  1 
ATOM   330  N NE  B ARG A 1 48  ? -7.730  0.466   18.935  0.50 34.67  ? 690 ARG A NE  1 
ATOM   331  C CZ  A ARG A 1 48  ? -6.612  -0.893  18.456  0.50 15.55  ? 690 ARG A CZ  1 
ATOM   332  C CZ  B ARG A 1 48  ? -8.934  0.910   19.267  0.50 34.47  ? 690 ARG A CZ  1 
ATOM   333  N NH1 A ARG A 1 48  ? -7.958  -0.882  18.384  0.50 13.13  ? 690 ARG A NH1 1 
ATOM   334  N NH1 B ARG A 1 48  ? -9.052  2.022   19.955  0.50 39.23  ? 690 ARG A NH1 1 
ATOM   335  N NH2 A ARG A 1 48  ? -5.923  -1.941  18.052  0.50 15.79  ? 690 ARG A NH2 1 
ATOM   336  N NH2 B ARG A 1 48  ? -10.018 0.259   18.902  0.50 36.18  ? 690 ARG A NH2 1 
ATOM   337  N N   . SER A 1 49  ? -7.563  6.899   19.011  1.00 22.81  ? 691 SER A N   1 
ATOM   338  C CA  . SER A 1 49  ? -8.396  8.001   19.445  1.00 25.28  ? 691 SER A CA  1 
ATOM   339  C C   . SER A 1 49  ? -8.788  8.943   18.301  1.00 23.09  ? 691 SER A C   1 
ATOM   340  O O   . SER A 1 49  ? -9.847  9.540   18.316  1.00 22.17  ? 691 SER A O   1 
ATOM   341  C CB  . SER A 1 49  ? -7.741  8.808   20.565  1.00 29.80  ? 691 SER A CB  1 
ATOM   342  O OG  . SER A 1 49  ? -6.604  9.462   20.087  1.00 35.14  ? 691 SER A OG  1 
ATOM   343  N N   . GLU A 1 50  ? -7.939  9.051   17.277  1.00 22.12  ? 692 GLU A N   1 
ATOM   344  C CA  . GLU A 1 50  ? -8.238  9.901   16.122  1.00 20.62  ? 692 GLU A CA  1 
ATOM   345  C C   . GLU A 1 50  ? -9.173  9.281   15.077  1.00 20.06  ? 692 GLU A C   1 
ATOM   346  O O   . GLU A 1 50  ? -9.877  9.998   14.384  1.00 21.91  ? 692 GLU A O   1 
ATOM   347  C CB  . GLU A 1 50  ? -6.941  10.267  15.413  1.00 20.76  ? 692 GLU A CB  1 
ATOM   348  C CG  . GLU A 1 50  ? -5.990  11.129  16.247  1.00 22.14  ? 692 GLU A CG  1 
ATOM   349  C CD  . GLU A 1 50  ? -4.612  11.309  15.624  1.00 25.69  ? 692 GLU A CD  1 
ATOM   350  O OE1 . GLU A 1 50  ? -3.996  10.320  15.163  1.00 22.37  ? 692 GLU A OE1 1 
ATOM   351  O OE2 . GLU A 1 50  ? -4.091  12.461  15.695  1.00 27.53  ? 692 GLU A OE2 1 
ATOM   352  N N   . LEU A 1 51  ? -9.175  7.961   14.968  1.00 18.41  ? 693 LEU A N   1 
ATOM   353  C CA  . LEU A 1 51  ? -9.973  7.256   13.924  1.00 18.33  ? 693 LEU A CA  1 
ATOM   354  C C   . LEU A 1 51  ? -10.645 6.019   14.541  1.00 19.12  ? 693 LEU A C   1 
ATOM   355  O O   . LEU A 1 51  ? -10.483 4.884   14.108  1.00 18.17  ? 693 LEU A O   1 
ATOM   356  C CB  . LEU A 1 51  ? -9.057  6.902   12.738  1.00 18.77  ? 693 LEU A CB  1 
ATOM   357  C CG  . LEU A 1 51  ? -9.839  6.734   11.418  1.00 18.52  ? 693 LEU A CG  1 
ATOM   358  C CD1 . LEU A 1 51  ? -10.341 8.082   10.907  1.00 20.83  ? 693 LEU A CD1 1 
ATOM   359  C CD2 . LEU A 1 51  ? -8.909  6.101   10.379  1.00 19.71  ? 693 LEU A CD2 1 
ATOM   360  N N   . PRO A 1 52  ? -11.460 6.253   15.588  1.00 18.90  ? 694 PRO A N   1 
ATOM   361  C CA  . PRO A 1 52  ? -12.036 5.133   16.344  1.00 21.08  ? 694 PRO A CA  1 
ATOM   362  C C   . PRO A 1 52  ? -12.865 4.180   15.503  1.00 19.99  ? 694 PRO A C   1 
ATOM   363  O O   . PRO A 1 52  ? -12.771 2.980   15.703  1.00 20.55  ? 694 PRO A O   1 
ATOM   364  C CB  . PRO A 1 52  ? -12.976 5.799   17.350  1.00 20.88  ? 694 PRO A CB  1 
ATOM   365  C CG  . PRO A 1 52  ? -13.133 7.202   16.884  1.00 21.25  ? 694 PRO A CG  1 
ATOM   366  C CD  . PRO A 1 52  ? -11.910 7.555   16.095  1.00 20.71  ? 694 PRO A CD  1 
ATOM   367  N N   . ASP A 1 53  ? -13.668 4.693   14.586  1.00 19.97  ? 695 ASP A N   1 
ATOM   368  C CA  . ASP A 1 53  ? -14.593 3.822   13.855  1.00 20.10  ? 695 ASP A CA  1 
ATOM   369  C C   . ASP A 1 53  ? -13.835 2.906   12.881  1.00 19.21  ? 695 ASP A C   1 
ATOM   370  O O   . ASP A 1 53  ? -14.317 1.822   12.538  1.00 19.93  ? 695 ASP A O   1 
ATOM   371  C CB  . ASP A 1 53  ? -15.654 4.654   13.123  1.00 20.92  ? 695 ASP A CB  1 
ATOM   372  C CG  . ASP A 1 53  ? -16.552 5.419   14.055  1.00 26.70  ? 695 ASP A CG  1 
ATOM   373  O OD1 . ASP A 1 53  ? -16.722 4.970   15.215  1.00 25.50  ? 695 ASP A OD1 1 
ATOM   374  O OD2 . ASP A 1 53  ? -17.118 6.465   13.614  1.00 28.63  ? 695 ASP A OD2 1 
ATOM   375  N N   . TYR A 1 54  ? -12.643 3.330   12.427  1.00 18.40  ? 696 TYR A N   1 
ATOM   376  C CA  . TYR A 1 54  ? -11.800 2.477   11.643  1.00 17.62  ? 696 TYR A CA  1 
ATOM   377  C C   . TYR A 1 54  ? -11.374 1.296   12.488  1.00 17.49  ? 696 TYR A C   1 
ATOM   378  O O   . TYR A 1 54  ? -11.545 0.140   12.114  1.00 18.89  ? 696 TYR A O   1 
ATOM   379  C CB  . TYR A 1 54  ? -10.575 3.249   11.054  1.00 16.72  ? 696 TYR A CB  1 
ATOM   380  C CG  . TYR A 1 54  ? -9.550  2.383   10.350  1.00 16.35  ? 696 TYR A CG  1 
ATOM   381  C CD1 . TYR A 1 54  ? -8.646  1.666   11.071  1.00 15.90  ? 696 TYR A CD1 1 
ATOM   382  C CD2 . TYR A 1 54  ? -9.496  2.287   8.949   1.00 16.62  ? 696 TYR A CD2 1 
ATOM   383  C CE1 . TYR A 1 54  ? -7.695  0.869   10.485  1.00 17.52  ? 696 TYR A CE1 1 
ATOM   384  C CE2 . TYR A 1 54  ? -8.539  1.476   8.325   1.00 16.75  ? 696 TYR A CE2 1 
ATOM   385  C CZ  . TYR A 1 54  ? -7.646  0.761   9.100   1.00 16.46  ? 696 TYR A CZ  1 
ATOM   386  O OH  . TYR A 1 54  ? -6.675  -0.068  8.565   1.00 16.89  ? 696 TYR A OH  1 
ATOM   387  N N   . TYR A 1 55  ? -10.808 1.574   13.661  1.00 15.52  ? 697 TYR A N   1 
ATOM   388  C CA  . TYR A 1 55  ? -10.309 0.476   14.447  1.00 14.84  ? 697 TYR A CA  1 
ATOM   389  C C   . TYR A 1 55  ? -11.398 -0.472  15.006  1.00 16.27  ? 697 TYR A C   1 
ATOM   390  O O   . TYR A 1 55  ? -11.136 -1.659  15.235  1.00 17.02  ? 697 TYR A O   1 
ATOM   391  C CB  . TYR A 1 55  ? -9.404  0.999   15.542  1.00 14.66  ? 697 TYR A CB  1 
ATOM   392  C CG  . TYR A 1 55  ? -8.079  1.532   15.054  1.00 15.42  ? 697 TYR A CG  1 
ATOM   393  C CD1 . TYR A 1 55  ? -6.986  0.689   14.907  1.00 16.60  ? 697 TYR A CD1 1 
ATOM   394  C CD2 . TYR A 1 55  ? -7.932  2.871   14.721  1.00 14.95  ? 697 TYR A CD2 1 
ATOM   395  C CE1 . TYR A 1 55  ? -5.763  1.186   14.484  1.00 16.67  ? 697 TYR A CE1 1 
ATOM   396  C CE2 . TYR A 1 55  ? -6.707  3.382   14.326  1.00 15.06  ? 697 TYR A CE2 1 
ATOM   397  C CZ  . TYR A 1 55  ? -5.651  2.549   14.203  1.00 16.89  ? 697 TYR A CZ  1 
ATOM   398  O OH  . TYR A 1 55  ? -4.392  2.997   13.822  1.00 17.27  ? 697 TYR A OH  1 
ATOM   399  N N   . LEU A 1 56  ? -12.593 0.056   15.223  1.00 15.49  ? 698 LEU A N   1 
ATOM   400  C CA  . LEU A 1 56  ? -13.684 -0.779  15.705  1.00 17.58  ? 698 LEU A CA  1 
ATOM   401  C C   . LEU A 1 56  ? -14.237 -1.655  14.608  1.00 18.62  ? 698 LEU A C   1 
ATOM   402  O O   . LEU A 1 56  ? -14.839 -2.671  14.909  1.00 20.44  ? 698 LEU A O   1 
ATOM   403  C CB  . LEU A 1 56  ? -14.780 0.085   16.303  1.00 17.99  ? 698 LEU A CB  1 
ATOM   404  C CG  . LEU A 1 56  ? -14.396 0.706   17.670  1.00 19.51  ? 698 LEU A CG  1 
ATOM   405  C CD1 . LEU A 1 56  ? -15.459 1.703   18.061  1.00 21.72  ? 698 LEU A CD1 1 
ATOM   406  C CD2 . LEU A 1 56  ? -14.212 -0.385  18.715  1.00 20.04  ? 698 LEU A CD2 1 
ATOM   407  N N   . THR A 1 57  ? -13.995 -1.307  13.342  1.00 19.41  ? 699 THR A N   1 
ATOM   408  C CA  . THR A 1 57  ? -14.635 -2.071  12.237  1.00 20.08  ? 699 THR A CA  1 
ATOM   409  C C   . THR A 1 57  ? -13.705 -2.824  11.294  1.00 21.29  ? 699 THR A C   1 
ATOM   410  O O   . THR A 1 57  ? -14.145 -3.715  10.551  1.00 21.26  ? 699 THR A O   1 
ATOM   411  C CB  . THR A 1 57  ? -15.540 -1.188  11.428  1.00 23.64  ? 699 THR A CB  1 
ATOM   412  O OG1 . THR A 1 57  ? -14.780 -0.185  10.784  1.00 22.85  ? 699 THR A OG1 1 
ATOM   413  C CG2 . THR A 1 57  ? -16.642 -0.573  12.306  1.00 26.21  ? 699 THR A CG2 1 
ATOM   414  N N   . ILE A 1 58  ? -12.436 -2.479  11.306  1.00 18.84  ? 700 ILE A N   1 
ATOM   415  C CA  . ILE A 1 58  ? -11.429 -3.100  10.405  1.00 19.39  ? 700 ILE A CA  1 
ATOM   416  C C   . ILE A 1 58  ? -10.652 -4.148  11.193  1.00 20.03  ? 700 ILE A C   1 
ATOM   417  O O   . ILE A 1 58  ? -9.958  -3.850  12.168  1.00 22.16  ? 700 ILE A O   1 
ATOM   418  C CB  . ILE A 1 58  ? -10.520 -1.998  9.774   1.00 19.44  ? 700 ILE A CB  1 
ATOM   419  C CG1 . ILE A 1 58  ? -11.327 -1.075  8.839   1.00 21.13  ? 700 ILE A CG1 1 
ATOM   420  C CG2 . ILE A 1 58  ? -9.333  -2.635  9.066   1.00 20.57  ? 700 ILE A CG2 1 
ATOM   421  C CD1 . ILE A 1 58  ? -11.999 -1.741  7.633   1.00 22.41  ? 700 ILE A CD1 1 
ATOM   422  N N   . LYS A 1 59  ? -10.762 -5.395  10.770  1.00 20.68  ? 701 LYS A N   1 
ATOM   423  C CA  . LYS A 1 59  ? -10.099 -6.521  11.443  1.00 23.01  ? 701 LYS A CA  1 
ATOM   424  C C   . LYS A 1 59  ? -8.573  -6.470  11.484  1.00 24.00  ? 701 LYS A C   1 
ATOM   425  O O   . LYS A 1 59  ? -7.970  -6.811  12.486  1.00 24.05  ? 701 LYS A O   1 
ATOM   426  C CB  . LYS A 1 59  ? -10.589 -7.817  10.781  1.00 29.60  ? 701 LYS A CB  1 
ATOM   427  C CG  . LYS A 1 59  ? -10.025 -9.102  11.335  1.00 35.50  ? 701 LYS A CG  1 
ATOM   428  C CD  . LYS A 1 59  ? -10.802 -10.287 10.766  1.00 42.06  ? 701 LYS A CD  1 
ATOM   429  C CE  . LYS A 1 59  ? -10.012 -11.587 10.902  1.00 48.72  ? 701 LYS A CE  1 
ATOM   430  N NZ  . LYS A 1 59  ? -9.527  -11.778 12.301  1.00 53.98  ? 701 LYS A NZ  1 
ATOM   431  N N   . LYS A 1 60  ? -7.942  -6.044  10.382  1.00 20.58  ? 702 LYS A N   1 
ATOM   432  C CA  . LYS A 1 60  ? -6.505  -6.060  10.261  1.00 21.13  ? 702 LYS A CA  1 
ATOM   433  C C   . LYS A 1 60  ? -6.001  -4.699  9.720   1.00 20.24  ? 702 LYS A C   1 
ATOM   434  O O   . LYS A 1 60  ? -5.898  -4.514  8.515   1.00 18.70  ? 702 LYS A O   1 
ATOM   435  C CB  . LYS A 1 60  ? -6.075  -7.183  9.327   1.00 22.89  ? 702 LYS A CB  1 
ATOM   436  C CG  . LYS A 1 60  ? -4.571  -7.381  9.366   1.00 26.96  ? 702 LYS A CG  1 
ATOM   437  C CD  . LYS A 1 60  ? -4.089  -8.617  8.626   1.00 31.37  ? 702 LYS A CD  1 
ATOM   438  C CE  . LYS A 1 60  ? -2.575  -8.620  8.460   1.00 35.31  ? 702 LYS A CE  1 
ATOM   439  N NZ  . LYS A 1 60  ? -2.188  -9.633  7.425   1.00 35.95  ? 702 LYS A NZ  1 
ATOM   440  N N   . PRO A 1 61  ? -5.728  -3.743  10.619  1.00 19.83  ? 703 PRO A N   1 
ATOM   441  C CA  . PRO A 1 61  ? -5.206  -2.435  10.228  1.00 17.73  ? 703 PRO A CA  1 
ATOM   442  C C   . PRO A 1 61  ? -3.955  -2.588  9.383   1.00 17.76  ? 703 PRO A C   1 
ATOM   443  O O   . PRO A 1 61  ? -3.139  -3.520  9.592   1.00 17.56  ? 703 PRO A O   1 
ATOM   444  C CB  . PRO A 1 61  ? -4.871  -1.787  11.578  1.00 19.42  ? 703 PRO A CB  1 
ATOM   445  C CG  . PRO A 1 61  ? -5.943  -2.350  12.480  1.00 22.59  ? 703 PRO A CG  1 
ATOM   446  C CD  . PRO A 1 61  ? -6.023  -3.792  12.068  1.00 21.86  ? 703 PRO A CD  1 
ATOM   447  N N   . MET A 1 62  ? -3.823  -1.704  8.401   1.00 16.20  ? 704 MET A N   1 
ATOM   448  C CA  . MET A 1 62  ? -2.661  -1.723  7.507   1.00 16.09  ? 704 MET A CA  1 
ATOM   449  C C   . MET A 1 62  ? -2.385  -0.334  7.017   1.00 14.83  ? 704 MET A C   1 
ATOM   450  O O   . MET A 1 62  ? -3.312  0.389   6.658   1.00 17.11  ? 704 MET A O   1 
ATOM   451  C CB  . MET A 1 62  ? -2.932  -2.651  6.334   1.00 17.14  ? 704 MET A CB  1 
ATOM   452  C CG  . MET A 1 62  ? -1.749  -2.908  5.445   1.00 18.56  ? 704 MET A CG  1 
ATOM   453  S SD  . MET A 1 62  ? -0.343  -3.683  6.245   1.00 22.50  ? 704 MET A SD  1 
ATOM   454  C CE  . MET A 1 62  ? -1.060  -5.190  6.824   1.00 25.06  ? 704 MET A CE  1 
ATOM   455  N N   . ASP A 1 63  ? -1.108  0.044   6.976   1.00 14.68  ? 705 ASP A N   1 
ATOM   456  C CA  . ASP A 1 63  ? -0.677  1.293   6.363   1.00 15.38  ? 705 ASP A CA  1 
ATOM   457  C C   . ASP A 1 63  ? 0.668   1.062   5.662   1.00 15.14  ? 705 ASP A C   1 
ATOM   458  O O   . ASP A 1 63  ? 1.255   -0.013  5.800   1.00 16.19  ? 705 ASP A O   1 
ATOM   459  C CB  . ASP A 1 63  ? -0.699  2.454   7.387   1.00 16.38  ? 705 ASP A CB  1 
ATOM   460  C CG  . ASP A 1 63  ? 0.292   2.303   8.552   1.00 19.36  ? 705 ASP A CG  1 
ATOM   461  O OD1 . ASP A 1 63  ? 1.283   1.527   8.486   1.00 21.22  ? 705 ASP A OD1 1 
ATOM   462  O OD2 . ASP A 1 63  ? 0.072   3.038   9.541   1.00 18.47  ? 705 ASP A OD2 1 
ATOM   463  N N   . MET A 1 64  ? 1.135   2.031   4.878   1.00 16.62  ? 706 MET A N   1 
ATOM   464  C CA  . MET A 1 64  ? 2.364   1.795   4.116   1.00 17.47  ? 706 MET A CA  1 
ATOM   465  C C   . MET A 1 64  ? 3.574   1.772   4.998   1.00 17.50  ? 706 MET A C   1 
ATOM   466  O O   . MET A 1 64  ? 4.531   1.092   4.684   1.00 20.12  ? 706 MET A O   1 
ATOM   467  C CB  . MET A 1 64  ? 2.513   2.794   2.995   1.00 16.41  ? 706 MET A CB  1 
ATOM   468  C CG  . MET A 1 64  ? 1.444   2.536   1.924   1.00 18.97  ? 706 MET A CG  1 
ATOM   469  S SD  . MET A 1 64  ? 1.483   3.643   0.493   1.00 19.92  ? 706 MET A SD  1 
ATOM   470  C CE  . MET A 1 64  ? 3.128   3.294   -0.114  1.00 19.53  ? 706 MET A CE  1 
ATOM   471  N N   . GLU A 1 65  ? 3.551   2.488   6.112   1.00 18.13  ? 707 GLU A N   1 
ATOM   472  C CA  . GLU A 1 65  ? 4.657   2.364   7.067   1.00 22.42  ? 707 GLU A CA  1 
ATOM   473  C C   . GLU A 1 65  ? 4.838   0.915   7.563   1.00 20.89  ? 707 GLU A C   1 
ATOM   474  O O   . GLU A 1 65  ? 5.980   0.469   7.711   1.00 21.81  ? 707 GLU A O   1 
ATOM   475  C CB  . GLU A 1 65  ? 4.436   3.284   8.245   1.00 26.84  ? 707 GLU A CB  1 
ATOM   476  C CG  . GLU A 1 65  ? 5.416   3.181   9.402   1.00 33.51  ? 707 GLU A CG  1 
ATOM   477  C CD  . GLU A 1 65  ? 6.841   3.529   9.022   1.00 40.56  ? 707 GLU A CD  1 
ATOM   478  O OE1 . GLU A 1 65  ? 7.091   4.121   7.933   1.00 41.74  ? 707 GLU A OE1 1 
ATOM   479  O OE2 . GLU A 1 65  ? 7.745   3.179   9.836   1.00 46.74  ? 707 GLU A OE2 1 
ATOM   480  N N   . LYS A 1 66  ? 3.745   0.201   7.815   1.00 18.71  ? 708 LYS A N   1 
ATOM   481  C CA  . LYS A 1 66  ? 3.836   -1.171  8.255   1.00 20.06  ? 708 LYS A CA  1 
ATOM   482  C C   . LYS A 1 66  ? 4.471   -2.026  7.187   1.00 20.36  ? 708 LYS A C   1 
ATOM   483  O O   . LYS A 1 66  ? 5.355   -2.861  7.464   1.00 21.74  ? 708 LYS A O   1 
ATOM   484  C CB  . LYS A 1 66  ? 2.470   -1.698  8.637   1.00 23.10  ? 708 LYS A CB  1 
ATOM   485  C CG  . LYS A 1 66  ? 2.466   -3.140  9.128   1.00 30.62  ? 708 LYS A CG  1 
ATOM   486  C CD  . LYS A 1 66  ? 1.153   -3.536  9.817   1.00 36.50  ? 708 LYS A CD  1 
ATOM   487  C CE  . LYS A 1 66  ? 1.464   -4.582  10.896  1.00 45.38  ? 708 LYS A CE  1 
ATOM   488  N NZ  . LYS A 1 66  ? 0.252   -5.228  11.462  1.00 50.44  ? 708 LYS A NZ  1 
ATOM   489  N N   . ILE A 1 67  ? 3.997   -1.840  5.958   1.00 18.07  ? 709 ILE A N   1 
ATOM   490  C CA  . ILE A 1 67  ? 4.569   -2.525  4.791   1.00 19.14  ? 709 ILE A CA  1 
ATOM   491  C C   . ILE A 1 67  ? 6.054   -2.215  4.617   1.00 19.33  ? 709 ILE A C   1 
ATOM   492  O O   . ILE A 1 67  ? 6.874   -3.146  4.452   1.00 21.87  ? 709 ILE A O   1 
ATOM   493  C CB  . ILE A 1 67  ? 3.782   -2.191  3.506   1.00 19.00  ? 709 ILE A CB  1 
ATOM   494  C CG1 . ILE A 1 67  ? 2.352   -2.714  3.614   1.00 19.29  ? 709 ILE A CG1 1 
ATOM   495  C CG2 . ILE A 1 67  ? 4.449   -2.818  2.272   1.00 18.78  ? 709 ILE A CG2 1 
ATOM   496  C CD1 . ILE A 1 67  ? 1.378   -2.277  2.543   1.00 19.69  ? 709 ILE A CD1 1 
ATOM   497  N N   . ARG A 1 68  ? 6.400   -0.940  4.645   1.00 20.21  ? 710 ARG A N   1 
ATOM   498  C CA  . ARG A 1 68  ? 7.803   -0.509  4.497   1.00 22.45  ? 710 ARG A CA  1 
ATOM   499  C C   . ARG A 1 68  ? 8.683   -1.131  5.609   1.00 23.30  ? 710 ARG A C   1 
ATOM   500  O O   . ARG A 1 68  ? 9.787   -1.656  5.326   1.00 24.13  ? 710 ARG A O   1 
ATOM   501  C CB  . ARG A 1 68  ? 7.931   1.003   4.551   1.00 26.11  ? 710 ARG A CB  1 
ATOM   502  C CG  . ARG A 1 68  ? 9.326   1.509   4.124   1.00 31.09  ? 710 ARG A CG  1 
ATOM   503  C CD  . ARG A 1 68  ? 9.626   2.919   4.643   1.00 35.13  ? 710 ARG A CD  1 
ATOM   504  N NE  . ARG A 1 68  ? 9.406   3.022   6.094   1.00 43.71  ? 710 ARG A NE  1 
ATOM   505  C CZ  . ARG A 1 68  ? 10.143  2.433   7.052   1.00 53.06  ? 710 ARG A CZ  1 
ATOM   506  N NH1 . ARG A 1 68  ? 11.203  1.682   6.770   1.00 51.92  ? 710 ARG A NH1 1 
ATOM   507  N NH2 . ARG A 1 68  ? 9.821   2.597   8.330   1.00 60.93  ? 710 ARG A NH2 1 
ATOM   508  N N   . SER A 1 69  ? 8.189   -1.119  6.838   1.00 25.01  ? 711 SER A N   1 
ATOM   509  C CA  . SER A 1 69  ? 8.963   -1.675  7.970   1.00 28.19  ? 711 SER A CA  1 
ATOM   510  C C   . SER A 1 69  ? 9.239   -3.146  7.791   1.00 28.93  ? 711 SER A C   1 
ATOM   511  O O   . SER A 1 69  ? 10.390  -3.601  8.010   1.00 30.60  ? 711 SER A O   1 
ATOM   512  C CB  . SER A 1 69  ? 8.250   -1.436  9.287   1.00 31.21  ? 711 SER A CB  1 
ATOM   513  O OG  . SER A 1 69  ? 8.400   -0.079  9.589   1.00 38.01  ? 711 SER A OG  1 
ATOM   514  N N   . HIS A 1 70  ? 8.221   -3.871  7.346   1.00 26.45  ? 712 HIS A N   1 
ATOM   515  C CA  . HIS A 1 70  ? 8.339   -5.292  7.070   1.00 29.12  ? 712 HIS A CA  1 
ATOM   516  C C   . HIS A 1 70  ? 9.345   -5.558  5.930   1.00 29.65  ? 712 HIS A C   1 
ATOM   517  O O   . HIS A 1 70  ? 10.174  -6.486  5.994   1.00 30.37  ? 712 HIS A O   1 
ATOM   518  C CB  . HIS A 1 70  ? 6.981   -5.835  6.673   1.00 31.00  ? 712 HIS A CB  1 
ATOM   519  C CG  . HIS A 1 70  ? 6.801   -7.282  6.954   1.00 37.53  ? 712 HIS A CG  1 
ATOM   520  N ND1 . HIS A 1 70  ? 6.770   -8.230  5.960   1.00 38.27  ? 712 HIS A ND1 1 
ATOM   521  C CD2 . HIS A 1 70  ? 6.607   -7.948  8.117   1.00 38.68  ? 712 HIS A CD2 1 
ATOM   522  C CE1 . HIS A 1 70  ? 6.530   -9.417  6.489   1.00 39.25  ? 712 HIS A CE1 1 
ATOM   523  N NE2 . HIS A 1 70  ? 6.442   -9.273  7.799   1.00 40.68  ? 712 HIS A NE2 1 
ATOM   524  N N   . MET A 1 71  ? 9.235   -4.770  4.862   1.00 25.12  ? 713 MET A N   1 
ATOM   525  C CA  . MET A 1 71  ? 10.168  -4.867  3.719   1.00 27.23  ? 713 MET A CA  1 
ATOM   526  C C   . MET A 1 71  ? 11.607  -4.586  4.189   1.00 29.33  ? 713 MET A C   1 
ATOM   527  O O   . MET A 1 71  ? 12.508  -5.370  3.886   1.00 30.34  ? 713 MET A O   1 
ATOM   528  C CB  . MET A 1 71  ? 9.784   -3.861  2.615   1.00 25.71  ? 713 MET A CB  1 
ATOM   529  C CG  . MET A 1 71  ? 10.671  -3.876  1.391   1.00 28.36  ? 713 MET A CG  1 
ATOM   530  S SD  . MET A 1 71  ? 10.240  -2.642  0.141   1.00 29.31  ? 713 MET A SD  1 
ATOM   531  C CE  . MET A 1 71  ? 10.581  -1.106  0.956   1.00 30.74  ? 713 MET A CE  1 
ATOM   532  N N   . MET A 1 72  ? 11.805  -3.510  4.945   1.00 29.00  ? 714 MET A N   1 
ATOM   533  C CA  . MET A 1 72  ? 13.150  -3.120  5.398   1.00 34.45  ? 714 MET A CA  1 
ATOM   534  C C   . MET A 1 72  ? 13.780  -4.140  6.361   1.00 35.81  ? 714 MET A C   1 
ATOM   535  O O   . MET A 1 72  ? 15.010  -4.233  6.423   1.00 33.49  ? 714 MET A O   1 
ATOM   536  C CB  . MET A 1 72  ? 13.155  -1.734  6.056   1.00 37.93  ? 714 MET A CB  1 
ATOM   537  C CG  . MET A 1 72  ? 12.964  -0.553  5.105   1.00 41.79  ? 714 MET A CG  1 
ATOM   538  S SD  . MET A 1 72  ? 13.800  -0.632  3.511   1.00 49.14  ? 714 MET A SD  1 
ATOM   539  C CE  . MET A 1 72  ? 13.070  0.806   2.701   1.00 55.90  ? 714 MET A CE  1 
ATOM   540  N N   . ALA A 1 73  ? 12.938  -4.866  7.093   1.00 34.78  ? 715 ALA A N   1 
ATOM   541  C CA  . ALA A 1 73  ? 13.335  -5.993  7.955   1.00 38.34  ? 715 ALA A CA  1 
ATOM   542  C C   . ALA A 1 73  ? 13.547  -7.295  7.177   1.00 39.57  ? 715 ALA A C   1 
ATOM   543  O O   . ALA A 1 73  ? 13.734  -8.348  7.776   1.00 41.69  ? 715 ALA A O   1 
ATOM   544  C CB  . ALA A 1 73  ? 12.269  -6.215  9.022   1.00 37.47  ? 715 ALA A CB  1 
ATOM   545  N N   . ASN A 1 74  ? 13.452  -7.223  5.856   1.00 38.79  ? 716 ASN A N   1 
ATOM   546  C CA  . ASN A 1 74  ? 13.627  -8.329  4.968   1.00 42.30  ? 716 ASN A CA  1 
ATOM   547  C C   . ASN A 1 74  ? 12.688  -9.498  5.279   1.00 43.06  ? 716 ASN A C   1 
ATOM   548  O O   . ASN A 1 74  ? 13.060  -10.665 5.171   1.00 40.16  ? 716 ASN A O   1 
ATOM   549  C CB  . ASN A 1 74  ? 15.116  -8.715  4.977   1.00 44.29  ? 716 ASN A CB  1 
ATOM   550  C CG  . ASN A 1 74  ? 15.485  -9.607  3.837   1.00 43.93  ? 716 ASN A CG  1 
ATOM   551  O OD1 . ASN A 1 74  ? 14.981  -9.479  2.716   1.00 45.02  ? 716 ASN A OD1 1 
ATOM   552  N ND2 . ASN A 1 74  ? 16.371  -10.544 4.116   1.00 48.57  ? 716 ASN A ND2 1 
ATOM   553  N N   . LYS A 1 75  ? 11.448  -9.168  5.644   1.00 39.92  ? 717 LYS A N   1 
ATOM   554  C CA  . LYS A 1 75  ? 10.499  -10.159 6.090   1.00 38.54  ? 717 LYS A CA  1 
ATOM   555  C C   . LYS A 1 75  ? 9.530   -10.660 5.027   1.00 38.65  ? 717 LYS A C   1 
ATOM   556  O O   . LYS A 1 75  ? 8.849   -11.657 5.260   1.00 37.08  ? 717 LYS A O   1 
ATOM   557  C CB  . LYS A 1 75  ? 9.745   -9.670  7.331   1.00 44.29  ? 717 LYS A CB  1 
ATOM   558  C CG  . LYS A 1 75  ? 10.554  -9.728  8.618   1.00 48.32  ? 717 LYS A CG  1 
ATOM   559  C CD  . LYS A 1 75  ? 9.638   -9.599  9.827   1.00 54.79  ? 717 LYS A CD  1 
ATOM   560  C CE  . LYS A 1 75  ? 10.338  -9.921  11.145  1.00 59.21  ? 717 LYS A CE  1 
ATOM   561  N NZ  . LYS A 1 75  ? 11.127  -8.780  11.694  1.00 59.62  ? 717 LYS A NZ  1 
ATOM   562  N N   . TYR A 1 76  ? 9.435   -9.995  3.870   1.00 32.63  ? 718 TYR A N   1 
ATOM   563  C CA  . TYR A 1 76  ? 8.667   -10.527 2.752   1.00 32.62  ? 718 TYR A CA  1 
ATOM   564  C C   . TYR A 1 76  ? 9.483   -11.548 1.973   1.00 38.25  ? 718 TYR A C   1 
ATOM   565  O O   . TYR A 1 76  ? 10.576  -11.227 1.525   1.00 36.73  ? 718 TYR A O   1 
ATOM   566  C CB  . TYR A 1 76  ? 8.254   -9.419  1.768   1.00 30.81  ? 718 TYR A CB  1 
ATOM   567  C CG  . TYR A 1 76  ? 7.162   -8.511  2.300   1.00 26.27  ? 718 TYR A CG  1 
ATOM   568  C CD1 . TYR A 1 76  ? 5.918   -9.028  2.625   1.00 26.49  ? 718 TYR A CD1 1 
ATOM   569  C CD2 . TYR A 1 76  ? 7.378   -7.140  2.449   1.00 25.68  ? 718 TYR A CD2 1 
ATOM   570  C CE1 . TYR A 1 76  ? 4.890   -8.216  3.112   1.00 25.23  ? 718 TYR A CE1 1 
ATOM   571  C CE2 . TYR A 1 76  ? 6.376   -6.303  2.945   1.00 23.36  ? 718 TYR A CE2 1 
ATOM   572  C CZ  . TYR A 1 76  ? 5.134   -6.829  3.257   1.00 25.53  ? 718 TYR A CZ  1 
ATOM   573  O OH  . TYR A 1 76  ? 4.163   -5.996  3.761   1.00 22.88  ? 718 TYR A OH  1 
ATOM   574  N N   . GLN A 1 77  ? 8.940   -12.747 1.771   1.00 41.00  ? 719 GLN A N   1 
ATOM   575  C CA  . GLN A 1 77  ? 9.663   -13.808 1.026   1.00 40.56  ? 719 GLN A CA  1 
ATOM   576  C C   . GLN A 1 77  ? 9.395   -13.786 -0.458  1.00 39.01  ? 719 GLN A C   1 
ATOM   577  O O   . GLN A 1 77  ? 10.156  -14.353 -1.248  1.00 40.31  ? 719 GLN A O   1 
ATOM   578  C CB  . GLN A 1 77  ? 9.286   -15.186 1.560   1.00 47.10  ? 719 GLN A CB  1 
ATOM   579  C CG  . GLN A 1 77  ? 9.610   -15.393 3.029   1.00 53.32  ? 719 GLN A CG  1 
ATOM   580  C CD  . GLN A 1 77  ? 9.458   -16.849 3.447   1.00 64.87  ? 719 GLN A CD  1 
ATOM   581  O OE1 . GLN A 1 77  ? 8.573   -17.193 4.242   1.00 68.23  ? 719 GLN A OE1 1 
ATOM   582  N NE2 . GLN A 1 77  ? 10.313  -17.721 2.894   1.00 70.57  ? 719 GLN A NE2 1 
ATOM   583  N N   . ASP A 1 78  ? 8.302   -13.177 -0.868  1.00 31.11  ? 720 ASP A N   1 
ATOM   584  C CA  . ASP A 1 78  ? 8.001   -13.076 -2.265  1.00 34.69  ? 720 ASP A CA  1 
ATOM   585  C C   . ASP A 1 78  ? 7.147   -11.847 -2.508  1.00 32.27  ? 720 ASP A C   1 
ATOM   586  O O   . ASP A 1 78  ? 6.719   -11.204 -1.557  1.00 31.10  ? 720 ASP A O   1 
ATOM   587  C CB  . ASP A 1 78  ? 7.308   -14.357 -2.752  1.00 38.38  ? 720 ASP A CB  1 
ATOM   588  C CG  . ASP A 1 78  ? 6.136   -14.726 -1.892  1.00 45.38  ? 720 ASP A CG  1 
ATOM   589  O OD1 . ASP A 1 78  ? 5.210   -13.887 -1.738  1.00 39.41  ? 720 ASP A OD1 1 
ATOM   590  O OD2 . ASP A 1 78  ? 6.148   -15.836 -1.342  1.00 46.59  ? 720 ASP A OD2 1 
ATOM   591  N N   . ILE A 1 79  ? 6.927   -11.547 -3.775  1.00 30.91  ? 721 ILE A N   1 
ATOM   592  C CA  . ILE A 1 79  ? 6.187   -10.366 -4.208  1.00 33.22  ? 721 ILE A CA  1 
ATOM   593  C C   . ILE A 1 79  ? 4.723   -10.491 -3.815  1.00 32.39  ? 721 ILE A C   1 
ATOM   594  O O   . ILE A 1 79  ? 4.119   -9.501  -3.390  1.00 28.89  ? 721 ILE A O   1 
ATOM   595  C CB  . ILE A 1 79  ? 6.300   -10.109 -5.718  1.00 36.65  ? 721 ILE A CB  1 
ATOM   596  C CG1 . ILE A 1 79  ? 7.751   -9.781  -6.082  1.00 44.61  ? 721 ILE A CG1 1 
ATOM   597  C CG2 . ILE A 1 79  ? 5.399   -8.956  -6.180  1.00 39.33  ? 721 ILE A CG2 1 
ATOM   598  C CD1 . ILE A 1 79  ? 8.372   -8.665  -5.257  1.00 45.95  ? 721 ILE A CD1 1 
ATOM   599  N N   . ASP A 1 80  ? 4.175   -11.697 -3.950  1.00 29.62  ? 722 ASP A N   1 
ATOM   600  C CA  . ASP A 1 80  ? 2.761   -11.931 -3.582  1.00 29.92  ? 722 ASP A CA  1 
ATOM   601  C C   . ASP A 1 80  ? 2.451   -11.504 -2.159  1.00 25.64  ? 722 ASP A C   1 
ATOM   602  O O   . ASP A 1 80  ? 1.379   -10.934 -1.934  1.00 24.19  ? 722 ASP A O   1 
ATOM   603  C CB  . ASP A 1 80  ? 2.366   -13.414 -3.767  1.00 34.91  ? 722 ASP A CB  1 
ATOM   604  C CG  . ASP A 1 80  ? 2.131   -13.794 -5.241  1.00 43.16  ? 722 ASP A CG  1 
ATOM   605  O OD1 . ASP A 1 80  ? 1.921   -12.907 -6.111  1.00 47.44  ? 722 ASP A OD1 1 
ATOM   606  O OD2 . ASP A 1 80  ? 2.136   -15.018 -5.519  1.00 50.38  ? 722 ASP A OD2 1 
ATOM   607  N N   . SER A 1 81  ? 3.355   -11.776 -1.209  1.00 23.53  ? 723 SER A N   1 
ATOM   608  C CA  . SER A 1 81  ? 3.139   -11.417 0.190   1.00 25.66  ? 723 SER A CA  1 
ATOM   609  C C   . SER A 1 81  ? 2.972   -9.923  0.391   1.00 23.60  ? 723 SER A C   1 
ATOM   610  O O   . SER A 1 81  ? 2.130   -9.498  1.166   1.00 22.82  ? 723 SER A O   1 
ATOM   611  C CB  . SER A 1 81  ? 4.272   -11.919 1.086   1.00 29.94  ? 723 SER A CB  1 
ATOM   612  O OG  . SER A 1 81  ? 4.215   -13.323 1.146   1.00 35.75  ? 723 SER A OG  1 
ATOM   613  N N   . MET A 1 82  ? 3.778   -9.132  -0.314  1.00 22.23  ? 724 MET A N   1 
ATOM   614  C CA  . MET A 1 82  ? 3.663   -7.660  -0.229  1.00 23.07  ? 724 MET A CA  1 
ATOM   615  C C   . MET A 1 82  ? 2.392   -7.163  -0.899  1.00 21.17  ? 724 MET A C   1 
ATOM   616  O O   . MET A 1 82  ? 1.659   -6.315  -0.357  1.00 19.94  ? 724 MET A O   1 
ATOM   617  C CB  . MET A 1 82  ? 4.876   -6.962  -0.878  1.00 23.70  ? 724 MET A CB  1 
ATOM   618  C CG  . MET A 1 82  ? 4.669   -5.462  -1.030  1.00 26.17  ? 724 MET A CG  1 
ATOM   619  S SD  . MET A 1 82  ? 6.109   -4.645  -1.827  1.00 25.00  ? 724 MET A SD  1 
ATOM   620  C CE  . MET A 1 82  ? 6.916   -4.460  -0.357  1.00 20.85  ? 724 MET A CE  1 
ATOM   621  N N   . VAL A 1 83  ? 2.103   -7.725  -2.066  1.00 20.29  ? 725 VAL A N   1 
ATOM   622  C CA  . VAL A 1 83  ? 0.898   -7.400  -2.781  1.00 19.65  ? 725 VAL A CA  1 
ATOM   623  C C   . VAL A 1 83  ? -0.339  -7.665  -1.907  1.00 18.95  ? 725 VAL A C   1 
ATOM   624  O O   . VAL A 1 83  ? -1.245  -6.844  -1.874  1.00 18.32  ? 725 VAL A O   1 
ATOM   625  C CB  . VAL A 1 83  ? 0.798   -8.143  -4.118  1.00 21.49  ? 725 VAL A CB  1 
ATOM   626  C CG1 . VAL A 1 83  ? -0.551  -7.949  -4.754  1.00 21.25  ? 725 VAL A CG1 1 
ATOM   627  C CG2 . VAL A 1 83  ? 1.913   -7.654  -5.065  1.00 22.40  ? 725 VAL A CG2 1 
ATOM   628  N N   . GLU A 1 84  ? -0.348  -8.782  -1.194  1.00 19.22  ? 726 GLU A N   1 
ATOM   629  C CA  . GLU A 1 84  ? -1.492  -9.119  -0.304  1.00 20.14  ? 726 GLU A CA  1 
ATOM   630  C C   . GLU A 1 84  ? -1.697  -8.032  0.769   1.00 18.92  ? 726 GLU A C   1 
ATOM   631  O O   . GLU A 1 84  ? -2.832  -7.676  1.057   1.00 19.32  ? 726 GLU A O   1 
ATOM   632  C CB  . GLU A 1 84  ? -1.237  -10.470 0.381   1.00 25.68  ? 726 GLU A CB  1 
ATOM   633  C CG  . GLU A 1 84  ? -1.429  -11.648 -0.560  1.00 31.75  ? 726 GLU A CG  1 
ATOM   634  C CD  . GLU A 1 84  ? -0.957  -12.975 0.034   1.00 38.02  ? 726 GLU A CD  1 
ATOM   635  O OE1 . GLU A 1 84  ? -0.848  -13.080 1.279   1.00 38.72  ? 726 GLU A OE1 1 
ATOM   636  O OE2 . GLU A 1 84  ? -0.701  -13.900 -0.768  1.00 46.94  ? 726 GLU A OE2 1 
ATOM   637  N N   . ASP A 1 85  ? -0.608  -7.494  1.323   1.00 18.05  ? 727 ASP A N   1 
ATOM   638  C CA  . ASP A 1 85  ? -0.735  -6.424  2.325   1.00 17.73  ? 727 ASP A CA  1 
ATOM   639  C C   . ASP A 1 85  ? -1.264  -5.136  1.749   1.00 17.51  ? 727 ASP A C   1 
ATOM   640  O O   . ASP A 1 85  ? -2.119  -4.482  2.364   1.00 15.96  ? 727 ASP A O   1 
ATOM   641  C CB  . ASP A 1 85  ? 0.560   -6.193  3.103   1.00 17.77  ? 727 ASP A CB  1 
ATOM   642  C CG  . ASP A 1 85  ? 0.882   -7.343  4.062   1.00 21.59  ? 727 ASP A CG  1 
ATOM   643  O OD1 . ASP A 1 85  ? -0.007  -8.182  4.385   1.00 21.68  ? 727 ASP A OD1 1 
ATOM   644  O OD2 . ASP A 1 85  ? 2.037   -7.398  4.509   1.00 23.30  ? 727 ASP A OD2 1 
ATOM   645  N N   . PHE A 1 86  ? -0.790  -4.747  0.558   1.00 15.73  ? 728 PHE A N   1 
ATOM   646  C CA  . PHE A 1 86  ? -1.362  -3.603  -0.144  1.00 15.70  ? 728 PHE A CA  1 
ATOM   647  C C   . PHE A 1 86  ? -2.844  -3.786  -0.433  1.00 14.57  ? 728 PHE A C   1 
ATOM   648  O O   . PHE A 1 86  ? -3.640  -2.879  -0.269  1.00 14.52  ? 728 PHE A O   1 
ATOM   649  C CB  . PHE A 1 86  ? -0.610  -3.259  -1.462  1.00 16.06  ? 728 PHE A CB  1 
ATOM   650  C CG  . PHE A 1 86  ? 0.610   -2.399  -1.274  1.00 16.35  ? 728 PHE A CG  1 
ATOM   651  C CD1 . PHE A 1 86  ? 0.480   -1.033  -1.033  1.00 16.59  ? 728 PHE A CD1 1 
ATOM   652  C CD2 . PHE A 1 86  ? 1.906   -2.929  -1.383  1.00 17.94  ? 728 PHE A CD2 1 
ATOM   653  C CE1 . PHE A 1 86  ? 1.596   -0.220  -0.870  1.00 17.28  ? 728 PHE A CE1 1 
ATOM   654  C CE2 . PHE A 1 86  ? 3.026   -2.121  -1.196  1.00 19.35  ? 728 PHE A CE2 1 
ATOM   655  C CZ  . PHE A 1 86  ? 2.874   -0.763  -0.957  1.00 18.78  ? 728 PHE A CZ  1 
ATOM   656  N N   . VAL A 1 87  ? -3.204  -4.971  -0.951  1.00 14.41  ? 729 VAL A N   1 
ATOM   657  C CA  . VAL A 1 87  ? -4.602  -5.253  -1.275  1.00 15.03  ? 729 VAL A CA  1 
ATOM   658  C C   . VAL A 1 87  ? -5.468  -5.171  -0.013  1.00 15.29  ? 729 VAL A C   1 
ATOM   659  O O   . VAL A 1 87  ? -6.580  -4.616  -0.071  1.00 15.11  ? 729 VAL A O   1 
ATOM   660  C CB  . VAL A 1 87  ? -4.744  -6.622  -1.994  1.00 16.04  ? 729 VAL A CB  1 
ATOM   661  C CG1 . VAL A 1 87  ? -6.193  -7.118  -2.020  1.00 18.33  ? 729 VAL A CG1 1 
ATOM   662  C CG2 . VAL A 1 87  ? -4.109  -6.487  -3.380  1.00 17.11  ? 729 VAL A CG2 1 
ATOM   663  N N   . MET A 1 88  ? -4.982  -5.709  1.106   1.00 15.56  ? 730 MET A N   1 
ATOM   664  C CA  A MET A 1 88  ? -5.690  -5.574  2.389   0.50 15.19  ? 730 MET A CA  1 
ATOM   665  C CA  B MET A 1 88  ? -5.744  -5.559  2.340   0.50 18.09  ? 730 MET A CA  1 
ATOM   666  C C   . MET A 1 88  ? -5.911  -4.083  2.697   1.00 15.19  ? 730 MET A C   1 
ATOM   667  O O   . MET A 1 88  ? -7.017  -3.654  3.058   1.00 15.73  ? 730 MET A O   1 
ATOM   668  C CB  A MET A 1 88  ? -4.902  -6.244  3.525   0.50 14.15  ? 730 MET A CB  1 
ATOM   669  C CB  B MET A 1 88  ? -5.126  -6.286  3.510   0.50 21.43  ? 730 MET A CB  1 
ATOM   670  C CG  A MET A 1 88  ? -5.559  -6.154  4.887   0.50 13.77  ? 730 MET A CG  1 
ATOM   671  C CG  B MET A 1 88  ? -6.090  -6.302  4.677   0.50 26.32  ? 730 MET A CG  1 
ATOM   672  S SD  A MET A 1 88  ? -7.180  -6.968  4.960   0.50 13.73  ? 730 MET A SD  1 
ATOM   673  S SD  B MET A 1 88  ? -5.402  -7.330  5.940   0.50 36.44  ? 730 MET A SD  1 
ATOM   674  C CE  A MET A 1 88  ? -6.678  -8.659  4.783   0.50 13.60  ? 730 MET A CE  1 
ATOM   675  C CE  B MET A 1 88  ? -3.994  -6.308  6.271   0.50 33.45  ? 730 MET A CE  1 
ATOM   676  N N   . MET A 1 89  ? -4.852  -3.292  2.557   1.00 15.24  ? 731 MET A N   1 
ATOM   677  C CA  . MET A 1 89  ? -4.965  -1.877  2.843   1.00 14.79  ? 731 MET A CA  1 
ATOM   678  C C   . MET A 1 89  ? -5.997  -1.192  2.007   1.00 14.50  ? 731 MET A C   1 
ATOM   679  O O   . MET A 1 89  ? -6.829  -0.403  2.494   1.00 13.87  ? 731 MET A O   1 
ATOM   680  C CB  . MET A 1 89  ? -3.612  -1.174  2.641   1.00 15.37  ? 731 MET A CB  1 
ATOM   681  C CG  . MET A 1 89  ? -3.572  0.255   3.118   1.00 15.89  ? 731 MET A CG  1 
ATOM   682  S SD  . MET A 1 89  ? -1.950  1.008   2.826   1.00 17.34  ? 731 MET A SD  1 
ATOM   683  C CE  . MET A 1 89  ? -1.979  1.224   1.017   1.00 17.82  ? 731 MET A CE  1 
ATOM   684  N N   . PHE A 1 90  ? -6.004  -1.474  0.689   1.00 13.89  ? 732 PHE A N   1 
ATOM   685  C CA  . PHE A 1 90  ? -6.957  -0.802  -0.143  1.00 14.27  ? 732 PHE A CA  1 
ATOM   686  C C   . PHE A 1 90  ? -8.357  -1.296  0.098   1.00 13.84  ? 732 PHE A C   1 
ATOM   687  O O   . PHE A 1 90  ? -9.289  -0.529  0.030   1.00 15.36  ? 732 PHE A O   1 
ATOM   688  C CB  . PHE A 1 90  ? -6.563  -0.980  -1.631  1.00 14.79  ? 732 PHE A CB  1 
ATOM   689  C CG  . PHE A 1 90  ? -5.221  -0.391  -1.962  1.00 15.70  ? 732 PHE A CG  1 
ATOM   690  C CD1 . PHE A 1 90  ? -4.908  0.873   -1.529  1.00 17.03  ? 732 PHE A CD1 1 
ATOM   691  C CD2 . PHE A 1 90  ? -4.311  -1.084  -2.746  1.00 17.27  ? 732 PHE A CD2 1 
ATOM   692  C CE1 . PHE A 1 90  ? -3.664  1.438   -1.819  1.00 19.43  ? 732 PHE A CE1 1 
ATOM   693  C CE2 . PHE A 1 90  ? -3.068  -0.525  -3.042  1.00 19.11  ? 732 PHE A CE2 1 
ATOM   694  C CZ  . PHE A 1 90  ? -2.769  0.727   -2.585  1.00 19.00  ? 732 PHE A CZ  1 
ATOM   695  N N   . ASN A 1 91  ? -8.515  -2.583  0.374   1.00 13.92  ? 733 ASN A N   1 
ATOM   696  C CA  . ASN A 1 91  ? -9.868  -3.094  0.685   1.00 15.45  ? 733 ASN A CA  1 
ATOM   697  C C   . ASN A 1 91  ? -10.385 -2.530  1.995   1.00 15.80  ? 733 ASN A C   1 
ATOM   698  O O   . ASN A 1 91  ? -11.561 -2.159  2.092   1.00 17.02  ? 733 ASN A O   1 
ATOM   699  C CB  . ASN A 1 91  ? -9.907  -4.613  0.724   1.00 17.29  ? 733 ASN A CB  1 
ATOM   700  C CG  . ASN A 1 91  ? -11.334 -5.157  0.550   1.00 19.90  ? 733 ASN A CG  1 
ATOM   701  O OD1 . ASN A 1 91  ? -12.029 -4.827  -0.410  1.00 24.44  ? 733 ASN A OD1 1 
ATOM   702  N ND2 . ASN A 1 91  ? -11.778 -5.919  1.500   1.00 21.08  ? 733 ASN A ND2 1 
ATOM   703  N N   . ASN A 1 92  ? -9.491  -2.395  2.970   1.00 14.67  ? 734 ASN A N   1 
ATOM   704  C CA  . ASN A 1 92  ? -9.845  -1.697  4.220   1.00 14.64  ? 734 ASN A CA  1 
ATOM   705  C C   . ASN A 1 92  ? -10.318 -0.297  3.949   1.00 14.54  ? 734 ASN A C   1 
ATOM   706  O O   . ASN A 1 92  ? -11.360 0.103   4.468   1.00 15.79  ? 734 ASN A O   1 
ATOM   707  C CB  . ASN A 1 92  ? -8.654  -1.609  5.192   1.00 14.91  ? 734 ASN A CB  1 
ATOM   708  C CG  . ASN A 1 92  ? -8.260  -2.926  5.822   1.00 14.99  ? 734 ASN A CG  1 
ATOM   709  O OD1 . ASN A 1 92  ? -8.970  -3.956  5.769   1.00 16.96  ? 734 ASN A OD1 1 
ATOM   710  N ND2 . ASN A 1 92  ? -7.082  -2.916  6.382   1.00 15.34  ? 734 ASN A ND2 1 
ATOM   711  N N   . ALA A 1 93  ? -9.591  0.478   3.124   1.00 14.20  ? 735 ALA A N   1 
ATOM   712  C CA  . ALA A 1 93  ? -9.974  1.840   2.821   1.00 14.59  ? 735 ALA A CA  1 
ATOM   713  C C   . ALA A 1 93  ? -11.366 1.905   2.157   1.00 15.61  ? 735 ALA A C   1 
ATOM   714  O O   . ALA A 1 93  ? -12.158 2.789   2.461   1.00 16.03  ? 735 ALA A O   1 
ATOM   715  C CB  . ALA A 1 93  ? -8.939  2.490   1.936   1.00 15.62  ? 735 ALA A CB  1 
ATOM   716  N N   . CYS A 1 94  ? -11.622 0.951   1.266   1.00 16.44  ? 736 CYS A N   1 
ATOM   717  C CA  . CYS A 1 94  ? -12.858 0.905   0.513   1.00 17.42  ? 736 CYS A CA  1 
ATOM   718  C C   . CYS A 1 94  ? -14.007 0.284   1.310   1.00 18.57  ? 736 CYS A C   1 
ATOM   719  O O   . CYS A 1 94  ? -15.150 0.302   0.832   1.00 21.54  ? 736 CYS A O   1 
ATOM   720  C CB  . CYS A 1 94  ? -12.661 0.153   -0.810  1.00 17.91  ? 736 CYS A CB  1 
ATOM   721  S SG  . CYS A 1 94  ? -11.602 1.028   -1.971  1.00 19.47  ? 736 CYS A SG  1 
ATOM   722  N N   . THR A 1 95  ? -13.722 -0.282  2.461   1.00 18.09  ? 737 THR A N   1 
ATOM   723  C CA  . THR A 1 95  ? -14.737 -0.791  3.368   1.00 18.96  ? 737 THR A CA  1 
ATOM   724  C C   . THR A 1 95  ? -15.175 0.314   4.346   1.00 20.08  ? 737 THR A C   1 
ATOM   725  O O   . THR A 1 95  ? -16.369 0.577   4.537   1.00 20.63  ? 737 THR A O   1 
ATOM   726  C CB  . THR A 1 95  ? -14.233 -2.034  4.091   1.00 20.40  ? 737 THR A CB  1 
ATOM   727  O OG1 . THR A 1 95  ? -13.864 -3.042  3.145   1.00 22.00  ? 737 THR A OG1 1 
ATOM   728  C CG2 . THR A 1 95  ? -15.268 -2.586  5.083   1.00 23.27  ? 737 THR A CG2 1 
ATOM   729  N N   . TYR A 1 96  ? -14.203 1.005   4.918   1.00 17.27  ? 738 TYR A N   1 
ATOM   730  C CA  . TYR A 1 96  ? -14.451 2.026   5.923   1.00 18.88  ? 738 TYR A CA  1 
ATOM   731  C C   . TYR A 1 96  ? -15.035 3.284   5.308   1.00 18.59  ? 738 TYR A C   1 
ATOM   732  O O   . TYR A 1 96  ? -15.917 3.925   5.907   1.00 20.31  ? 738 TYR A O   1 
ATOM   733  C CB  . TYR A 1 96  ? -13.139 2.311   6.691   1.00 19.17  ? 738 TYR A CB  1 
ATOM   734  C CG  . TYR A 1 96  ? -13.330 3.426   7.681   1.00 19.11  ? 738 TYR A CG  1 
ATOM   735  C CD1 . TYR A 1 96  ? -14.266 3.314   8.694   1.00 20.60  ? 738 TYR A CD1 1 
ATOM   736  C CD2 . TYR A 1 96  ? -12.582 4.601   7.601   1.00 20.43  ? 738 TYR A CD2 1 
ATOM   737  C CE1 . TYR A 1 96  ? -14.465 4.385   9.585   1.00 20.72  ? 738 TYR A CE1 1 
ATOM   738  C CE2 . TYR A 1 96  ? -12.767 5.643   8.503   1.00 20.93  ? 738 TYR A CE2 1 
ATOM   739  C CZ  . TYR A 1 96  ? -13.707 5.530   9.482   1.00 22.63  ? 738 TYR A CZ  1 
ATOM   740  O OH  . TYR A 1 96  ? -13.911 6.602   10.348  1.00 23.44  ? 738 TYR A OH  1 
ATOM   741  N N   . ASN A 1 97  ? -14.566 3.670   4.117   1.00 18.13  ? 739 ASN A N   1 
ATOM   742  C CA  . ASN A 1 97  ? -15.000 4.870   3.442   1.00 18.47  ? 739 ASN A CA  1 
ATOM   743  C C   . ASN A 1 97  ? -16.038 4.572   2.364   1.00 21.05  ? 739 ASN A C   1 
ATOM   744  O O   . ASN A 1 97  ? -16.055 3.484   1.828   1.00 21.07  ? 739 ASN A O   1 
ATOM   745  C CB  . ASN A 1 97  ? -13.811 5.597   2.820   1.00 19.57  ? 739 ASN A CB  1 
ATOM   746  C CG  . ASN A 1 97  ? -12.778 5.997   3.853   1.00 20.34  ? 739 ASN A CG  1 
ATOM   747  O OD1 . ASN A 1 97  ? -12.936 7.025   4.506   1.00 20.46  ? 739 ASN A OD1 1 
ATOM   748  N ND2 . ASN A 1 97  ? -11.763 5.187   4.036   1.00 17.97  ? 739 ASN A ND2 1 
ATOM   749  N N   . GLU A 1 98  ? -16.888 5.544   2.067   1.00 23.16  ? 740 GLU A N   1 
ATOM   750  C CA  . GLU A 1 98  ? -17.937 5.332   1.063   1.00 27.18  ? 740 GLU A CA  1 
ATOM   751  C C   . GLU A 1 98  ? -17.391 5.444   -0.363  1.00 25.86  ? 740 GLU A C   1 
ATOM   752  O O   . GLU A 1 98  ? -16.395 6.145   -0.615  1.00 21.95  ? 740 GLU A O   1 
ATOM   753  C CB  . GLU A 1 98  ? -19.109 6.313   1.255   1.00 30.86  ? 740 GLU A CB  1 
ATOM   754  C CG  . GLU A 1 98  ? -19.830 6.244   2.608   1.00 36.76  ? 740 GLU A CG  1 
ATOM   755  C CD  . GLU A 1 98  ? -20.646 4.976   2.827   1.00 44.85  ? 740 GLU A CD  1 
ATOM   756  O OE1 . GLU A 1 98  ? -21.140 4.347   1.856   1.00 45.07  ? 740 GLU A OE1 1 
ATOM   757  O OE2 . GLU A 1 98  ? -20.788 4.591   4.008   1.00 55.70  ? 740 GLU A OE2 1 
ATOM   758  N N   . PRO A 1 99  ? -18.069 4.803   -1.334  1.00 25.01  ? 741 PRO A N   1 
ATOM   759  C CA  . PRO A 1 99  ? -17.607 4.830   -2.738  1.00 26.15  ? 741 PRO A CA  1 
ATOM   760  C C   . PRO A 1 99  ? -17.456 6.213   -3.342  1.00 26.49  ? 741 PRO A C   1 
ATOM   761  O O   . PRO A 1 99  ? -16.567 6.433   -4.201  1.00 28.18  ? 741 PRO A O   1 
ATOM   762  C CB  . PRO A 1 99  ? -18.679 3.999   -3.479  1.00 25.84  ? 741 PRO A CB  1 
ATOM   763  C CG  . PRO A 1 99  ? -19.226 3.110   -2.457  1.00 26.77  ? 741 PRO A CG  1 
ATOM   764  C CD  . PRO A 1 99  ? -19.157 3.831   -1.139  1.00 26.79  ? 741 PRO A CD  1 
ATOM   765  N N   . GLU A 1 100 ? -18.238 7.150   -2.822  1.00 28.94  ? 742 GLU A N   1 
ATOM   766  C CA  . GLU A 1 100 ? -18.228 8.549   -3.276  1.00 31.87  ? 742 GLU A CA  1 
ATOM   767  C C   . GLU A 1 100 ? -17.024 9.337   -2.743  1.00 30.66  ? 742 GLU A C   1 
ATOM   768  O O   . GLU A 1 100 ? -16.758 10.461  -3.175  1.00 29.72  ? 742 GLU A O   1 
ATOM   769  C CB  . GLU A 1 100 ? -19.525 9.237   -2.801  1.00 37.34  ? 742 GLU A CB  1 
ATOM   770  C CG  . GLU A 1 100 ? -20.835 8.664   -3.383  1.00 40.61  ? 742 GLU A CG  1 
ATOM   771  C CD  . GLU A 1 100 ? -21.294 7.293   -2.834  1.00 42.64  ? 742 GLU A CD  1 
ATOM   772  O OE1 . GLU A 1 100 ? -20.981 6.914   -1.680  1.00 36.93  ? 742 GLU A OE1 1 
ATOM   773  O OE2 . GLU A 1 100 ? -21.981 6.554   -3.586  1.00 50.70  ? 742 GLU A OE2 1 
ATOM   774  N N   . SER A 1 101 ? -16.296 8.775   -1.780  1.00 24.60  ? 743 SER A N   1 
ATOM   775  C CA  . SER A 1 101 ? -15.224 9.521   -1.128  1.00 22.29  ? 743 SER A CA  1 
ATOM   776  C C   . SER A 1 101 ? -13.923 9.474   -1.909  1.00 21.74  ? 743 SER A C   1 
ATOM   777  O O   . SER A 1 101 ? -13.643 8.531   -2.697  1.00 19.67  ? 743 SER A O   1 
ATOM   778  C CB  . SER A 1 101 ? -15.004 8.985   0.273   1.00 22.31  ? 743 SER A CB  1 
ATOM   779  O OG  . SER A 1 101 ? -14.396 7.716   0.258   1.00 20.40  ? 743 SER A OG  1 
ATOM   780  N N   . LEU A 1 102 ? -13.122 10.511  -1.723  1.00 18.79  ? 744 LEU A N   1 
ATOM   781  C CA  . LEU A 1 102 ? -11.860 10.602  -2.442  1.00 20.15  ? 744 LEU A CA  1 
ATOM   782  C C   . LEU A 1 102 ? -10.855 9.520   -2.009  1.00 18.08  ? 744 LEU A C   1 
ATOM   783  O O   . LEU A 1 102 ? -10.159 8.971   -2.880  1.00 18.10  ? 744 LEU A O   1 
ATOM   784  C CB  . LEU A 1 102 ? -11.246 11.976  -2.303  1.00 21.01  ? 744 LEU A CB  1 
ATOM   785  C CG  . LEU A 1 102 ? -10.094 12.316  -3.233  1.00 22.37  ? 744 LEU A CG  1 
ATOM   786  C CD1 . LEU A 1 102 ? -10.434 12.096  -4.699  1.00 22.64  ? 744 LEU A CD1 1 
ATOM   787  C CD2 . LEU A 1 102 ? -9.660  13.750  -2.977  1.00 24.08  ? 744 LEU A CD2 1 
ATOM   788  N N   . ILE A 1 103 ? -10.807 9.176   -0.719  1.00 17.45  ? 745 ILE A N   1 
ATOM   789  C CA  . ILE A 1 103 ? -9.902  8.127   -0.264  1.00 17.58  ? 745 ILE A CA  1 
ATOM   790  C C   . ILE A 1 103 ? -10.266 6.799   -0.934  1.00 17.08  ? 745 ILE A C   1 
ATOM   791  O O   . ILE A 1 103 ? -9.360  6.058   -1.335  1.00 16.49  ? 745 ILE A O   1 
ATOM   792  C CB  . ILE A 1 103 ? -9.869  7.918   1.276   1.00 20.95  ? 745 ILE A CB  1 
ATOM   793  C CG1 . ILE A 1 103 ? -9.389  9.127   2.007   1.00 25.62  ? 745 ILE A CG1 1 
ATOM   794  C CG2 . ILE A 1 103 ? -8.867  6.825   1.627   1.00 23.40  ? 745 ILE A CG2 1 
ATOM   795  C CD1 . ILE A 1 103 ? -9.566  9.089   3.530   1.00 27.58  ? 745 ILE A CD1 1 
ATOM   796  N N   . TYR A 1 104 ? -11.568 6.509   -1.062  1.00 17.11  ? 746 TYR A N   1 
ATOM   797  C CA  . TYR A 1 104 ? -11.998 5.301   -1.769  1.00 17.54  ? 746 TYR A CA  1 
ATOM   798  C C   . TYR A 1 104 ? -11.503 5.312   -3.201  1.00 17.04  ? 746 TYR A C   1 
ATOM   799  O O   . TYR A 1 104 ? -10.937 4.328   -3.666  1.00 16.57  ? 746 TYR A O   1 
ATOM   800  C CB  . TYR A 1 104 ? -13.521 5.214   -1.698  1.00 18.04  ? 746 TYR A CB  1 
ATOM   801  C CG  . TYR A 1 104 ? -14.168 4.011   -2.288  1.00 19.48  ? 746 TYR A CG  1 
ATOM   802  C CD1 . TYR A 1 104 ? -14.225 3.807   -3.728  1.00 22.50  ? 746 TYR A CD1 1 
ATOM   803  C CD2 . TYR A 1 104 ? -14.776 3.084   -1.472  1.00 19.23  ? 746 TYR A CD2 1 
ATOM   804  C CE1 . TYR A 1 104 ? -14.903 2.703   -4.226  1.00 22.87  ? 746 TYR A CE1 1 
ATOM   805  C CE2 . TYR A 1 104 ? -15.421 1.990   -1.972  1.00 20.26  ? 746 TYR A CE2 1 
ATOM   806  C CZ  . TYR A 1 104 ? -15.485 1.812   -3.345  1.00 23.07  ? 746 TYR A CZ  1 
ATOM   807  O OH  . TYR A 1 104 ? -16.148 0.692   -3.812  1.00 26.07  ? 746 TYR A OH  1 
ATOM   808  N N   . LYS A 1 105 ? -11.795 6.391   -3.909  1.00 16.81  ? 747 LYS A N   1 
ATOM   809  C CA  . LYS A 1 105 ? -11.324 6.534   -5.299  1.00 17.98  ? 747 LYS A CA  1 
ATOM   810  C C   . LYS A 1 105 ? -9.831  6.416   -5.462  1.00 18.02  ? 747 LYS A C   1 
ATOM   811  O O   . LYS A 1 105 ? -9.327  5.736   -6.389  1.00 17.78  ? 747 LYS A O   1 
ATOM   812  C CB  . LYS A 1 105 ? -11.831 7.855   -5.863  1.00 21.35  ? 747 LYS A CB  1 
ATOM   813  C CG  . LYS A 1 105 ? -13.352 7.866   -6.021  1.00 24.82  ? 747 LYS A CG  1 
ATOM   814  C CD  . LYS A 1 105 ? -13.735 9.251   -6.527  1.00 30.51  ? 747 LYS A CD  1 
ATOM   815  C CE  . LYS A 1 105 ? -15.209 9.553   -6.374  1.00 36.92  ? 747 LYS A CE  1 
ATOM   816  N NZ  . LYS A 1 105 ? -15.373 11.052  -6.421  1.00 41.78  ? 747 LYS A NZ  1 
ATOM   817  N N   . ASP A 1 106 ? -9.083  7.079   -4.584  1.00 16.57  ? 748 ASP A N   1 
ATOM   818  C CA  . ASP A 1 106 ? -7.626  6.979   -4.630  1.00 17.41  ? 748 ASP A CA  1 
ATOM   819  C C   . ASP A 1 106 ? -7.119  5.565   -4.350  1.00 17.07  ? 748 ASP A C   1 
ATOM   820  O O   . ASP A 1 106 ? -6.122  5.120   -4.958  1.00 16.94  ? 748 ASP A O   1 
ATOM   821  C CB  . ASP A 1 106 ? -6.967  7.933   -3.634  1.00 19.01  ? 748 ASP A CB  1 
ATOM   822  C CG  . ASP A 1 106 ? -7.127  9.427   -3.983  1.00 20.72  ? 748 ASP A CG  1 
ATOM   823  O OD1 . ASP A 1 106 ? -7.497  9.819   -5.130  1.00 21.30  ? 748 ASP A OD1 1 
ATOM   824  O OD2 . ASP A 1 106 ? -6.820  10.265  -3.060  1.00 21.00  ? 748 ASP A OD2 1 
ATOM   825  N N   . ALA A 1 107 ? -7.756  4.853   -3.435  1.00 15.06  ? 749 ALA A N   1 
ATOM   826  C CA  . ALA A 1 107 ? -7.376  3.452   -3.171  1.00 15.65  ? 749 ALA A CA  1 
ATOM   827  C C   . ALA A 1 107 ? -7.516  2.613   -4.437  1.00 16.55  ? 749 ALA A C   1 
ATOM   828  O O   . ALA A 1 107 ? -6.657  1.771   -4.735  1.00 17.83  ? 749 ALA A O   1 
ATOM   829  C CB  . ALA A 1 107 ? -8.204  2.853   -2.075  1.00 16.57  ? 749 ALA A CB  1 
ATOM   830  N N   . LEU A 1 108 ? -8.611  2.819   -5.160  1.00 16.69  ? 750 LEU A N   1 
ATOM   831  C CA  . LEU A 1 108 ? -8.808  2.054   -6.420  1.00 17.87  ? 750 LEU A CA  1 
ATOM   832  C C   . LEU A 1 108 ? -7.742  2.351   -7.475  1.00 17.93  ? 750 LEU A C   1 
ATOM   833  O O   . LEU A 1 108 ? -7.285  1.453   -8.175  1.00 18.21  ? 750 LEU A O   1 
ATOM   834  C CB  . LEU A 1 108 ? -10.195 2.320   -6.998  1.00 20.24  ? 750 LEU A CB  1 
ATOM   835  C CG  . LEU A 1 108 ? -11.351 1.748   -6.166  1.00 23.93  ? 750 LEU A CG  1 
ATOM   836  C CD1 . LEU A 1 108 ? -12.674 2.028   -6.862  1.00 25.71  ? 750 LEU A CD1 1 
ATOM   837  C CD2 . LEU A 1 108 ? -11.213 0.280   -5.879  1.00 26.51  ? 750 LEU A CD2 1 
ATOM   838  N N   . VAL A 1 109 ? -7.303  3.580   -7.561  1.00 17.14  ? 751 VAL A N   1 
ATOM   839  C CA  . VAL A 1 109 ? -6.233  3.954   -8.504  1.00 17.63  ? 751 VAL A CA  1 
ATOM   840  C C   . VAL A 1 109 ? -4.949  3.288   -8.134  1.00 18.04  ? 751 VAL A C   1 
ATOM   841  O O   . VAL A 1 109 ? -4.252  2.669   -8.975  1.00 18.11  ? 751 VAL A O   1 
ATOM   842  C CB  . VAL A 1 109 ? -6.063  5.468   -8.633  1.00 18.81  ? 751 VAL A CB  1 
ATOM   843  C CG1 . VAL A 1 109 ? -4.777  5.799   -9.404  1.00 19.50  ? 751 VAL A CG1 1 
ATOM   844  C CG2 . VAL A 1 109 ? -7.301  6.046   -9.281  1.00 20.48  ? 751 VAL A CG2 1 
ATOM   845  N N   . LEU A 1 110 ? -4.582  3.374   -6.848  1.00 16.67  ? 752 LEU A N   1 
ATOM   846  C CA  . LEU A 1 110 ? -3.341  2.777   -6.408  1.00 15.29  ? 752 LEU A CA  1 
ATOM   847  C C   . LEU A 1 110 ? -3.355  1.242   -6.490  1.00 15.21  ? 752 LEU A C   1 
ATOM   848  O O   . LEU A 1 110 ? -2.321  0.627   -6.719  1.00 17.08  ? 752 LEU A O   1 
ATOM   849  C CB  . LEU A 1 110 ? -3.012  3.228   -4.960  1.00 14.31  ? 752 LEU A CB  1 
ATOM   850  C CG  . LEU A 1 110 ? -2.625  4.708   -4.827  1.00 15.06  ? 752 LEU A CG  1 
ATOM   851  C CD1 . LEU A 1 110 ? -2.318  5.085   -3.382  1.00 16.23  ? 752 LEU A CD1 1 
ATOM   852  C CD2 . LEU A 1 110 ? -1.460  5.096   -5.729  1.00 15.63  ? 752 LEU A CD2 1 
ATOM   853  N N   . HIS A 1 111 ? -4.524  0.632   -6.295  1.00 15.60  ? 753 HIS A N   1 
ATOM   854  C CA  . HIS A 1 111 ? -4.662  -0.799  -6.456  1.00 15.54  ? 753 HIS A CA  1 
ATOM   855  C C   . HIS A 1 111 ? -4.311  -1.172  -7.919  1.00 16.55  ? 753 HIS A C   1 
ATOM   856  O O   . HIS A 1 111 ? -3.593  -2.139  -8.143  1.00 17.84  ? 753 HIS A O   1 
ATOM   857  C CB  . HIS A 1 111 ? -6.072  -1.239  -6.176  1.00 16.52  ? 753 HIS A CB  1 
ATOM   858  C CG  . HIS A 1 111 ? -6.302  -2.703  -6.366  1.00 16.93  ? 753 HIS A CG  1 
ATOM   859  N ND1 . HIS A 1 111 ? -7.068  -3.194  -7.400  1.00 19.24  ? 753 HIS A ND1 1 
ATOM   860  C CD2 . HIS A 1 111 ? -5.899  -3.779  -5.647  1.00 18.22  ? 753 HIS A CD2 1 
ATOM   861  C CE1 . HIS A 1 111 ? -7.116  -4.517  -7.310  1.00 18.99  ? 753 HIS A CE1 1 
ATOM   862  N NE2 . HIS A 1 111 ? -6.406  -4.899  -6.266  1.00 19.09  ? 753 HIS A NE2 1 
ATOM   863  N N   . LYS A 1 112 ? -4.801  -0.391  -8.856  1.00 17.62  ? 754 LYS A N   1 
ATOM   864  C CA  . LYS A 1 112 ? -4.405  -0.576  -10.292 1.00 21.23  ? 754 LYS A CA  1 
ATOM   865  C C   . LYS A 1 112 ? -2.945  -0.366  -10.553 1.00 21.29  ? 754 LYS A C   1 
ATOM   866  O O   . LYS A 1 112 ? -2.314  -1.162  -11.254 1.00 22.32  ? 754 LYS A O   1 
ATOM   867  C CB  . LYS A 1 112 ? -5.229  0.320   -11.185 1.00 22.42  ? 754 LYS A CB  1 
ATOM   868  C CG  . LYS A 1 112 ? -6.643  -0.129  -11.320 1.00 25.66  ? 754 LYS A CG  1 
ATOM   869  C CD  . LYS A 1 112 ? -7.517  0.856   -12.063 1.00 29.52  ? 754 LYS A CD  1 
ATOM   870  C CE  . LYS A 1 112 ? -8.978  0.425   -11.963 1.00 30.23  ? 754 LYS A CE  1 
ATOM   871  N NZ  . LYS A 1 112 ? -9.551  0.574   -10.592 1.00 32.98  ? 754 LYS A NZ  1 
ATOM   872  N N   . VAL A 1 113 ? -2.360  0.665   -9.947  1.00 18.37  ? 755 VAL A N   1 
ATOM   873  C CA  . VAL A 1 113 ? -0.913  0.903   -10.056 1.00 19.50  ? 755 VAL A CA  1 
ATOM   874  C C   . VAL A 1 113 ? -0.109  -0.304  -9.551  1.00 19.65  ? 755 VAL A C   1 
ATOM   875  O O   . VAL A 1 113 ? 0.867   -0.773  -10.185 1.00 22.21  ? 755 VAL A O   1 
ATOM   876  C CB  . VAL A 1 113 ? -0.519  2.195   -9.302  1.00 19.25  ? 755 VAL A CB  1 
ATOM   877  C CG1 . VAL A 1 113 ? 1.015   2.323   -9.188  1.00 20.11  ? 755 VAL A CG1 1 
ATOM   878  C CG2 . VAL A 1 113 ? -1.132  3.411   -9.971  1.00 19.70  ? 755 VAL A CG2 1 
ATOM   879  N N   . LEU A 1 114 ? -0.522  -0.840  -8.408  1.00 18.40  ? 756 LEU A N   1 
ATOM   880  C CA  . LEU A 1 114 ? 0.080   -1.995  -7.799  1.00 19.28  ? 756 LEU A CA  1 
ATOM   881  C C   . LEU A 1 114 ? 0.061   -3.195  -8.782  1.00 19.36  ? 756 LEU A C   1 
ATOM   882  O O   . LEU A 1 114 ? 1.090   -3.847  -9.013  1.00 22.24  ? 756 LEU A O   1 
ATOM   883  C CB  . LEU A 1 114 ? -0.699  -2.398  -6.555  1.00 19.83  ? 756 LEU A CB  1 
ATOM   884  C CG  . LEU A 1 114 ? -0.273  -3.626  -5.742  1.00 20.98  ? 756 LEU A CG  1 
ATOM   885  C CD1 . LEU A 1 114 ? 1.007   -3.421  -4.976  1.00 23.44  ? 756 LEU A CD1 1 
ATOM   886  C CD2 . LEU A 1 114 ? -1.340  -4.106  -4.755  1.00 21.82  ? 756 LEU A CD2 1 
ATOM   887  N N   . LEU A 1 115 ? -1.127  -3.537  -9.245  1.00 21.66  ? 757 LEU A N   1 
ATOM   888  C CA  . LEU A 1 115 ? -1.276  -4.740  -10.077 1.00 24.87  ? 757 LEU A CA  1 
ATOM   889  C C   . LEU A 1 115 ? -0.553  -4.570  -11.395 1.00 26.27  ? 757 LEU A C   1 
ATOM   890  O O   . LEU A 1 115 ? 0.043   -5.549  -11.894 1.00 28.95  ? 757 LEU A O   1 
ATOM   891  C CB  . LEU A 1 115 ? -2.742  -5.062  -10.346 1.00 27.79  ? 757 LEU A CB  1 
ATOM   892  C CG  . LEU A 1 115 ? -3.408  -6.017  -9.338  1.00 32.14  ? 757 LEU A CG  1 
ATOM   893  C CD1 . LEU A 1 115 ? -2.907  -5.966  -7.923  1.00 35.11  ? 757 LEU A CD1 1 
ATOM   894  C CD2 . LEU A 1 115 ? -4.923  -5.901  -9.444  1.00 31.88  ? 757 LEU A CD2 1 
ATOM   895  N N   . GLU A 1 116 ? -0.638  -3.377  -11.966 1.00 24.83  ? 758 GLU A N   1 
ATOM   896  C CA  . GLU A 1 116 ? 0.044   -3.076  -13.229 1.00 28.41  ? 758 GLU A CA  1 
ATOM   897  C C   . GLU A 1 116 ? 1.537   -3.163  -13.060 1.00 28.39  ? 758 GLU A C   1 
ATOM   898  O O   . GLU A 1 116 ? 2.242   -3.712  -13.936 1.00 28.68  ? 758 GLU A O   1 
ATOM   899  C CB  . GLU A 1 116 ? -0.341  -1.707  -13.778 1.00 27.37  ? 758 GLU A CB  1 
ATOM   900  C CG  . GLU A 1 116 ? -1.783  -1.622  -14.244 1.00 32.02  ? 758 GLU A CG  1 
ATOM   901  C CD  . GLU A 1 116 ? -2.294  -0.203  -14.476 1.00 35.40  ? 758 GLU A CD  1 
ATOM   902  O OE1 . GLU A 1 116 ? -1.499  0.763   -14.447 1.00 40.30  ? 758 GLU A OE1 1 
ATOM   903  O OE2 . GLU A 1 116 ? -3.528  -0.056  -14.698 1.00 39.98  ? 758 GLU A OE2 1 
ATOM   904  N N   . THR A 1 117 ? 2.048   -2.659  -11.948 1.00 24.81  ? 759 THR A N   1 
ATOM   905  C CA  . THR A 1 117 ? 3.462   -2.785  -11.649 1.00 26.00  ? 759 THR A CA  1 
ATOM   906  C C   . THR A 1 117 ? 3.911   -4.239  -11.468 1.00 29.23  ? 759 THR A C   1 
ATOM   907  O O   . THR A 1 117 ? 4.958   -4.626  -12.031 1.00 30.97  ? 759 THR A O   1 
ATOM   908  C CB  . THR A 1 117 ? 3.876   -1.894  -10.447 1.00 23.93  ? 759 THR A CB  1 
ATOM   909  O OG1 . THR A 1 117 ? 3.446   -0.547  -10.719 1.00 23.25  ? 759 THR A OG1 1 
ATOM   910  C CG2 . THR A 1 117 ? 5.386   -1.893  -10.287 1.00 26.47  ? 759 THR A CG2 1 
ATOM   911  N N   . ARG A 1 118 ? 3.130   -5.063  -10.754 1.00 28.20  ? 760 ARG A N   1 
ATOM   912  C CA  . ARG A 1 118 ? 3.490   -6.480  -10.626 1.00 31.84  ? 760 ARG A CA  1 
ATOM   913  C C   . ARG A 1 118 ? 3.512   -7.142  -12.004 1.00 34.41  ? 760 ARG A C   1 
ATOM   914  O O   . ARG A 1 118 ? 4.423   -7.924  -12.294 1.00 36.89  ? 760 ARG A O   1 
ATOM   915  C CB  . ARG A 1 118 ? 2.543   -7.262  -9.688  1.00 35.04  ? 760 ARG A CB  1 
ATOM   916  C CG  . ARG A 1 118 ? 2.735   -8.792  -9.812  1.00 39.23  ? 760 ARG A CG  1 
ATOM   917  C CD  . ARG A 1 118 ? 2.048   -9.617  -8.743  1.00 45.77  ? 760 ARG A CD  1 
ATOM   918  N NE  . ARG A 1 118 ? 0.593   -9.555  -8.834  1.00 51.08  ? 760 ARG A NE  1 
ATOM   919  C CZ  . ARG A 1 118 ? -0.242  -10.189 -8.003  1.00 54.83  ? 760 ARG A CZ  1 
ATOM   920  N NH1 . ARG A 1 118 ? 0.227   -10.943 -6.998  1.00 54.63  ? 760 ARG A NH1 1 
ATOM   921  N NH2 . ARG A 1 118 ? -1.557  -10.052 -8.163  1.00 55.02  ? 760 ARG A NH2 1 
ATOM   922  N N   . ARG A 1 119 ? 2.533   -6.823  -12.844 1.00 33.69  ? 761 ARG A N   1 
ATOM   923  C CA  . ARG A 1 119 ? 2.417   -7.433  -14.173 1.00 38.29  ? 761 ARG A CA  1 
ATOM   924  C C   . ARG A 1 119 ? 3.567   -6.971  -15.076 1.00 38.71  ? 761 ARG A C   1 
ATOM   925  O O   . ARG A 1 119 ? 4.249   -7.807  -15.663 1.00 38.97  ? 761 ARG A O   1 
ATOM   926  C CB  . ARG A 1 119 ? 1.078   -7.104  -14.797 1.00 43.80  ? 761 ARG A CB  1 
ATOM   927  C CG  . ARG A 1 119 ? 0.747   -7.835  -16.097 1.00 54.07  ? 761 ARG A CG  1 
ATOM   928  C CD  . ARG A 1 119 ? -0.572  -7.333  -16.693 1.00 62.07  ? 761 ARG A CD  1 
ATOM   929  N NE  . ARG A 1 119 ? -0.638  -5.861  -16.671 1.00 69.08  ? 761 ARG A NE  1 
ATOM   930  C CZ  . ARG A 1 119 ? 0.070   -5.036  -17.455 1.00 72.26  ? 761 ARG A CZ  1 
ATOM   931  N NH1 . ARG A 1 119 ? 0.898   -5.509  -18.395 1.00 77.71  ? 761 ARG A NH1 1 
ATOM   932  N NH2 . ARG A 1 119 ? -0.061  -3.716  -17.309 1.00 68.55  ? 761 ARG A NH2 1 
ATOM   933  N N   . ASP A 1 120 ? 3.815   -5.661  -15.143 1.00 37.47  ? 762 ASP A N   1 
ATOM   934  C CA  . ASP A 1 120 ? 5.012   -5.103  -15.835 1.00 37.92  ? 762 ASP A CA  1 
ATOM   935  C C   . ASP A 1 120 ? 6.318   -5.781  -15.454 1.00 36.92  ? 762 ASP A C   1 
ATOM   936  O O   . ASP A 1 120 ? 7.212   -5.901  -16.298 1.00 39.27  ? 762 ASP A O   1 
ATOM   937  C CB  . ASP A 1 120 ? 5.185   -3.610  -15.554 1.00 38.34  ? 762 ASP A CB  1 
ATOM   938  C CG  . ASP A 1 120 ? 4.206   -2.743  -16.305 1.00 44.78  ? 762 ASP A CG  1 
ATOM   939  O OD1 . ASP A 1 120 ? 3.367   -3.265  -17.083 1.00 47.14  ? 762 ASP A OD1 1 
ATOM   940  O OD2 . ASP A 1 120 ? 4.259   -1.513  -16.086 1.00 49.50  ? 762 ASP A OD2 1 
ATOM   941  N N   . LEU A 1 121 ? 6.461   -6.210  -14.204 1.00 35.59  ? 763 LEU A N   1 
ATOM   942  C CA  . LEU A 1 121 ? 7.688   -6.873  -13.765 1.00 36.15  ? 763 LEU A CA  1 
ATOM   943  C C   . LEU A 1 121 ? 7.657   -8.422  -13.741 1.00 40.09  ? 763 LEU A C   1 
ATOM   944  O O   . LEU A 1 121 ? 8.576   -9.034  -13.207 1.00 39.53  ? 763 LEU A O   1 
ATOM   945  C CB  . LEU A 1 121 ? 8.095   -6.348  -12.391 1.00 36.42  ? 763 LEU A CB  1 
ATOM   946  C CG  . LEU A 1 121 ? 8.260   -4.833  -12.247 1.00 34.42  ? 763 LEU A CG  1 
ATOM   947  C CD1 . LEU A 1 121 ? 8.462   -4.517  -10.770 1.00 35.14  ? 763 LEU A CD1 1 
ATOM   948  C CD2 . LEU A 1 121 ? 9.407   -4.290  -13.091 1.00 35.96  ? 763 LEU A CD2 1 
ATOM   949  N N   . GLU A 1 122 ? 6.623   -9.044  -14.310 1.00 43.22  ? 764 GLU A N   1 
ATOM   950  C CA  . GLU A 1 122 ? 6.462   -10.504 -14.254 1.00 49.17  ? 764 GLU A CA  1 
ATOM   951  C C   . GLU A 1 122 ? 7.687   -11.262 -14.806 1.00 52.02  ? 764 GLU A C   1 
ATOM   952  O O   . GLU A 1 122 ? 8.094   -12.273 -14.223 1.00 53.79  ? 764 GLU A O   1 
ATOM   953  C CB  . GLU A 1 122 ? 5.171   -10.941 -14.964 1.00 53.06  ? 764 GLU A CB  1 
ATOM   954  C CG  . GLU A 1 122 ? 5.145   -10.691 -16.474 1.00 58.71  ? 764 GLU A CG  1 
ATOM   955  C CD  . GLU A 1 122 ? 3.727   -10.631 -17.034 1.00 65.03  ? 764 GLU A CD  1 
ATOM   956  O OE1 . GLU A 1 122 ? 2.864   -11.394 -16.545 1.00 66.22  ? 764 GLU A OE1 1 
ATOM   957  O OE2 . GLU A 1 122 ? 3.474   -9.817  -17.955 1.00 67.39  ? 764 GLU A OE2 1 
ATOM   958  N N   . GLY A 1 123 ? 8.299   -10.742 -15.874 1.00 51.62  ? 765 GLY A N   1 
ATOM   959  C CA  . GLY A 1 123 ? 9.527   -11.333 -16.438 1.00 57.42  ? 765 GLY A CA  1 
ATOM   960  C C   . GLY A 1 123 ? 10.854  -10.949 -15.778 1.00 58.60  ? 765 GLY A C   1 
ATOM   961  O O   . GLY A 1 123 ? 11.926  -11.225 -16.334 1.00 58.18  ? 765 GLY A O   1 
ATOM   962  N N   . ASP A 1 124 ? 10.800  -10.325 -14.598 1.00 54.87  ? 766 ASP A N   1 
ATOM   963  C CA  . ASP A 1 124 ? 12.000  -9.863  -13.886 1.00 55.76  ? 766 ASP A CA  1 
ATOM   964  C C   . ASP A 1 124 ? 12.101  -10.542 -12.524 1.00 56.22  ? 766 ASP A C   1 
ATOM   965  O O   . ASP A 1 124 ? 11.131  -11.131 -12.050 1.00 55.46  ? 766 ASP A O   1 
ATOM   966  C CB  . ASP A 1 124 ? 11.955  -8.335  -13.732 1.00 54.73  ? 766 ASP A CB  1 
ATOM   967  C CG  . ASP A 1 124 ? 12.057  -7.617  -15.071 1.00 58.06  ? 766 ASP A CG  1 
ATOM   968  O OD1 . ASP A 1 124 ? 13.093  -7.812  -15.742 1.00 56.47  ? 766 ASP A OD1 1 
ATOM   969  O OD2 . ASP A 1 124 ? 11.122  -6.871  -15.455 1.00 54.27  ? 766 ASP A OD2 1 
ATOM   970  O OXT . ASP A 1 124 ? 13.144  -10.533 -11.861 1.00 53.59  ? 766 ASP A OXT 1 
HETATM 971  C CAG . 64C B 2 .   ? -7.368  5.670   6.256   1.00 18.91  ? 801 64C A CAG 1 
HETATM 972  C CAD . 64C B 2 .   ? -6.114  5.097   6.100   1.00 17.03  ? 801 64C A CAD 1 
HETATM 973  C CAC . 64C B 2 .   ? -4.876  5.765   6.440   1.00 17.92  ? 801 64C A CAC 1 
HETATM 974  C CAB . 64C B 2 .   ? -3.626  5.140   6.280   1.00 16.53  ? 801 64C A CAB 1 
HETATM 975  C CAA . 64C B 2 .   ? -3.565  3.826   5.784   1.00 15.71  ? 801 64C A CAA 1 
HETATM 976  C CAF . 64C B 2 .   ? -4.733  3.145   5.453   1.00 16.57  ? 801 64C A CAF 1 
HETATM 977  C CAE . 64C B 2 .   ? -6.005  3.757   5.641   1.00 16.91  ? 801 64C A CAE 1 
HETATM 978  C CAJ . 64C B 2 .   ? -7.220  3.074   5.299   1.00 18.69  ? 801 64C A CAJ 1 
HETATM 979  O OAK . 64C B 2 .   ? -7.248  1.918   4.909   1.00 19.64  ? 801 64C A OAK 1 
HETATM 980  O OAI . 64C B 2 .   ? -8.431  3.664   5.436   1.00 18.51  ? 801 64C A OAI 1 
HETATM 981  C CAH . 64C B 2 .   ? -8.493  4.918   5.912   1.00 18.21  ? 801 64C A CAH 1 
HETATM 982  N NAN . 64C B 2 .   ? -9.580  5.617   6.068   1.00 19.92  ? 801 64C A NAN 1 
HETATM 983  N NAM . 64C B 2 .   ? -9.225  6.885   6.556   1.00 20.14  ? 801 64C A NAM 1 
HETATM 984  C CAL . 64C B 2 .   ? -7.890  6.903   6.630   1.00 18.72  ? 801 64C A CAL 1 
HETATM 985  C CAO . 64C B 2 .   ? -7.162  8.161   7.165   1.00 19.11  ? 801 64C A CAO 1 
HETATM 986  C CAP . 64C B 2 .   ? -8.210  9.173   7.600   1.00 20.64  ? 801 64C A CAP 1 
HETATM 987  C C1  . EDO C 3 .   ? -6.639  11.428  -0.255  1.00 42.20  ? 802 EDO A C1  1 
HETATM 988  O O1  . EDO C 3 .   ? -6.791  10.071  -0.601  1.00 31.90  ? 802 EDO A O1  1 
HETATM 989  C C2  . EDO C 3 .   ? -7.972  12.079  -0.286  1.00 41.73  ? 802 EDO A C2  1 
HETATM 990  O O2  . EDO C 3 .   ? -7.957  13.076  0.722   1.00 41.95  ? 802 EDO A O2  1 
HETATM 991  O O   . HOH D 4 .   ? -11.397 0.820   17.856  1.00 102.43 ? 901 HOH A O   1 
HETATM 992  O O   . HOH D 4 .   ? 7.198   5.160   2.894   1.00 36.23  ? 902 HOH A O   1 
HETATM 993  O O   . HOH D 4 .   ? -19.413 7.301   14.277  1.00 39.43  ? 903 HOH A O   1 
HETATM 994  O O   . HOH D 4 .   ? -6.758  12.200  -9.326  1.00 31.18  ? 904 HOH A O   1 
HETATM 995  O O   . HOH D 4 .   ? 11.641  2.139   -0.670  1.00 45.36  ? 905 HOH A O   1 
HETATM 996  O O   . HOH D 4 .   ? -5.856  -0.142  6.146   1.00 17.81  ? 906 HOH A O   1 
HETATM 997  O O   . HOH D 4 .   ? -14.293 9.106   3.877   1.00 36.65  ? 907 HOH A O   1 
HETATM 998  O O   . HOH D 4 .   ? 12.156  -2.476  9.497   1.00 36.56  ? 908 HOH A O   1 
HETATM 999  O O   . HOH D 4 .   ? -2.534  -5.103  11.550  1.00 31.77  ? 909 HOH A O   1 
HETATM 1000 O O   . HOH D 4 .   ? 20.305  -4.574  -10.293 1.00 27.44  ? 910 HOH A O   1 
HETATM 1001 O O   . HOH D 4 .   ? -10.749 -2.112  17.996  1.00 40.56  ? 911 HOH A O   1 
HETATM 1002 O O   . HOH D 4 .   ? -3.789  10.553  -0.405  1.00 25.11  ? 912 HOH A O   1 
HETATM 1003 O O   . HOH D 4 .   ? -5.896  15.548  -7.873  1.00 21.41  ? 913 HOH A O   1 
HETATM 1004 O O   . HOH D 4 .   ? 16.377  -11.803 -0.854  1.00 36.65  ? 914 HOH A O   1 
HETATM 1005 O O   . HOH D 4 .   ? -17.616 1.223   1.264   1.00 30.49  ? 915 HOH A O   1 
HETATM 1006 O O   . HOH D 4 .   ? -4.878  -9.403  1.121   1.00 23.23  ? 916 HOH A O   1 
HETATM 1007 O O   . HOH D 4 .   ? -17.193 -3.912  15.274  1.00 25.61  ? 917 HOH A O   1 
HETATM 1008 O O   . HOH D 4 .   ? 4.676   1.201   -12.357 1.00 40.23  ? 918 HOH A O   1 
HETATM 1009 O O   . HOH D 4 .   ? 4.437   5.311   -9.799  1.00 25.50  ? 919 HOH A O   1 
HETATM 1010 O O   . HOH D 4 .   ? -3.487  8.827   7.394   1.00 20.91  ? 920 HOH A O   1 
HETATM 1011 O O   . HOH D 4 .   ? -15.502 -0.349  8.184   1.00 32.43  ? 921 HOH A O   1 
HETATM 1012 O O   . HOH D 4 .   ? 0.957   7.687   -4.734  1.00 15.80  ? 922 HOH A O   1 
HETATM 1013 O O   . HOH D 4 .   ? -3.799  10.284  19.335  1.00 32.76  ? 923 HOH A O   1 
HETATM 1014 O O   . HOH D 4 .   ? -8.443  9.195   -7.590  1.00 28.53  ? 924 HOH A O   1 
HETATM 1015 O O   . HOH D 4 .   ? -5.381  14.698  16.526  1.00 32.98  ? 925 HOH A O   1 
HETATM 1016 O O   . HOH D 4 .   ? 9.795   7.345   -2.216  1.00 43.91  ? 926 HOH A O   1 
HETATM 1017 O O   . HOH D 4 .   ? -6.339  14.598  -0.868  1.00 35.66  ? 927 HOH A O   1 
HETATM 1018 O O   . HOH D 4 .   ? -13.465 -5.464  4.346   1.00 29.29  ? 928 HOH A O   1 
HETATM 1019 O O   . HOH D 4 .   ? -4.914  9.049   -11.578 1.00 26.85  ? 929 HOH A O   1 
HETATM 1020 O O   . HOH D 4 .   ? -0.266  10.424  -13.850 1.00 38.12  ? 930 HOH A O   1 
HETATM 1021 O O   . HOH D 4 .   ? 5.910   -9.705  -10.745 1.00 40.29  ? 931 HOH A O   1 
HETATM 1022 O O   . HOH D 4 .   ? -10.343 -5.661  4.127   1.00 32.37  ? 932 HOH A O   1 
HETATM 1023 O O   . HOH D 4 .   ? -13.412 8.854   8.868   1.00 36.35  ? 933 HOH A O   1 
HETATM 1024 O O   . HOH D 4 .   ? -8.684  -2.723  14.318  1.00 20.93  ? 934 HOH A O   1 
HETATM 1025 O O   . HOH D 4 .   ? -0.660  -8.144  -11.348 1.00 35.45  ? 935 HOH A O   1 
HETATM 1026 O O   . HOH D 4 .   ? 14.500  -1.453  -6.739  1.00 29.44  ? 936 HOH A O   1 
HETATM 1027 O O   . HOH D 4 .   ? 3.479   9.957   -0.234  1.00 29.55  ? 937 HOH A O   1 
HETATM 1028 O O   . HOH D 4 .   ? -11.799 9.289   20.235  1.00 32.29  ? 938 HOH A O   1 
HETATM 1029 O O   . HOH D 4 .   ? 2.663   1.367   10.862  1.00 40.43  ? 939 HOH A O   1 
HETATM 1030 O O   . HOH D 4 .   ? -2.682  -8.663  4.868   1.00 27.89  ? 940 HOH A O   1 
HETATM 1031 O O   . HOH D 4 .   ? -17.577 3.181   7.987   1.00 38.05  ? 941 HOH A O   1 
HETATM 1032 O O   . HOH D 4 .   ? 8.928   -8.281  -16.968 1.00 47.03  ? 942 HOH A O   1 
HETATM 1033 O O   . HOH D 4 .   ? -18.464 -0.517  -4.730  1.00 34.01  ? 943 HOH A O   1 
HETATM 1034 O O   . HOH D 4 .   ? -11.559 8.394   6.530   1.00 20.28  ? 944 HOH A O   1 
HETATM 1035 O O   . HOH D 4 .   ? 9.129   2.012   -8.759  1.00 23.32  ? 945 HOH A O   1 
HETATM 1036 O O   . HOH D 4 .   ? -16.964 8.052   3.290   1.00 28.64  ? 946 HOH A O   1 
HETATM 1037 O O   . HOH D 4 .   ? -14.221 12.655  -0.301  1.00 37.34  ? 947 HOH A O   1 
HETATM 1038 O O   . HOH D 4 .   ? -13.217 7.084   13.020  1.00 21.37  ? 948 HOH A O   1 
HETATM 1039 O O   . HOH D 4 .   ? 12.236  5.167   -6.010  1.00 48.97  ? 949 HOH A O   1 
HETATM 1040 O O   . HOH D 4 .   ? 17.108  -2.181  -8.995  1.00 37.45  ? 950 HOH A O   1 
HETATM 1041 O O   . HOH D 4 .   ? -16.689 7.256   16.854  1.00 27.44  ? 951 HOH A O   1 
HETATM 1042 O O   . HOH D 4 .   ? -9.492  3.385   -10.455 1.00 34.51  ? 952 HOH A O   1 
HETATM 1043 O O   . HOH D 4 .   ? -0.165  9.501   6.109   1.00 24.64  ? 953 HOH A O   1 
HETATM 1044 O O   . HOH D 4 .   ? -10.887 5.439   -8.737  1.00 21.90  ? 954 HOH A O   1 
HETATM 1045 O O   . HOH D 4 .   ? -3.543  4.117   18.497  1.00 31.36  ? 955 HOH A O   1 
HETATM 1046 O O   . HOH D 4 .   ? -6.640  -7.724  -6.035  1.00 25.11  ? 956 HOH A O   1 
HETATM 1047 O O   . HOH D 4 .   ? 13.582  -4.679  -0.414  1.00 36.01  ? 957 HOH A O   1 
HETATM 1048 O O   . HOH D 4 .   ? -10.616 12.754  14.265  1.00 35.33  ? 958 HOH A O   1 
HETATM 1049 O O   . HOH D 4 .   ? 5.798   -3.927  10.088  1.00 35.76  ? 959 HOH A O   1 
HETATM 1050 O O   . HOH D 4 .   ? -9.151  -6.001  7.778   1.00 21.85  ? 960 HOH A O   1 
HETATM 1051 O O   . HOH D 4 .   ? 6.426   -13.373 3.028   1.00 36.84  ? 961 HOH A O   1 
HETATM 1052 O O   . HOH D 4 .   ? -18.517 2.822   4.314   1.00 44.15  ? 962 HOH A O   1 
HETATM 1053 O O   . HOH D 4 .   ? -3.500  12.914  -1.799  1.00 28.55  ? 963 HOH A O   1 
HETATM 1054 O O   . HOH D 4 .   ? 8.941   4.864   -8.273  1.00 29.39  ? 964 HOH A O   1 
HETATM 1055 O O   . HOH D 4 .   ? 16.531  -12.775 -5.176  1.00 31.28  ? 965 HOH A O   1 
HETATM 1056 O O   . HOH D 4 .   ? 0.274   15.420  -3.002  1.00 23.98  ? 966 HOH A O   1 
HETATM 1057 O O   . HOH D 4 .   ? 5.220   -13.945 -5.552  1.00 36.66  ? 967 HOH A O   1 
HETATM 1058 O O   . HOH D 4 .   ? -12.078 -6.049  8.210   1.00 27.10  ? 968 HOH A O   1 
HETATM 1059 O O   . HOH D 4 .   ? -11.758 11.388  17.006  1.00 45.82  ? 969 HOH A O   1 
HETATM 1060 O O   . HOH D 4 .   ? 3.419   8.869   -11.380 1.00 25.79  ? 970 HOH A O   1 
HETATM 1061 O O   . HOH D 4 .   ? 4.217   4.941   16.215  1.00 44.26  ? 971 HOH A O   1 
HETATM 1062 O O   . HOH D 4 .   ? -5.113  6.343   20.732  1.00 32.32  ? 972 HOH A O   1 
HETATM 1063 O O   . HOH D 4 .   ? -11.979 10.883  1.515   1.00 25.06  ? 973 HOH A O   1 
HETATM 1064 O O   . HOH D 4 .   ? 7.992   -13.488 -5.873  1.00 37.83  ? 974 HOH A O   1 
HETATM 1065 O O   . HOH D 4 .   ? -15.871 0.605   -6.882  1.00 40.18  ? 975 HOH A O   1 
HETATM 1066 O O   . HOH D 4 .   ? -4.670  11.262  -13.373 1.00 31.05  ? 976 HOH A O   1 
HETATM 1067 O O   . HOH D 4 .   ? 13.813  -10.867 0.179   1.00 50.46  ? 977 HOH A O   1 
HETATM 1068 O O   . HOH D 4 .   ? -1.118  -11.747 -3.744  1.00 32.15  ? 978 HOH A O   1 
HETATM 1069 O O   . HOH D 4 .   ? -12.604 -0.391  -10.213 1.00 41.86  ? 979 HOH A O   1 
HETATM 1070 O O   . HOH D 4 .   ? -16.264 7.004   6.953   1.00 42.38  ? 980 HOH A O   1 
HETATM 1071 O O   . HOH D 4 .   ? -9.134  -7.714  2.359   1.00 35.99  ? 981 HOH A O   1 
HETATM 1072 O O   . HOH D 4 .   ? 4.484   14.134  -1.952  1.00 40.43  ? 982 HOH A O   1 
HETATM 1073 O O   . HOH D 4 .   ? 2.145   17.032  -4.102  1.00 40.27  ? 983 HOH A O   1 
HETATM 1074 O O   . HOH D 4 .   ? 9.826   5.119   1.513   1.00 44.68  ? 984 HOH A O   1 
HETATM 1075 O O   . HOH D 4 .   ? -3.227  -10.088 -3.160  1.00 28.92  ? 985 HOH A O   1 
HETATM 1076 O O   . HOH D 4 .   ? -5.192  10.536  -21.111 1.00 46.23  ? 986 HOH A O   1 
HETATM 1077 O O   . HOH D 4 .   ? 9.278   -4.540  11.503  1.00 59.85  ? 987 HOH A O   1 
HETATM 1078 O O   . HOH D 4 .   ? -4.524  -9.448  -5.654  1.00 30.58  ? 988 HOH A O   1 
HETATM 1079 O O   . HOH D 4 .   ? 7.518   -6.156  10.510  1.00 48.14  ? 989 HOH A O   1 
HETATM 1080 O O   . HOH D 4 .   ? 16.122  -4.619  1.255   1.00 46.78  ? 990 HOH A O   1 
HETATM 1081 O O   . HOH D 4 .   ? -8.836  -8.769  7.495   1.00 32.08  ? 991 HOH A O   1 
HETATM 1082 O O   . HOH D 4 .   ? -6.543  9.844   -9.692  1.00 32.36  ? 992 HOH A O   1 
HETATM 1083 O O   . HOH D 4 .   ? -7.596  -9.012  0.733   1.00 27.87  ? 993 HOH A O   1 
HETATM 1084 O O   . HOH D 4 .   ? -6.620  7.160   -12.970 1.00 35.11  ? 994 HOH A O   1 
HETATM 1085 O O   . HOH D 4 .   ? -19.131 2.332   12.587  1.00 32.62  ? 995 HOH A O   1 
HETATM 1086 O O   . HOH D 4 .   ? 7.054   5.915   -10.101 1.00 37.38  ? 996 HOH A O   1 
HETATM 1087 O O   . HOH D 4 .   ? -5.035  -10.868 -1.344  1.00 29.27  ? 997 HOH A O   1 
HETATM 1088 O O   . HOH D 4 .   ? 11.928  2.282   -8.180  1.00 37.53  ? 998 HOH A O   1 
HETATM 1089 O O   . HOH D 4 .   ? -7.286  -10.682 8.420   1.00 46.54  ? 999 HOH A O   1 
# 
